data_2N7C
#
_entry.id   2N7C
#
loop_
_entity.id
_entity.type
_entity.pdbx_description
1 polymer 'putative splicing factor'
2 polymer "RNA_(5'-R(*AP*CP*AP*UP*CP*A)-3')"
#
loop_
_entity_poly.entity_id
_entity_poly.type
_entity_poly.pdbx_seq_one_letter_code
_entity_poly.pdbx_strand_id
1 'polypeptide(L)'
;GSHMVIRESVSRIYVGNLPSHVSSRDVENEFRKYGNILKCDVKKTVSGAAFAFIEFEDARDAADAIKEKDGCDFEGNKLR
VEVPFNARE
;
A
2 'polyribonucleotide' ACAUCA B
#
# COMPACT_ATOMS: atom_id res chain seq x y z
N GLY A 1 -6.37 14.50 1.95
CA GLY A 1 -6.83 13.10 1.79
C GLY A 1 -7.54 12.90 0.46
N SER A 2 -8.83 12.61 0.50
CA SER A 2 -9.71 12.44 -0.69
C SER A 2 -9.93 13.76 -1.47
N HIS A 3 -10.48 13.64 -2.69
CA HIS A 3 -10.80 14.73 -3.63
C HIS A 3 -9.56 15.48 -4.17
N MET A 4 -9.79 16.43 -5.08
CA MET A 4 -8.76 17.24 -5.76
C MET A 4 -7.98 18.12 -4.76
N VAL A 5 -6.81 17.64 -4.33
CA VAL A 5 -5.99 18.23 -3.25
C VAL A 5 -5.18 19.46 -3.70
N ILE A 6 -4.78 19.52 -4.98
CA ILE A 6 -3.96 20.57 -5.62
C ILE A 6 -2.59 20.72 -4.90
N ARG A 7 -1.65 19.81 -5.23
CA ARG A 7 -0.32 19.67 -4.60
C ARG A 7 -0.39 19.39 -3.09
N GLU A 8 0.76 19.40 -2.40
CA GLU A 8 0.93 19.01 -0.99
C GLU A 8 0.48 17.56 -0.67
N SER A 9 0.58 17.15 0.60
CA SER A 9 0.45 15.75 1.07
C SER A 9 1.51 14.80 0.48
N VAL A 10 1.46 13.51 0.86
CA VAL A 10 2.36 12.46 0.38
C VAL A 10 1.57 11.18 0.10
N SER A 11 1.69 10.65 -1.12
CA SER A 11 0.99 9.43 -1.56
C SER A 11 1.53 8.17 -0.87
N ARG A 12 0.68 7.15 -0.68
CA ARG A 12 1.05 5.84 -0.12
C ARG A 12 0.28 4.70 -0.79
N ILE A 13 0.76 3.47 -0.64
CA ILE A 13 0.05 2.22 -0.94
C ILE A 13 -0.40 1.57 0.38
N TYR A 14 -1.59 0.98 0.41
CA TYR A 14 -2.00 0.00 1.42
C TYR A 14 -2.23 -1.37 0.77
N VAL A 15 -1.65 -2.41 1.40
CA VAL A 15 -1.90 -3.83 1.11
C VAL A 15 -2.35 -4.53 2.39
N GLY A 16 -3.36 -5.39 2.27
CA GLY A 16 -3.97 -6.15 3.36
C GLY A 16 -4.26 -7.60 2.94
N ASN A 17 -4.67 -8.42 3.91
CA ASN A 17 -4.79 -9.88 3.74
C ASN A 17 -3.51 -10.48 3.10
N LEU A 18 -2.34 -9.94 3.42
CA LEU A 18 -1.10 -10.18 2.67
C LEU A 18 -0.59 -11.64 2.81
N PRO A 19 0.11 -12.18 1.79
CA PRO A 19 0.60 -13.56 1.80
C PRO A 19 1.63 -13.79 2.92
N SER A 20 1.36 -14.79 3.77
CA SER A 20 2.15 -15.14 4.98
C SER A 20 2.42 -13.92 5.87
N HIS A 21 3.65 -13.39 5.86
CA HIS A 21 4.07 -12.16 6.54
C HIS A 21 5.26 -11.54 5.80
N VAL A 22 5.09 -10.31 5.28
CA VAL A 22 6.16 -9.55 4.62
C VAL A 22 7.01 -8.77 5.64
N SER A 23 8.30 -8.59 5.33
CA SER A 23 9.14 -7.56 5.95
C SER A 23 9.07 -6.27 5.14
N SER A 24 8.99 -5.12 5.82
CA SER A 24 8.90 -3.79 5.17
C SER A 24 10.04 -3.51 4.18
N ARG A 25 11.26 -3.98 4.49
CA ARG A 25 12.46 -3.88 3.66
C ARG A 25 12.35 -4.70 2.35
N ASP A 26 11.65 -5.83 2.38
CA ASP A 26 11.49 -6.71 1.20
C ASP A 26 10.53 -6.10 0.18
N VAL A 27 9.41 -5.52 0.63
CA VAL A 27 8.44 -4.87 -0.28
C VAL A 27 8.97 -3.52 -0.80
N GLU A 28 9.78 -2.81 -0.01
CA GLU A 28 10.54 -1.62 -0.46
C GLU A 28 11.43 -1.96 -1.67
N ASN A 29 12.10 -3.13 -1.65
CA ASN A 29 12.94 -3.60 -2.75
C ASN A 29 12.15 -3.83 -4.06
N GLU A 30 10.84 -4.06 -4.00
CA GLU A 30 9.95 -4.16 -5.16
C GLU A 30 9.36 -2.79 -5.59
N PHE A 31 8.80 -2.04 -4.65
CA PHE A 31 8.14 -0.75 -4.93
C PHE A 31 9.08 0.37 -5.40
N ARG A 32 10.37 0.35 -5.02
CA ARG A 32 11.35 1.40 -5.35
C ARG A 32 11.50 1.73 -6.84
N LYS A 33 11.16 0.80 -7.75
CA LYS A 33 11.23 1.03 -9.21
C LYS A 33 10.19 2.05 -9.71
N TYR A 34 9.05 2.17 -9.02
CA TYR A 34 7.98 3.14 -9.33
C TYR A 34 8.24 4.55 -8.77
N GLY A 35 9.33 4.75 -8.03
CA GLY A 35 9.70 6.01 -7.38
C GLY A 35 10.31 5.80 -5.99
N ASN A 36 11.00 6.82 -5.46
CA ASN A 36 11.59 6.74 -4.12
C ASN A 36 10.51 6.64 -3.02
N ILE A 37 10.77 5.78 -2.02
CA ILE A 37 9.94 5.56 -0.83
C ILE A 37 10.55 6.30 0.37
N LEU A 38 9.69 7.03 1.10
CA LEU A 38 10.09 7.86 2.24
C LEU A 38 9.98 7.12 3.59
N LYS A 39 8.98 6.24 3.73
CA LYS A 39 8.70 5.40 4.89
C LYS A 39 7.88 4.17 4.48
N CYS A 40 8.03 3.07 5.23
CA CYS A 40 7.17 1.89 5.13
C CYS A 40 7.04 1.19 6.49
N ASP A 41 5.95 0.45 6.70
CA ASP A 41 5.67 -0.27 7.96
C ASP A 41 4.66 -1.42 7.77
N VAL A 42 4.53 -2.30 8.77
CA VAL A 42 3.62 -3.46 8.78
C VAL A 42 2.79 -3.54 10.07
N LYS A 43 1.56 -4.07 9.98
CA LYS A 43 0.55 -4.16 11.05
C LYS A 43 -0.24 -5.48 10.97
N LYS A 44 -1.06 -5.78 12.00
CA LYS A 44 -1.97 -6.94 12.03
C LYS A 44 -3.23 -6.69 12.87
N THR A 45 -4.29 -7.45 12.59
CA THR A 45 -5.55 -7.47 13.36
C THR A 45 -5.66 -8.73 14.24
N VAL A 46 -6.43 -8.66 15.32
CA VAL A 46 -6.80 -9.82 16.16
C VAL A 46 -7.64 -10.87 15.41
N SER A 47 -8.21 -10.51 14.26
CA SER A 47 -8.85 -11.45 13.32
C SER A 47 -7.85 -12.39 12.60
N GLY A 48 -6.55 -12.09 12.67
CA GLY A 48 -5.44 -12.90 12.16
C GLY A 48 -4.87 -12.45 10.81
N ALA A 49 -5.53 -11.54 10.09
CA ALA A 49 -5.00 -10.90 8.89
C ALA A 49 -3.87 -9.88 9.18
N ALA A 50 -3.05 -9.61 8.18
CA ALA A 50 -1.90 -8.69 8.24
C ALA A 50 -1.96 -7.62 7.14
N PHE A 51 -1.28 -6.50 7.38
CA PHE A 51 -1.30 -5.28 6.57
C PHE A 51 0.10 -4.68 6.40
N ALA A 52 0.34 -3.95 5.31
CA ALA A 52 1.55 -3.17 5.08
C ALA A 52 1.25 -1.85 4.33
N PHE A 53 2.09 -0.84 4.60
CA PHE A 53 1.90 0.55 4.17
C PHE A 53 3.22 1.11 3.66
N ILE A 54 3.21 1.72 2.46
CA ILE A 54 4.42 2.09 1.70
C ILE A 54 4.26 3.48 1.07
N GLU A 55 5.03 4.46 1.54
CA GLU A 55 4.99 5.86 1.08
C GLU A 55 5.71 6.08 -0.27
N PHE A 56 5.31 7.09 -1.04
CA PHE A 56 5.89 7.43 -2.35
C PHE A 56 6.06 8.94 -2.58
N GLU A 57 7.13 9.30 -3.29
CA GLU A 57 7.47 10.70 -3.62
C GLU A 57 6.53 11.38 -4.64
N ASP A 58 5.81 10.63 -5.47
CA ASP A 58 4.76 11.12 -6.38
C ASP A 58 3.65 10.06 -6.62
N ALA A 59 2.39 10.53 -6.71
CA ALA A 59 1.20 9.66 -6.77
C ALA A 59 1.02 8.94 -8.13
N ARG A 60 1.16 9.64 -9.25
CA ARG A 60 0.79 9.11 -10.59
C ARG A 60 1.75 8.05 -11.12
N ASP A 61 3.02 8.09 -10.71
CA ASP A 61 4.02 7.04 -11.03
C ASP A 61 3.77 5.77 -10.21
N ALA A 62 3.44 5.92 -8.91
CA ALA A 62 3.03 4.82 -8.03
C ALA A 62 1.69 4.18 -8.41
N ALA A 63 0.79 4.91 -9.08
CA ALA A 63 -0.51 4.41 -9.51
C ALA A 63 -0.42 3.25 -10.53
N ASP A 64 0.67 3.15 -11.31
CA ASP A 64 0.91 1.99 -12.18
C ASP A 64 1.14 0.68 -11.40
N ALA A 65 1.64 0.75 -10.16
CA ALA A 65 1.67 -0.39 -9.25
C ALA A 65 0.27 -0.69 -8.70
N ILE A 66 -0.44 0.31 -8.18
CA ILE A 66 -1.73 0.13 -7.51
C ILE A 66 -2.80 -0.46 -8.47
N LYS A 67 -2.78 -0.07 -9.75
CA LYS A 67 -3.72 -0.58 -10.77
C LYS A 67 -3.39 -1.98 -11.28
N GLU A 68 -2.13 -2.43 -11.26
CA GLU A 68 -1.77 -3.80 -11.67
C GLU A 68 -1.91 -4.81 -10.51
N LYS A 69 -1.67 -4.35 -9.26
CA LYS A 69 -1.93 -5.07 -8.01
C LYS A 69 -3.42 -5.11 -7.59
N ASP A 70 -4.34 -4.60 -8.42
CA ASP A 70 -5.76 -4.45 -8.08
C ASP A 70 -6.55 -5.79 -7.93
N GLY A 71 -7.80 -5.69 -7.49
CA GLY A 71 -8.73 -6.82 -7.33
C GLY A 71 -8.50 -7.58 -6.02
N CYS A 72 -9.15 -7.14 -4.94
CA CYS A 72 -9.15 -7.83 -3.65
C CYS A 72 -9.92 -9.17 -3.68
N ASP A 73 -9.58 -10.06 -2.74
CA ASP A 73 -10.04 -11.45 -2.69
C ASP A 73 -10.23 -11.96 -1.25
N PHE A 74 -11.14 -12.90 -1.08
CA PHE A 74 -11.69 -13.34 0.22
C PHE A 74 -12.43 -14.69 0.10
N GLU A 75 -12.78 -15.30 1.24
CA GLU A 75 -13.58 -16.55 1.36
C GLU A 75 -12.98 -17.77 0.64
N GLY A 76 -11.64 -17.84 0.53
CA GLY A 76 -10.89 -18.95 -0.07
C GLY A 76 -9.44 -18.62 -0.43
N ASN A 77 -9.13 -17.33 -0.64
CA ASN A 77 -7.79 -16.79 -0.88
C ASN A 77 -7.61 -15.44 -0.15
N LYS A 78 -6.39 -15.16 0.33
CA LYS A 78 -6.02 -13.95 1.07
C LYS A 78 -5.16 -13.02 0.19
N LEU A 79 -5.74 -11.90 -0.25
CA LEU A 79 -5.05 -10.71 -0.81
C LEU A 79 -6.02 -9.51 -0.94
N ARG A 80 -5.55 -8.31 -0.64
CA ARG A 80 -6.29 -7.04 -0.80
C ARG A 80 -5.31 -5.88 -1.03
N VAL A 81 -5.63 -4.97 -1.96
CA VAL A 81 -4.84 -3.75 -2.23
C VAL A 81 -5.79 -2.58 -2.51
N GLU A 82 -5.56 -1.45 -1.87
CA GLU A 82 -6.43 -0.26 -1.93
C GLU A 82 -5.64 1.02 -1.60
N VAL A 83 -6.12 2.18 -2.08
CA VAL A 83 -5.49 3.49 -1.88
C VAL A 83 -6.50 4.50 -1.31
N PRO A 84 -6.66 4.60 0.02
CA PRO A 84 -7.53 5.62 0.64
C PRO A 84 -6.96 7.03 0.47
N PHE A 85 -5.64 7.18 0.63
CA PHE A 85 -4.83 8.39 0.38
C PHE A 85 -4.56 8.61 -1.13
N ASN A 86 -5.62 8.60 -1.96
CA ASN A 86 -5.56 8.76 -3.42
C ASN A 86 -5.36 10.23 -3.84
N ALA A 87 -4.18 10.79 -3.54
CA ALA A 87 -3.80 12.16 -3.87
C ALA A 87 -3.75 12.42 -5.40
N ARG A 88 -4.03 13.67 -5.79
CA ARG A 88 -3.95 14.20 -7.17
C ARG A 88 -4.81 13.45 -8.20
N GLU A 89 -5.96 12.90 -7.79
CA GLU A 89 -6.95 12.23 -8.67
C GLU A 89 -7.59 13.17 -9.72
N GLY A 1 -9.25 8.47 8.23
CA GLY A 1 -8.50 8.75 9.48
C GLY A 1 -7.52 9.90 9.29
N SER A 2 -6.28 9.73 9.77
CA SER A 2 -5.20 10.73 9.85
C SER A 2 -5.50 11.92 10.80
N HIS A 3 -4.45 12.56 11.33
CA HIS A 3 -4.54 13.69 12.26
C HIS A 3 -3.32 14.65 12.13
N MET A 4 -3.36 15.50 11.10
CA MET A 4 -2.36 16.54 10.82
C MET A 4 -2.95 17.66 9.95
N VAL A 5 -2.31 18.83 9.92
CA VAL A 5 -2.64 19.96 9.04
C VAL A 5 -1.37 20.66 8.55
N ILE A 6 -1.20 20.68 7.23
CA ILE A 6 0.00 21.15 6.49
C ILE A 6 -0.43 21.66 5.09
N ARG A 7 0.39 22.51 4.46
CA ARG A 7 0.14 23.10 3.11
C ARG A 7 0.44 22.14 1.94
N GLU A 8 0.24 20.84 2.15
CA GLU A 8 0.47 19.75 1.19
C GLU A 8 -0.36 18.50 1.59
N SER A 9 -0.20 17.39 0.87
CA SER A 9 -0.78 16.08 1.23
C SER A 9 0.16 14.95 0.82
N VAL A 10 0.22 13.89 1.63
CA VAL A 10 1.14 12.75 1.46
C VAL A 10 0.38 11.51 0.98
N SER A 11 0.70 11.05 -0.22
CA SER A 11 0.26 9.77 -0.78
C SER A 11 0.97 8.59 -0.11
N ARG A 12 0.23 7.51 0.16
CA ARG A 12 0.75 6.28 0.77
C ARG A 12 -0.05 5.05 0.32
N ILE A 13 0.65 4.04 -0.19
CA ILE A 13 0.10 2.80 -0.73
C ILE A 13 -0.30 1.87 0.44
N TYR A 14 -1.37 1.09 0.26
CA TYR A 14 -1.86 0.11 1.23
C TYR A 14 -2.12 -1.25 0.58
N VAL A 15 -1.73 -2.31 1.28
CA VAL A 15 -2.16 -3.69 1.03
C VAL A 15 -2.57 -4.35 2.35
N GLY A 16 -3.66 -5.11 2.32
CA GLY A 16 -4.34 -5.64 3.50
C GLY A 16 -4.67 -7.13 3.40
N ASN A 17 -5.08 -7.72 4.53
CA ASN A 17 -5.26 -9.17 4.67
C ASN A 17 -4.00 -9.96 4.22
N LEU A 18 -2.82 -9.36 4.37
CA LEU A 18 -1.56 -9.78 3.75
C LEU A 18 -0.96 -11.00 4.50
N PRO A 19 -0.74 -12.15 3.84
CA PRO A 19 -0.03 -13.28 4.44
C PRO A 19 1.48 -13.00 4.57
N SER A 20 2.19 -13.79 5.38
CA SER A 20 3.65 -13.70 5.50
C SER A 20 4.33 -14.01 4.16
N HIS A 21 4.90 -12.97 3.53
CA HIS A 21 5.39 -13.00 2.14
C HIS A 21 6.55 -12.02 1.95
N VAL A 22 6.27 -10.72 2.02
CA VAL A 22 7.24 -9.63 1.92
C VAL A 22 7.54 -9.03 3.30
N SER A 23 8.79 -9.16 3.77
CA SER A 23 9.32 -8.44 4.94
C SER A 23 9.59 -6.97 4.57
N SER A 24 9.78 -6.08 5.56
CA SER A 24 9.95 -4.63 5.33
C SER A 24 11.02 -4.28 4.27
N ARG A 25 12.15 -5.01 4.27
CA ARG A 25 13.25 -4.85 3.30
C ARG A 25 12.86 -5.31 1.89
N ASP A 26 12.06 -6.36 1.79
CA ASP A 26 11.54 -6.88 0.52
C ASP A 26 10.39 -6.01 -0.04
N VAL A 27 9.53 -5.46 0.84
CA VAL A 27 8.52 -4.44 0.48
C VAL A 27 9.22 -3.21 -0.11
N GLU A 28 10.26 -2.70 0.54
CA GLU A 28 11.05 -1.57 0.03
C GLU A 28 11.65 -1.89 -1.36
N ASN A 29 12.34 -3.02 -1.50
CA ASN A 29 12.99 -3.41 -2.77
C ASN A 29 11.98 -3.63 -3.91
N GLU A 30 10.78 -4.14 -3.61
CA GLU A 30 9.67 -4.30 -4.57
C GLU A 30 9.09 -2.93 -4.99
N PHE A 31 8.72 -2.08 -4.02
CA PHE A 31 8.05 -0.81 -4.31
C PHE A 31 8.95 0.26 -4.94
N ARG A 32 10.29 0.17 -4.83
CA ARG A 32 11.21 1.11 -5.52
C ARG A 32 11.02 1.19 -7.04
N LYS A 33 10.47 0.16 -7.71
CA LYS A 33 10.12 0.22 -9.15
C LYS A 33 8.82 1.00 -9.43
N TYR A 34 7.92 1.08 -8.46
CA TYR A 34 6.65 1.83 -8.53
C TYR A 34 6.92 3.35 -8.34
N GLY A 35 7.85 3.70 -7.45
CA GLY A 35 8.25 5.09 -7.17
C GLY A 35 9.10 5.22 -5.89
N ASN A 36 9.43 6.46 -5.52
CA ASN A 36 10.25 6.75 -4.34
C ASN A 36 9.45 6.58 -3.03
N ILE A 37 9.87 5.60 -2.22
CA ILE A 37 9.39 5.32 -0.86
C ILE A 37 10.12 6.20 0.18
N LEU A 38 9.36 6.74 1.15
CA LEU A 38 9.88 7.52 2.28
C LEU A 38 9.88 6.75 3.62
N LYS A 39 8.85 5.93 3.86
CA LYS A 39 8.63 5.11 5.07
C LYS A 39 7.87 3.85 4.69
N CYS A 40 8.20 2.73 5.33
CA CYS A 40 7.64 1.40 5.01
C CYS A 40 7.55 0.56 6.28
N ASP A 41 6.33 0.16 6.66
CA ASP A 41 6.03 -0.59 7.89
C ASP A 41 4.79 -1.49 7.72
N VAL A 42 4.74 -2.55 8.55
CA VAL A 42 3.68 -3.58 8.55
C VAL A 42 3.06 -3.70 9.94
N LYS A 43 1.72 -3.71 10.02
CA LYS A 43 0.93 -3.77 11.25
C LYS A 43 -0.02 -4.99 11.23
N LYS A 44 -0.60 -5.35 12.37
CA LYS A 44 -1.55 -6.48 12.51
C LYS A 44 -2.69 -6.21 13.50
N THR A 45 -3.82 -6.87 13.28
CA THR A 45 -5.00 -6.84 14.17
C THR A 45 -5.05 -8.07 15.10
N VAL A 46 -5.79 -7.98 16.21
CA VAL A 46 -6.09 -9.09 17.14
C VAL A 46 -6.82 -10.26 16.45
N SER A 47 -7.53 -9.99 15.35
CA SER A 47 -8.16 -11.01 14.48
C SER A 47 -7.14 -11.86 13.69
N GLY A 48 -5.86 -11.47 13.66
CA GLY A 48 -4.74 -12.21 13.06
C GLY A 48 -4.35 -11.79 11.64
N ALA A 49 -5.15 -10.95 10.97
CA ALA A 49 -4.80 -10.34 9.69
C ALA A 49 -3.69 -9.26 9.83
N ALA A 50 -2.94 -9.03 8.75
CA ALA A 50 -1.86 -8.05 8.68
C ALA A 50 -1.97 -7.11 7.47
N PHE A 51 -1.30 -5.96 7.55
CA PHE A 51 -1.47 -4.83 6.64
C PHE A 51 -0.14 -4.09 6.45
N ALA A 52 0.33 -3.92 5.22
CA ALA A 52 1.52 -3.16 4.89
C ALA A 52 1.16 -1.78 4.31
N PHE A 53 1.87 -0.74 4.76
CA PHE A 53 1.68 0.64 4.33
C PHE A 53 3.03 1.26 3.91
N ILE A 54 3.03 1.94 2.76
CA ILE A 54 4.25 2.42 2.10
C ILE A 54 4.07 3.88 1.68
N GLU A 55 4.74 4.80 2.38
CA GLU A 55 4.66 6.25 2.17
C GLU A 55 5.44 6.68 0.91
N PHE A 56 4.82 7.50 0.05
CA PHE A 56 5.21 7.65 -1.35
C PHE A 56 5.29 9.11 -1.83
N GLU A 57 6.32 9.42 -2.63
CA GLU A 57 6.59 10.78 -3.14
C GLU A 57 5.66 11.19 -4.30
N ASP A 58 5.33 10.27 -5.20
CA ASP A 58 4.59 10.51 -6.44
C ASP A 58 3.44 9.52 -6.66
N ALA A 59 2.20 10.03 -6.63
CA ALA A 59 0.98 9.23 -6.83
C ALA A 59 0.79 8.76 -8.29
N ARG A 60 0.96 9.66 -9.26
CA ARG A 60 0.70 9.38 -10.70
C ARG A 60 1.66 8.35 -11.29
N ASP A 61 2.93 8.40 -10.89
CA ASP A 61 3.95 7.42 -11.30
C ASP A 61 3.66 6.03 -10.70
N ALA A 62 3.27 5.99 -9.42
CA ALA A 62 2.92 4.77 -8.72
C ALA A 62 1.63 4.11 -9.23
N ALA A 63 0.61 4.89 -9.60
CA ALA A 63 -0.72 4.39 -9.95
C ALA A 63 -0.71 3.36 -11.12
N ASP A 64 0.10 3.58 -12.15
CA ASP A 64 0.25 2.64 -13.27
C ASP A 64 0.92 1.31 -12.88
N ALA A 65 1.79 1.31 -11.87
CA ALA A 65 2.39 0.11 -11.30
C ALA A 65 1.50 -0.56 -10.23
N ILE A 66 0.66 0.20 -9.53
CA ILE A 66 -0.31 -0.32 -8.54
C ILE A 66 -1.53 -0.97 -9.22
N LYS A 67 -2.03 -0.40 -10.32
CA LYS A 67 -3.25 -0.90 -10.99
C LYS A 67 -3.09 -2.27 -11.68
N GLU A 68 -1.87 -2.67 -12.03
CA GLU A 68 -1.59 -4.04 -12.49
C GLU A 68 -1.63 -5.10 -11.36
N LYS A 69 -1.66 -4.67 -10.08
CA LYS A 69 -1.86 -5.51 -8.89
C LYS A 69 -3.34 -5.54 -8.40
N ASP A 70 -4.27 -4.94 -9.13
CA ASP A 70 -5.67 -4.78 -8.70
C ASP A 70 -6.49 -6.09 -8.62
N GLY A 71 -7.71 -6.00 -8.09
CA GLY A 71 -8.63 -7.11 -7.83
C GLY A 71 -8.31 -7.83 -6.52
N CYS A 72 -9.03 -7.48 -5.45
CA CYS A 72 -8.81 -8.02 -4.11
C CYS A 72 -9.28 -9.50 -3.98
N ASP A 73 -8.47 -10.30 -3.30
CA ASP A 73 -8.74 -11.69 -2.91
C ASP A 73 -9.42 -11.74 -1.53
N PHE A 74 -10.57 -12.42 -1.47
CA PHE A 74 -11.37 -12.71 -0.27
C PHE A 74 -12.16 -14.02 -0.45
N GLU A 75 -12.56 -14.64 0.66
CA GLU A 75 -13.26 -15.94 0.73
C GLU A 75 -12.47 -17.10 0.07
N GLY A 76 -11.59 -17.75 0.87
CA GLY A 76 -10.72 -18.85 0.44
C GLY A 76 -9.35 -18.41 -0.11
N ASN A 77 -9.13 -17.10 -0.29
CA ASN A 77 -7.85 -16.47 -0.58
C ASN A 77 -7.77 -15.07 0.09
N LYS A 78 -6.56 -14.55 0.31
CA LYS A 78 -6.25 -13.40 1.17
C LYS A 78 -5.21 -12.47 0.53
N LEU A 79 -5.65 -11.35 -0.04
CA LEU A 79 -4.81 -10.25 -0.55
C LEU A 79 -5.69 -9.07 -1.01
N ARG A 80 -5.84 -8.03 -0.18
CA ARG A 80 -6.45 -6.74 -0.57
C ARG A 80 -5.37 -5.77 -1.04
N VAL A 81 -5.64 -5.03 -2.12
CA VAL A 81 -4.74 -4.03 -2.72
C VAL A 81 -5.53 -2.77 -3.07
N GLU A 82 -5.19 -1.63 -2.50
CA GLU A 82 -5.95 -0.37 -2.66
C GLU A 82 -5.09 0.86 -2.33
N VAL A 83 -5.08 1.85 -3.23
CA VAL A 83 -4.49 3.17 -2.96
C VAL A 83 -5.57 4.15 -2.44
N PRO A 84 -5.49 4.63 -1.18
CA PRO A 84 -6.50 5.55 -0.63
C PRO A 84 -6.50 6.93 -1.30
N PHE A 85 -5.34 7.37 -1.82
CA PHE A 85 -5.18 8.63 -2.55
C PHE A 85 -5.70 8.57 -4.00
N ASN A 86 -5.62 7.41 -4.66
CA ASN A 86 -5.89 7.13 -6.08
C ASN A 86 -5.01 7.91 -7.10
N ALA A 87 -4.96 9.25 -7.02
CA ALA A 87 -4.27 10.15 -7.94
C ALA A 87 -3.91 11.50 -7.29
N ARG A 88 -3.27 12.39 -8.04
CA ARG A 88 -2.97 13.81 -7.69
C ARG A 88 -3.53 14.75 -8.75
N GLU A 89 -4.00 15.93 -8.33
CA GLU A 89 -4.54 17.01 -9.20
C GLU A 89 -4.36 18.41 -8.58
N GLY A 1 -10.33 3.82 9.57
CA GLY A 1 -10.44 4.99 10.45
C GLY A 1 -10.49 6.27 9.66
N SER A 2 -9.42 7.07 9.71
CA SER A 2 -9.29 8.34 8.96
C SER A 2 -7.82 8.78 8.86
N HIS A 3 -7.48 9.54 7.82
CA HIS A 3 -6.11 9.94 7.47
C HIS A 3 -5.67 11.25 8.19
N MET A 4 -4.45 11.71 7.94
CA MET A 4 -3.89 12.96 8.49
C MET A 4 -2.98 13.66 7.48
N VAL A 5 -3.10 14.99 7.31
CA VAL A 5 -1.98 15.81 6.81
C VAL A 5 -1.00 16.10 7.95
N ILE A 6 0.30 16.14 7.63
CA ILE A 6 1.38 16.52 8.58
C ILE A 6 2.33 17.50 7.86
N ARG A 7 3.12 16.98 6.93
CA ARG A 7 4.04 17.69 6.00
C ARG A 7 3.96 17.02 4.63
N GLU A 8 4.18 17.77 3.55
CA GLU A 8 4.22 17.34 2.13
C GLU A 8 2.98 16.58 1.58
N SER A 9 1.96 16.35 2.41
CA SER A 9 0.83 15.42 2.23
C SER A 9 1.25 13.94 2.23
N VAL A 10 0.71 13.18 3.19
CA VAL A 10 1.21 11.83 3.54
C VAL A 10 0.61 10.75 2.62
N SER A 11 0.95 10.79 1.33
CA SER A 11 0.59 9.77 0.32
C SER A 11 1.25 8.42 0.61
N ARG A 12 0.47 7.33 0.55
CA ARG A 12 0.89 5.99 0.99
C ARG A 12 -0.02 4.87 0.50
N ILE A 13 0.56 3.83 -0.10
CA ILE A 13 -0.13 2.57 -0.42
C ILE A 13 -0.47 1.83 0.87
N TYR A 14 -1.61 1.15 0.86
CA TYR A 14 -2.06 0.24 1.91
C TYR A 14 -2.18 -1.18 1.36
N VAL A 15 -1.93 -2.17 2.22
CA VAL A 15 -2.27 -3.57 1.96
C VAL A 15 -2.84 -4.22 3.23
N GLY A 16 -3.93 -4.97 3.06
CA GLY A 16 -4.61 -5.70 4.12
C GLY A 16 -4.88 -7.15 3.75
N ASN A 17 -5.09 -7.99 4.77
CA ASN A 17 -5.22 -9.44 4.62
C ASN A 17 -4.02 -10.03 3.83
N LEU A 18 -2.81 -9.55 4.16
CA LEU A 18 -1.57 -9.88 3.47
C LEU A 18 -1.03 -11.28 3.85
N PRO A 19 -0.24 -11.94 2.98
CA PRO A 19 0.41 -13.20 3.30
C PRO A 19 1.49 -13.04 4.38
N SER A 20 1.35 -13.79 5.48
CA SER A 20 2.27 -13.79 6.63
C SER A 20 2.47 -12.39 7.23
N HIS A 21 3.69 -11.82 7.14
CA HIS A 21 4.09 -10.50 7.62
C HIS A 21 5.42 -10.10 6.96
N VAL A 22 5.38 -9.85 5.65
CA VAL A 22 6.57 -9.58 4.83
C VAL A 22 7.39 -8.37 5.35
N SER A 23 8.70 -8.55 5.48
CA SER A 23 9.61 -7.60 6.12
C SER A 23 9.82 -6.30 5.33
N SER A 24 9.92 -5.18 6.05
CA SER A 24 10.05 -3.81 5.50
C SER A 24 11.14 -3.65 4.43
N ARG A 25 12.29 -4.32 4.58
CA ARG A 25 13.44 -4.21 3.67
C ARG A 25 13.27 -5.01 2.37
N ASP A 26 12.46 -6.08 2.38
CA ASP A 26 12.07 -6.80 1.17
C ASP A 26 11.14 -5.94 0.31
N VAL A 27 10.11 -5.34 0.92
CA VAL A 27 9.20 -4.43 0.21
C VAL A 27 9.84 -3.09 -0.16
N GLU A 28 10.92 -2.66 0.52
CA GLU A 28 11.72 -1.51 0.08
C GLU A 28 12.36 -1.74 -1.29
N ASN A 29 12.73 -2.98 -1.63
CA ASN A 29 13.16 -3.32 -3.00
C ASN A 29 11.98 -3.30 -3.99
N GLU A 30 10.89 -4.00 -3.67
CA GLU A 30 9.78 -4.18 -4.60
C GLU A 30 9.07 -2.85 -4.96
N PHE A 31 8.85 -1.96 -3.99
CA PHE A 31 8.16 -0.69 -4.24
C PHE A 31 9.00 0.37 -4.97
N ARG A 32 10.32 0.21 -5.11
CA ARG A 32 11.15 1.12 -5.94
C ARG A 32 10.79 1.10 -7.42
N LYS A 33 10.12 0.05 -7.92
CA LYS A 33 9.46 0.04 -9.25
C LYS A 33 8.45 1.19 -9.42
N TYR A 34 7.79 1.60 -8.34
CA TYR A 34 6.63 2.49 -8.36
C TYR A 34 7.03 3.94 -8.07
N GLY A 35 7.99 4.19 -7.17
CA GLY A 35 8.52 5.52 -6.83
C GLY A 35 9.55 5.47 -5.70
N ASN A 36 10.14 6.61 -5.33
CA ASN A 36 11.12 6.66 -4.24
C ASN A 36 10.42 6.63 -2.85
N ILE A 37 10.16 5.40 -2.39
CA ILE A 37 9.56 5.02 -1.10
C ILE A 37 10.25 5.67 0.11
N LEU A 38 9.45 6.14 1.08
CA LEU A 38 9.93 6.93 2.24
C LEU A 38 9.84 6.21 3.61
N LYS A 39 8.85 5.32 3.80
CA LYS A 39 8.56 4.49 4.99
C LYS A 39 7.82 3.22 4.56
N CYS A 40 7.98 2.11 5.29
CA CYS A 40 7.27 0.84 5.08
C CYS A 40 7.19 0.02 6.38
N ASP A 41 5.99 -0.25 6.90
CA ASP A 41 5.81 -1.02 8.15
C ASP A 41 4.52 -1.87 8.19
N VAL A 42 4.65 -3.07 8.74
CA VAL A 42 3.57 -4.04 9.06
C VAL A 42 2.93 -3.72 10.43
N LYS A 43 1.66 -4.11 10.61
CA LYS A 43 0.89 -4.05 11.87
C LYS A 43 -0.01 -5.29 11.99
N LYS A 44 -0.45 -5.62 13.22
CA LYS A 44 -1.54 -6.58 13.50
C LYS A 44 -2.55 -6.01 14.50
N THR A 45 -3.83 -6.35 14.37
CA THR A 45 -4.92 -5.93 15.30
C THR A 45 -5.28 -7.03 16.29
N VAL A 46 -6.03 -6.71 17.35
CA VAL A 46 -6.42 -7.68 18.41
C VAL A 46 -7.34 -8.82 17.95
N SER A 47 -7.96 -8.69 16.77
CA SER A 47 -8.68 -9.79 16.09
C SER A 47 -7.74 -10.75 15.35
N GLY A 48 -6.52 -10.28 15.02
CA GLY A 48 -5.46 -11.04 14.35
C GLY A 48 -5.21 -10.64 12.88
N ALA A 49 -6.00 -9.73 12.32
CA ALA A 49 -5.82 -9.30 10.93
C ALA A 49 -4.49 -8.53 10.75
N ALA A 50 -3.77 -8.86 9.68
CA ALA A 50 -2.46 -8.29 9.34
C ALA A 50 -2.56 -7.26 8.21
N PHE A 51 -1.83 -6.16 8.36
CA PHE A 51 -1.86 -4.98 7.48
C PHE A 51 -0.46 -4.38 7.31
N ALA A 52 -0.21 -3.65 6.22
CA ALA A 52 1.00 -2.88 6.04
C ALA A 52 0.75 -1.60 5.24
N PHE A 53 1.61 -0.61 5.42
CA PHE A 53 1.50 0.71 4.78
C PHE A 53 2.87 1.18 4.31
N ILE A 54 2.92 1.76 3.10
CA ILE A 54 4.14 2.13 2.40
C ILE A 54 4.00 3.53 1.81
N GLU A 55 4.88 4.45 2.23
CA GLU A 55 4.82 5.89 1.94
C GLU A 55 5.40 6.21 0.54
N PHE A 56 4.66 7.02 -0.24
CA PHE A 56 4.71 7.07 -1.71
C PHE A 56 4.79 8.49 -2.27
N GLU A 57 5.33 8.62 -3.48
CA GLU A 57 6.02 9.85 -3.92
C GLU A 57 5.47 10.53 -5.20
N ASP A 58 5.30 9.81 -6.32
CA ASP A 58 4.81 10.37 -7.59
C ASP A 58 3.52 9.67 -8.07
N ALA A 59 2.39 10.03 -7.46
CA ALA A 59 1.13 9.28 -7.54
C ALA A 59 0.67 8.95 -8.98
N ARG A 60 0.79 9.89 -9.90
CA ARG A 60 0.32 9.77 -11.30
C ARG A 60 1.20 8.83 -12.16
N ASP A 61 2.48 8.70 -11.80
CA ASP A 61 3.42 7.76 -12.41
C ASP A 61 3.27 6.38 -11.74
N ALA A 62 3.29 6.35 -10.41
CA ALA A 62 3.10 5.14 -9.60
C ALA A 62 1.77 4.41 -9.90
N ALA A 63 0.71 5.14 -10.26
CA ALA A 63 -0.57 4.59 -10.70
C ALA A 63 -0.45 3.64 -11.90
N ASP A 64 0.50 3.86 -12.82
CA ASP A 64 0.68 3.01 -14.00
C ASP A 64 1.24 1.63 -13.64
N ALA A 65 2.05 1.55 -12.59
CA ALA A 65 2.49 0.31 -11.97
C ALA A 65 1.42 -0.30 -11.03
N ILE A 66 0.46 0.49 -10.54
CA ILE A 66 -0.63 0.03 -9.67
C ILE A 66 -1.80 -0.58 -10.47
N LYS A 67 -2.20 -0.01 -11.61
CA LYS A 67 -3.38 -0.46 -12.39
C LYS A 67 -3.26 -1.89 -12.93
N GLU A 68 -2.04 -2.38 -13.13
CA GLU A 68 -1.76 -3.78 -13.50
C GLU A 68 -1.89 -4.74 -12.31
N LYS A 69 -1.78 -4.26 -11.06
CA LYS A 69 -1.86 -5.07 -9.83
C LYS A 69 -3.27 -5.10 -9.20
N ASP A 70 -4.19 -4.27 -9.66
CA ASP A 70 -5.52 -4.09 -9.04
C ASP A 70 -6.40 -5.36 -9.08
N GLY A 71 -7.56 -5.28 -8.44
CA GLY A 71 -8.40 -6.44 -8.15
C GLY A 71 -8.03 -7.06 -6.81
N CYS A 72 -8.57 -6.49 -5.73
CA CYS A 72 -8.43 -7.02 -4.39
C CYS A 72 -8.95 -8.48 -4.32
N ASP A 73 -8.31 -9.31 -3.50
CA ASP A 73 -8.66 -10.74 -3.42
C ASP A 73 -8.66 -11.30 -1.99
N PHE A 74 -9.51 -12.31 -1.80
CA PHE A 74 -10.08 -12.70 -0.51
C PHE A 74 -10.62 -14.14 -0.55
N GLU A 75 -10.89 -14.72 0.63
CA GLU A 75 -11.39 -16.10 0.84
C GLU A 75 -10.46 -17.18 0.29
N GLY A 76 -9.57 -17.69 1.14
CA GLY A 76 -8.44 -18.54 0.73
C GLY A 76 -7.32 -17.73 0.07
N ASN A 77 -7.64 -16.91 -0.93
CA ASN A 77 -6.75 -15.87 -1.45
C ASN A 77 -6.63 -14.71 -0.43
N LYS A 78 -5.44 -14.11 -0.32
CA LYS A 78 -5.09 -13.07 0.67
C LYS A 78 -4.36 -11.90 -0.03
N LEU A 79 -5.11 -10.92 -0.55
CA LEU A 79 -4.55 -9.91 -1.46
C LEU A 79 -5.37 -8.59 -1.60
N ARG A 80 -5.73 -7.89 -0.52
CA ARG A 80 -6.22 -6.50 -0.62
C ARG A 80 -5.06 -5.51 -0.68
N VAL A 81 -4.45 -5.32 -1.85
CA VAL A 81 -3.66 -4.10 -2.16
C VAL A 81 -4.64 -3.00 -2.59
N GLU A 82 -4.52 -1.80 -2.02
CA GLU A 82 -5.47 -0.70 -2.26
C GLU A 82 -4.85 0.69 -2.04
N VAL A 83 -5.32 1.69 -2.81
CA VAL A 83 -4.80 3.06 -2.83
C VAL A 83 -5.76 4.02 -2.10
N PRO A 84 -5.47 4.47 -0.87
CA PRO A 84 -6.29 5.44 -0.15
C PRO A 84 -6.07 6.90 -0.57
N PHE A 85 -4.97 7.20 -1.29
CA PHE A 85 -4.60 8.53 -1.79
C PHE A 85 -5.00 8.73 -3.27
N ASN A 86 -6.17 8.22 -3.65
CA ASN A 86 -6.71 8.13 -5.02
C ASN A 86 -7.10 9.48 -5.68
N ALA A 87 -6.53 10.59 -5.23
CA ALA A 87 -6.71 11.91 -5.82
C ALA A 87 -5.42 12.75 -5.74
N ARG A 88 -4.88 13.13 -6.91
CA ARG A 88 -3.70 13.99 -7.05
C ARG A 88 -3.68 14.80 -8.35
N GLU A 89 -4.84 14.95 -8.99
CA GLU A 89 -5.09 15.82 -10.16
C GLU A 89 -5.91 17.05 -9.79
N GLY A 1 -7.63 15.91 19.23
CA GLY A 1 -7.62 16.94 18.18
C GLY A 1 -6.97 16.43 16.92
N SER A 2 -6.97 17.27 15.88
CA SER A 2 -6.17 17.09 14.64
C SER A 2 -6.41 15.81 13.83
N HIS A 3 -7.58 15.17 13.97
CA HIS A 3 -7.93 13.95 13.23
C HIS A 3 -8.23 14.30 11.76
N MET A 4 -7.57 13.63 10.80
CA MET A 4 -7.78 13.81 9.35
C MET A 4 -7.62 15.28 8.87
N VAL A 5 -6.47 15.91 9.19
CA VAL A 5 -6.09 17.25 8.72
C VAL A 5 -5.79 17.28 7.21
N ILE A 6 -6.81 17.48 6.38
CA ILE A 6 -6.78 17.22 4.92
C ILE A 6 -5.67 17.98 4.17
N ARG A 7 -5.43 19.24 4.54
CA ARG A 7 -4.36 20.10 3.99
C ARG A 7 -2.95 19.52 4.17
N GLU A 8 -2.74 18.70 5.19
CA GLU A 8 -1.44 18.14 5.58
C GLU A 8 -1.46 16.60 5.56
N SER A 9 -2.17 16.07 4.55
CA SER A 9 -2.29 14.64 4.25
C SER A 9 -0.93 13.95 3.97
N VAL A 10 -0.99 12.62 3.93
CA VAL A 10 0.12 11.71 3.65
C VAL A 10 -0.41 10.64 2.68
N SER A 11 0.13 10.58 1.46
CA SER A 11 -0.37 9.76 0.36
C SER A 11 0.39 8.43 0.28
N ARG A 12 -0.27 7.34 0.71
CA ARG A 12 0.32 6.00 0.86
C ARG A 12 -0.50 4.88 0.25
N ILE A 13 0.17 3.81 -0.16
CA ILE A 13 -0.41 2.54 -0.62
C ILE A 13 -0.87 1.72 0.59
N TYR A 14 -1.93 0.93 0.44
CA TYR A 14 -2.27 -0.20 1.33
C TYR A 14 -2.23 -1.54 0.54
N VAL A 15 -1.64 -2.56 1.16
CA VAL A 15 -1.82 -3.97 0.79
C VAL A 15 -2.09 -4.81 2.05
N GLY A 16 -2.87 -5.88 1.93
CA GLY A 16 -3.34 -6.66 3.08
C GLY A 16 -3.75 -8.10 2.79
N ASN A 17 -3.83 -8.90 3.86
CA ASN A 17 -4.27 -10.31 3.88
C ASN A 17 -3.51 -11.23 2.90
N LEU A 18 -2.23 -10.94 2.66
CA LEU A 18 -1.36 -11.70 1.76
C LEU A 18 -0.82 -12.99 2.44
N PRO A 19 -0.75 -14.14 1.73
CA PRO A 19 0.01 -15.29 2.20
C PRO A 19 1.52 -15.01 2.24
N SER A 20 2.26 -15.74 3.09
CA SER A 20 3.70 -15.61 3.39
C SER A 20 4.12 -14.29 4.06
N HIS A 21 3.47 -13.18 3.73
CA HIS A 21 3.76 -11.81 4.18
C HIS A 21 5.14 -11.28 3.71
N VAL A 22 5.41 -9.99 3.91
CA VAL A 22 6.64 -9.31 3.46
C VAL A 22 7.31 -8.57 4.62
N SER A 23 8.60 -8.83 4.82
CA SER A 23 9.44 -8.11 5.78
C SER A 23 9.79 -6.70 5.27
N SER A 24 10.26 -5.83 6.16
CA SER A 24 10.74 -4.48 5.82
C SER A 24 11.81 -4.49 4.71
N ARG A 25 12.70 -5.48 4.72
CA ARG A 25 13.68 -5.78 3.66
C ARG A 25 13.01 -5.97 2.30
N ASP A 26 11.93 -6.76 2.22
CA ASP A 26 11.23 -7.06 0.97
C ASP A 26 10.34 -5.91 0.50
N VAL A 27 9.73 -5.16 1.43
CA VAL A 27 8.85 -4.03 1.10
C VAL A 27 9.60 -2.97 0.28
N GLU A 28 10.84 -2.58 0.64
CA GLU A 28 11.62 -1.70 -0.23
C GLU A 28 11.96 -2.37 -1.58
N ASN A 29 12.37 -3.65 -1.56
CA ASN A 29 12.84 -4.36 -2.75
C ASN A 29 11.75 -4.54 -3.83
N GLU A 30 10.51 -4.74 -3.40
CA GLU A 30 9.32 -4.80 -4.24
C GLU A 30 8.89 -3.39 -4.68
N PHE A 31 8.68 -2.47 -3.72
CA PHE A 31 8.00 -1.20 -3.98
C PHE A 31 8.88 -0.12 -4.64
N ARG A 32 10.21 -0.25 -4.66
CA ARG A 32 11.08 0.65 -5.46
C ARG A 32 10.79 0.62 -6.97
N LYS A 33 10.18 -0.45 -7.51
CA LYS A 33 9.75 -0.49 -8.93
C LYS A 33 8.49 0.37 -9.20
N TYR A 34 7.82 0.88 -8.16
CA TYR A 34 6.63 1.73 -8.24
C TYR A 34 6.97 3.21 -8.01
N GLY A 35 7.87 3.54 -7.08
CA GLY A 35 8.24 4.93 -6.79
C GLY A 35 9.29 5.13 -5.69
N ASN A 36 9.66 6.40 -5.47
CA ASN A 36 10.64 6.82 -4.45
C ASN A 36 10.05 6.71 -3.04
N ILE A 37 10.41 5.65 -2.32
CA ILE A 37 9.93 5.34 -0.96
C ILE A 37 10.43 6.37 0.08
N LEU A 38 9.50 7.13 0.66
CA LEU A 38 9.77 8.12 1.72
C LEU A 38 9.61 7.53 3.13
N LYS A 39 8.72 6.55 3.28
CA LYS A 39 8.61 5.64 4.44
C LYS A 39 7.83 4.38 4.04
N CYS A 40 7.97 3.32 4.83
CA CYS A 40 7.04 2.19 4.85
C CYS A 40 6.79 1.75 6.31
N ASP A 41 5.74 0.97 6.54
CA ASP A 41 5.45 0.35 7.84
C ASP A 41 4.48 -0.85 7.71
N VAL A 42 4.27 -1.60 8.81
CA VAL A 42 3.55 -2.89 8.81
C VAL A 42 2.63 -3.02 10.04
N LYS A 43 1.42 -3.55 9.84
CA LYS A 43 0.32 -3.63 10.82
C LYS A 43 -0.44 -4.96 10.71
N LYS A 44 -1.44 -5.18 11.56
CA LYS A 44 -2.31 -6.37 11.53
C LYS A 44 -3.65 -6.12 12.23
N THR A 45 -4.73 -6.72 11.74
CA THR A 45 -6.00 -6.83 12.48
C THR A 45 -5.94 -7.96 13.51
N VAL A 46 -6.77 -7.84 14.55
CA VAL A 46 -7.11 -8.94 15.47
C VAL A 46 -7.66 -10.19 14.75
N SER A 47 -8.27 -10.01 13.57
CA SER A 47 -8.72 -11.09 12.68
C SER A 47 -7.60 -11.72 11.82
N GLY A 48 -6.34 -11.55 12.24
CA GLY A 48 -5.17 -12.29 11.75
C GLY A 48 -4.59 -11.87 10.40
N ALA A 49 -5.25 -11.02 9.61
CA ALA A 49 -4.67 -10.46 8.39
C ALA A 49 -3.59 -9.42 8.72
N ALA A 50 -2.38 -9.59 8.17
CA ALA A 50 -1.35 -8.57 8.18
C ALA A 50 -1.56 -7.54 7.05
N PHE A 51 -1.04 -6.32 7.26
CA PHE A 51 -1.16 -5.17 6.36
C PHE A 51 0.20 -4.48 6.19
N ALA A 52 0.51 -3.93 5.01
CA ALA A 52 1.73 -3.18 4.75
C ALA A 52 1.43 -1.91 3.94
N PHE A 53 2.22 -0.85 4.20
CA PHE A 53 1.96 0.50 3.71
C PHE A 53 3.24 1.19 3.24
N ILE A 54 3.16 1.97 2.17
CA ILE A 54 4.31 2.61 1.51
C ILE A 54 3.97 4.04 1.07
N GLU A 55 4.78 5.02 1.47
CA GLU A 55 4.66 6.43 1.13
C GLU A 55 5.57 6.77 -0.09
N PHE A 56 4.99 7.34 -1.15
CA PHE A 56 5.72 7.91 -2.30
C PHE A 56 5.39 9.40 -2.51
N GLU A 57 6.36 10.20 -2.96
CA GLU A 57 6.08 11.54 -3.52
C GLU A 57 5.27 11.47 -4.82
N ASP A 58 5.74 10.71 -5.82
CA ASP A 58 5.12 10.58 -7.14
C ASP A 58 3.95 9.60 -7.17
N ALA A 59 2.92 9.88 -6.35
CA ALA A 59 1.67 9.13 -6.35
C ALA A 59 1.06 8.98 -7.76
N ARG A 60 1.18 10.01 -8.61
CA ARG A 60 0.70 9.96 -10.01
C ARG A 60 1.49 9.01 -10.92
N ASP A 61 2.80 8.84 -10.69
CA ASP A 61 3.63 7.93 -11.47
C ASP A 61 3.46 6.48 -11.02
N ALA A 62 3.44 6.28 -9.69
CA ALA A 62 3.29 5.00 -9.03
C ALA A 62 1.90 4.37 -9.22
N ALA A 63 0.86 5.17 -9.51
CA ALA A 63 -0.50 4.70 -9.73
C ALA A 63 -0.59 3.60 -10.81
N ASP A 64 0.15 3.74 -11.92
CA ASP A 64 0.14 2.75 -13.01
C ASP A 64 0.72 1.39 -12.57
N ALA A 65 1.80 1.42 -11.79
CA ALA A 65 2.42 0.23 -11.20
C ALA A 65 1.59 -0.37 -10.06
N ILE A 66 0.73 0.41 -9.40
CA ILE A 66 -0.18 -0.07 -8.36
C ILE A 66 -1.42 -0.74 -8.95
N LYS A 67 -2.05 -0.15 -10.00
CA LYS A 67 -3.35 -0.67 -10.49
C LYS A 67 -3.28 -2.07 -11.10
N GLU A 68 -2.13 -2.52 -11.59
CA GLU A 68 -1.95 -3.93 -12.00
C GLU A 68 -2.18 -4.91 -10.84
N LYS A 69 -1.89 -4.53 -9.59
CA LYS A 69 -2.10 -5.34 -8.38
C LYS A 69 -3.55 -5.28 -7.85
N ASP A 70 -4.45 -4.52 -8.49
CA ASP A 70 -5.88 -4.51 -8.14
C ASP A 70 -6.59 -5.83 -8.49
N GLY A 71 -7.89 -5.92 -8.17
CA GLY A 71 -8.73 -7.10 -8.40
C GLY A 71 -8.71 -8.03 -7.20
N CYS A 72 -8.88 -7.45 -6.00
CA CYS A 72 -8.73 -8.15 -4.72
C CYS A 72 -9.62 -9.41 -4.61
N ASP A 73 -9.11 -10.41 -3.90
CA ASP A 73 -9.50 -11.81 -4.06
C ASP A 73 -9.54 -12.54 -2.71
N PHE A 74 -10.43 -13.53 -2.59
CA PHE A 74 -10.78 -14.21 -1.34
C PHE A 74 -11.32 -15.62 -1.61
N GLU A 75 -11.65 -16.38 -0.56
CA GLU A 75 -12.15 -17.77 -0.63
C GLU A 75 -11.15 -18.72 -1.34
N GLY A 76 -10.32 -19.41 -0.55
CA GLY A 76 -9.16 -20.19 -1.02
C GLY A 76 -7.99 -19.29 -1.39
N ASN A 77 -8.19 -18.38 -2.34
CA ASN A 77 -7.31 -17.22 -2.54
C ASN A 77 -7.45 -16.22 -1.37
N LYS A 78 -6.45 -15.34 -1.20
CA LYS A 78 -6.52 -14.14 -0.35
C LYS A 78 -5.43 -13.13 -0.74
N LEU A 79 -5.85 -11.98 -1.28
CA LEU A 79 -5.02 -10.81 -1.60
C LEU A 79 -5.89 -9.55 -1.57
N ARG A 80 -5.47 -8.49 -0.87
CA ARG A 80 -6.13 -7.18 -0.93
C ARG A 80 -5.14 -6.02 -1.11
N VAL A 81 -5.59 -5.01 -1.84
CA VAL A 81 -4.82 -3.82 -2.28
C VAL A 81 -5.80 -2.66 -2.41
N GLU A 82 -5.41 -1.44 -2.03
CA GLU A 82 -6.20 -0.24 -2.32
C GLU A 82 -5.32 1.03 -2.43
N VAL A 83 -5.86 2.05 -3.09
CA VAL A 83 -5.16 3.29 -3.47
C VAL A 83 -5.97 4.53 -3.05
N PRO A 84 -5.70 5.12 -1.87
CA PRO A 84 -6.33 6.35 -1.37
C PRO A 84 -5.84 7.64 -2.08
N PHE A 85 -5.53 7.53 -3.37
CA PHE A 85 -5.19 8.61 -4.29
C PHE A 85 -5.69 8.28 -5.72
N ASN A 86 -6.81 7.55 -5.82
CA ASN A 86 -7.45 7.12 -7.07
C ASN A 86 -7.84 8.30 -7.99
N ALA A 87 -8.05 9.49 -7.42
CA ALA A 87 -7.72 10.75 -8.06
C ALA A 87 -6.59 11.42 -7.25
N ARG A 88 -5.55 11.94 -7.94
CA ARG A 88 -4.36 12.53 -7.29
C ARG A 88 -4.69 13.73 -6.38
N GLU A 89 -5.63 14.58 -6.83
CA GLU A 89 -6.33 15.56 -5.99
C GLU A 89 -7.74 15.08 -5.68
N GLY A 1 -4.72 9.14 11.57
CA GLY A 1 -4.78 10.02 10.38
C GLY A 1 -3.61 10.99 10.35
N SER A 2 -2.49 10.61 9.73
CA SER A 2 -1.23 11.37 9.73
C SER A 2 -1.22 12.50 8.69
N HIS A 3 -1.92 13.59 9.01
CA HIS A 3 -1.96 14.87 8.27
C HIS A 3 -2.48 15.98 9.21
N MET A 4 -1.64 16.98 9.54
CA MET A 4 -2.04 18.10 10.40
C MET A 4 -1.25 19.42 10.19
N VAL A 5 0.07 19.36 9.97
CA VAL A 5 0.95 20.54 9.80
C VAL A 5 1.90 20.33 8.61
N ILE A 6 1.34 20.36 7.41
CA ILE A 6 2.06 20.25 6.13
C ILE A 6 1.22 20.89 4.99
N ARG A 7 1.88 21.60 4.06
CA ARG A 7 1.25 22.32 2.93
C ARG A 7 0.85 21.43 1.74
N GLU A 8 1.14 20.13 1.78
CA GLU A 8 0.95 19.19 0.68
C GLU A 8 0.45 17.82 1.16
N SER A 9 -0.48 17.21 0.43
CA SER A 9 -1.04 15.88 0.77
C SER A 9 -0.02 14.76 0.59
N VAL A 10 0.09 13.87 1.58
CA VAL A 10 1.05 12.75 1.59
C VAL A 10 0.46 11.52 0.89
N SER A 11 1.13 11.02 -0.15
CA SER A 11 0.74 9.82 -0.88
C SER A 11 1.15 8.55 -0.11
N ARG A 12 0.23 7.60 0.08
CA ARG A 12 0.49 6.31 0.76
C ARG A 12 -0.13 5.11 0.02
N ILE A 13 0.55 3.98 0.06
CA ILE A 13 0.11 2.67 -0.48
C ILE A 13 -0.34 1.75 0.68
N TYR A 14 -1.29 0.87 0.40
CA TYR A 14 -1.86 -0.14 1.32
C TYR A 14 -1.98 -1.51 0.63
N VAL A 15 -1.93 -2.59 1.42
CA VAL A 15 -2.33 -3.95 0.99
C VAL A 15 -3.08 -4.65 2.13
N GLY A 16 -4.28 -5.16 1.84
CA GLY A 16 -5.18 -5.81 2.80
C GLY A 16 -4.99 -7.33 2.89
N ASN A 17 -4.96 -7.85 4.11
CA ASN A 17 -4.78 -9.28 4.41
C ASN A 17 -3.46 -9.86 3.85
N LEU A 18 -2.41 -9.04 3.79
CA LEU A 18 -1.09 -9.38 3.29
C LEU A 18 -0.39 -10.43 4.19
N PRO A 19 0.07 -11.58 3.65
CA PRO A 19 0.89 -12.55 4.39
C PRO A 19 2.32 -12.03 4.60
N SER A 20 3.17 -12.76 5.35
CA SER A 20 4.60 -12.45 5.56
C SER A 20 5.49 -12.71 4.32
N HIS A 21 4.94 -12.45 3.12
CA HIS A 21 5.64 -12.49 1.82
C HIS A 21 6.69 -11.38 1.68
N VAL A 22 6.44 -10.22 2.29
CA VAL A 22 7.38 -9.09 2.38
C VAL A 22 7.42 -8.51 3.81
N SER A 23 8.63 -8.43 4.38
CA SER A 23 8.94 -7.69 5.61
C SER A 23 9.12 -6.19 5.33
N SER A 24 9.29 -5.37 6.36
CA SER A 24 9.63 -3.93 6.20
C SER A 24 10.90 -3.71 5.35
N ARG A 25 11.86 -4.64 5.39
CA ARG A 25 13.05 -4.67 4.51
C ARG A 25 12.68 -4.97 3.06
N ASP A 26 11.94 -6.05 2.82
CA ASP A 26 11.56 -6.47 1.45
C ASP A 26 10.55 -5.53 0.78
N VAL A 27 9.69 -4.86 1.55
CA VAL A 27 8.73 -3.85 1.05
C VAL A 27 9.44 -2.71 0.31
N GLU A 28 10.60 -2.23 0.79
CA GLU A 28 11.38 -1.23 0.06
C GLU A 28 11.83 -1.73 -1.33
N ASN A 29 12.50 -2.89 -1.37
CA ASN A 29 13.01 -3.45 -2.63
C ASN A 29 11.89 -3.85 -3.61
N GLU A 30 10.72 -4.26 -3.10
CA GLU A 30 9.53 -4.54 -3.93
C GLU A 30 8.92 -3.25 -4.51
N PHE A 31 8.62 -2.26 -3.66
CA PHE A 31 7.94 -1.03 -4.09
C PHE A 31 8.84 0.00 -4.80
N ARG A 32 10.17 -0.12 -4.74
CA ARG A 32 11.10 0.72 -5.53
C ARG A 32 10.89 0.65 -7.06
N LYS A 33 10.33 -0.44 -7.60
CA LYS A 33 9.94 -0.53 -9.02
C LYS A 33 8.71 0.35 -9.34
N TYR A 34 7.81 0.53 -8.38
CA TYR A 34 6.58 1.34 -8.50
C TYR A 34 6.92 2.83 -8.45
N GLY A 35 7.90 3.22 -7.62
CA GLY A 35 8.43 4.58 -7.53
C GLY A 35 9.25 4.82 -6.25
N ASN A 36 9.52 6.09 -5.95
CA ASN A 36 10.31 6.49 -4.77
C ASN A 36 9.50 6.39 -3.47
N ILE A 37 9.59 5.22 -2.84
CA ILE A 37 9.28 4.98 -1.43
C ILE A 37 10.14 5.89 -0.53
N LEU A 38 9.52 6.53 0.45
CA LEU A 38 10.16 7.37 1.47
C LEU A 38 10.33 6.65 2.82
N LYS A 39 9.34 5.84 3.21
CA LYS A 39 9.29 5.05 4.46
C LYS A 39 8.34 3.86 4.30
N CYS A 40 8.63 2.74 4.96
CA CYS A 40 7.81 1.52 4.92
C CYS A 40 7.83 0.76 6.26
N ASP A 41 6.67 0.23 6.65
CA ASP A 41 6.49 -0.67 7.80
C ASP A 41 5.15 -1.43 7.68
N VAL A 42 5.19 -2.75 7.88
CA VAL A 42 3.99 -3.60 7.97
C VAL A 42 3.43 -3.60 9.40
N LYS A 43 2.10 -3.75 9.54
CA LYS A 43 1.40 -3.84 10.84
C LYS A 43 0.43 -5.03 10.87
N LYS A 44 -0.13 -5.34 12.06
CA LYS A 44 -1.13 -6.41 12.26
C LYS A 44 -2.17 -6.05 13.34
N THR A 45 -3.36 -6.63 13.23
CA THR A 45 -4.46 -6.50 14.21
C THR A 45 -4.53 -7.71 15.16
N VAL A 46 -5.30 -7.61 16.25
CA VAL A 46 -5.53 -8.69 17.23
C VAL A 46 -6.20 -9.92 16.60
N SER A 47 -6.95 -9.75 15.50
CA SER A 47 -7.54 -10.81 14.68
C SER A 47 -6.47 -11.70 13.97
N GLY A 48 -5.23 -11.21 13.86
CA GLY A 48 -4.11 -11.89 13.19
C GLY A 48 -3.95 -11.55 11.71
N ALA A 49 -4.83 -10.71 11.15
CA ALA A 49 -4.64 -10.12 9.82
C ALA A 49 -3.49 -9.11 9.82
N ALA A 50 -2.72 -9.06 8.74
CA ALA A 50 -1.57 -8.16 8.57
C ALA A 50 -1.66 -7.33 7.27
N PHE A 51 -0.94 -6.21 7.26
CA PHE A 51 -1.15 -5.10 6.32
C PHE A 51 0.17 -4.39 6.00
N ALA A 52 0.48 -4.22 4.71
CA ALA A 52 1.60 -3.35 4.29
C ALA A 52 1.14 -1.89 4.20
N PHE A 53 2.03 -0.97 4.62
CA PHE A 53 1.85 0.48 4.50
C PHE A 53 3.17 1.15 4.08
N ILE A 54 3.11 2.00 3.06
CA ILE A 54 4.29 2.62 2.41
C ILE A 54 4.02 4.09 2.10
N GLU A 55 4.95 4.98 2.47
CA GLU A 55 4.95 6.41 2.13
C GLU A 55 5.63 6.67 0.78
N PHE A 56 5.03 7.51 -0.06
CA PHE A 56 5.49 7.86 -1.42
C PHE A 56 5.52 9.37 -1.64
N GLU A 57 6.42 9.86 -2.50
CA GLU A 57 6.46 11.27 -2.90
C GLU A 57 5.47 11.62 -4.05
N ASP A 58 5.12 10.67 -4.91
CA ASP A 58 4.29 10.87 -6.12
C ASP A 58 3.22 9.77 -6.28
N ALA A 59 1.94 10.16 -6.28
CA ALA A 59 0.80 9.25 -6.51
C ALA A 59 0.71 8.77 -7.97
N ARG A 60 0.51 9.70 -8.93
CA ARG A 60 0.20 9.37 -10.34
C ARG A 60 1.28 8.55 -11.06
N ASP A 61 2.54 8.69 -10.67
CA ASP A 61 3.65 7.89 -11.19
C ASP A 61 3.55 6.42 -10.74
N ALA A 62 3.27 6.19 -9.46
CA ALA A 62 3.11 4.86 -8.86
C ALA A 62 1.75 4.21 -9.17
N ALA A 63 0.71 5.00 -9.47
CA ALA A 63 -0.65 4.50 -9.74
C ALA A 63 -0.69 3.52 -10.93
N ASP A 64 0.10 3.76 -11.99
CA ASP A 64 0.21 2.84 -13.13
C ASP A 64 0.83 1.48 -12.75
N ALA A 65 1.75 1.46 -11.77
CA ALA A 65 2.36 0.25 -11.24
C ALA A 65 1.48 -0.45 -10.17
N ILE A 66 0.63 0.29 -9.45
CA ILE A 66 -0.31 -0.28 -8.47
C ILE A 66 -1.55 -0.88 -9.16
N LYS A 67 -2.07 -0.27 -10.24
CA LYS A 67 -3.29 -0.74 -10.91
C LYS A 67 -3.12 -2.06 -11.68
N GLU A 68 -1.90 -2.43 -12.08
CA GLU A 68 -1.62 -3.77 -12.65
C GLU A 68 -1.74 -4.91 -11.61
N LYS A 69 -1.90 -4.57 -10.31
CA LYS A 69 -2.15 -5.49 -9.20
C LYS A 69 -3.62 -5.49 -8.72
N ASP A 70 -4.54 -4.86 -9.47
CA ASP A 70 -5.96 -4.77 -9.13
C ASP A 70 -6.71 -6.13 -9.21
N GLY A 71 -8.02 -6.10 -8.91
CA GLY A 71 -8.85 -7.31 -8.78
C GLY A 71 -8.72 -7.94 -7.39
N CYS A 72 -9.18 -7.22 -6.36
CA CYS A 72 -9.10 -7.62 -4.96
C CYS A 72 -9.81 -8.96 -4.67
N ASP A 73 -9.20 -9.77 -3.80
CA ASP A 73 -9.64 -11.13 -3.44
C ASP A 73 -10.26 -11.19 -2.04
N PHE A 74 -11.40 -11.88 -1.93
CA PHE A 74 -12.24 -12.02 -0.74
C PHE A 74 -13.12 -13.28 -0.80
N GLU A 75 -13.85 -13.58 0.29
CA GLU A 75 -14.82 -14.70 0.41
C GLU A 75 -14.26 -16.10 0.11
N GLY A 76 -12.96 -16.30 0.41
CA GLY A 76 -12.24 -17.58 0.26
C GLY A 76 -10.73 -17.36 0.03
N ASN A 77 -10.40 -16.34 -0.75
CA ASN A 77 -9.04 -15.81 -0.92
C ASN A 77 -8.82 -14.56 -0.03
N LYS A 78 -7.56 -14.27 0.33
CA LYS A 78 -7.14 -13.11 1.14
C LYS A 78 -6.03 -12.33 0.40
N LEU A 79 -6.42 -11.35 -0.42
CA LEU A 79 -5.49 -10.50 -1.19
C LEU A 79 -6.21 -9.22 -1.69
N ARG A 80 -6.49 -8.27 -0.77
CA ARG A 80 -7.08 -6.97 -1.12
C ARG A 80 -6.00 -5.96 -1.54
N VAL A 81 -6.20 -5.29 -2.67
CA VAL A 81 -5.33 -4.23 -3.18
C VAL A 81 -6.15 -2.94 -3.37
N GLU A 82 -5.69 -1.86 -2.74
CA GLU A 82 -6.38 -0.58 -2.57
C GLU A 82 -5.32 0.49 -2.22
N VAL A 83 -5.46 1.72 -2.72
CA VAL A 83 -4.40 2.74 -2.62
C VAL A 83 -4.90 4.08 -2.02
N PRO A 84 -4.52 4.45 -0.78
CA PRO A 84 -4.83 5.75 -0.18
C PRO A 84 -3.97 6.91 -0.73
N PHE A 85 -3.86 7.00 -2.06
CA PHE A 85 -3.42 8.20 -2.79
C PHE A 85 -4.54 9.26 -2.91
N ASN A 86 -5.81 8.84 -2.90
CA ASN A 86 -7.00 9.68 -3.12
C ASN A 86 -7.01 10.45 -4.46
N ALA A 87 -6.30 9.93 -5.47
CA ALA A 87 -6.05 10.52 -6.80
C ALA A 87 -5.30 11.88 -6.79
N ARG A 88 -4.88 12.33 -7.98
CA ARG A 88 -4.12 13.58 -8.21
C ARG A 88 -4.49 14.22 -9.55
N GLU A 89 -4.53 15.57 -9.56
CA GLU A 89 -4.79 16.44 -10.73
C GLU A 89 -6.04 16.05 -11.54
N GLY A 1 -10.38 4.03 10.17
CA GLY A 1 -10.08 5.39 10.67
C GLY A 1 -10.20 6.42 9.55
N SER A 2 -9.31 7.42 9.55
CA SER A 2 -9.24 8.47 8.51
C SER A 2 -7.80 8.98 8.32
N HIS A 3 -7.51 9.58 7.15
CA HIS A 3 -6.19 10.07 6.77
C HIS A 3 -5.73 11.31 7.57
N MET A 4 -4.46 11.68 7.42
CA MET A 4 -3.83 12.84 8.08
C MET A 4 -2.70 13.44 7.22
N VAL A 5 -2.25 14.65 7.57
CA VAL A 5 -1.13 15.36 6.91
C VAL A 5 -0.13 15.88 7.96
N ILE A 6 1.17 15.84 7.62
CA ILE A 6 2.29 16.18 8.52
C ILE A 6 3.29 17.11 7.82
N ARG A 7 3.77 16.73 6.63
CA ARG A 7 4.66 17.51 5.75
C ARG A 7 4.67 16.91 4.34
N GLU A 8 4.65 17.76 3.30
CA GLU A 8 4.78 17.39 1.87
C GLU A 8 3.76 16.35 1.34
N SER A 9 2.62 16.21 2.03
CA SER A 9 1.64 15.11 1.92
C SER A 9 2.18 13.72 2.30
N VAL A 10 1.30 12.87 2.86
CA VAL A 10 1.63 11.55 3.45
C VAL A 10 0.94 10.42 2.66
N SER A 11 1.01 10.49 1.34
CA SER A 11 0.47 9.46 0.42
C SER A 11 1.21 8.12 0.60
N ARG A 12 0.45 7.04 0.81
CA ARG A 12 0.97 5.72 1.17
C ARG A 12 0.05 4.57 0.74
N ILE A 13 0.61 3.53 0.12
CA ILE A 13 -0.14 2.32 -0.27
C ILE A 13 -0.55 1.54 0.98
N TYR A 14 -1.74 0.95 0.94
CA TYR A 14 -2.26 -0.02 1.91
C TYR A 14 -2.37 -1.42 1.28
N VAL A 15 -2.20 -2.46 2.11
CA VAL A 15 -2.57 -3.83 1.74
C VAL A 15 -3.28 -4.54 2.89
N GLY A 16 -4.48 -5.05 2.61
CA GLY A 16 -5.34 -5.79 3.54
C GLY A 16 -5.11 -7.29 3.52
N ASN A 17 -5.11 -7.89 4.71
CA ASN A 17 -5.04 -9.35 4.93
C ASN A 17 -3.86 -10.01 4.19
N LEU A 18 -2.68 -9.37 4.22
CA LEU A 18 -1.48 -9.76 3.46
C LEU A 18 -0.94 -11.16 3.83
N PRO A 19 -0.18 -11.83 2.93
CA PRO A 19 0.37 -13.17 3.20
C PRO A 19 1.47 -13.13 4.27
N SER A 20 1.28 -13.88 5.36
CA SER A 20 2.18 -13.98 6.52
C SER A 20 2.52 -12.59 7.12
N HIS A 21 3.81 -12.18 7.10
CA HIS A 21 4.30 -10.95 7.72
C HIS A 21 5.60 -10.48 7.02
N VAL A 22 5.46 -10.05 5.76
CA VAL A 22 6.59 -9.64 4.89
C VAL A 22 7.46 -8.54 5.54
N SER A 23 8.78 -8.67 5.43
CA SER A 23 9.76 -7.72 6.00
C SER A 23 9.77 -6.38 5.25
N SER A 24 9.98 -5.28 5.96
CA SER A 24 9.98 -3.92 5.40
C SER A 24 11.01 -3.72 4.27
N ARG A 25 12.17 -4.38 4.37
CA ARG A 25 13.22 -4.35 3.33
C ARG A 25 12.81 -5.01 2.01
N ASP A 26 11.93 -6.00 2.07
CA ASP A 26 11.43 -6.71 0.88
C ASP A 26 10.40 -5.85 0.13
N VAL A 27 9.42 -5.27 0.84
CA VAL A 27 8.45 -4.35 0.24
C VAL A 27 9.10 -3.04 -0.22
N GLU A 28 10.13 -2.53 0.49
CA GLU A 28 10.93 -1.39 0.04
C GLU A 28 11.51 -1.65 -1.37
N ASN A 29 12.23 -2.76 -1.56
CA ASN A 29 12.86 -3.08 -2.83
C ASN A 29 11.87 -3.51 -3.93
N GLU A 30 10.68 -4.01 -3.58
CA GLU A 30 9.58 -4.19 -4.53
C GLU A 30 9.01 -2.84 -5.01
N PHE A 31 8.72 -1.91 -4.09
CA PHE A 31 8.09 -0.62 -4.41
C PHE A 31 9.05 0.45 -4.96
N ARG A 32 10.38 0.24 -4.97
CA ARG A 32 11.35 1.09 -5.70
C ARG A 32 11.04 1.24 -7.21
N LYS A 33 10.32 0.27 -7.81
CA LYS A 33 9.75 0.35 -9.17
C LYS A 33 8.75 1.50 -9.35
N TYR A 34 7.99 1.82 -8.29
CA TYR A 34 6.85 2.74 -8.31
C TYR A 34 7.28 4.18 -7.99
N GLY A 35 8.30 4.34 -7.14
CA GLY A 35 8.94 5.62 -6.77
C GLY A 35 9.95 5.45 -5.63
N ASN A 36 10.63 6.54 -5.23
CA ASN A 36 11.50 6.55 -4.05
C ASN A 36 10.66 6.49 -2.76
N ILE A 37 10.38 5.27 -2.28
CA ILE A 37 9.71 4.99 -1.01
C ILE A 37 10.38 5.74 0.16
N LEU A 38 9.57 6.43 0.97
CA LEU A 38 10.03 7.31 2.06
C LEU A 38 10.14 6.58 3.41
N LYS A 39 9.11 5.78 3.77
CA LYS A 39 9.06 4.94 4.98
C LYS A 39 8.03 3.83 4.80
N CYS A 40 8.29 2.63 5.33
CA CYS A 40 7.35 1.50 5.32
C CYS A 40 7.46 0.63 6.57
N ASP A 41 6.33 0.04 6.99
CA ASP A 41 6.19 -0.81 8.19
C ASP A 41 4.92 -1.67 8.12
N VAL A 42 4.85 -2.71 8.97
CA VAL A 42 3.77 -3.71 9.02
C VAL A 42 3.18 -3.82 10.44
N LYS A 43 1.86 -3.93 10.53
CA LYS A 43 1.04 -3.98 11.75
C LYS A 43 0.14 -5.23 11.77
N LYS A 44 -0.45 -5.54 12.93
CA LYS A 44 -1.50 -6.56 13.09
C LYS A 44 -2.57 -6.16 14.11
N THR A 45 -3.80 -6.61 13.92
CA THR A 45 -4.93 -6.38 14.85
C THR A 45 -5.14 -7.57 15.79
N VAL A 46 -5.95 -7.39 16.85
CA VAL A 46 -6.34 -8.47 17.78
C VAL A 46 -7.19 -9.57 17.12
N SER A 47 -7.76 -9.32 15.94
CA SER A 47 -8.42 -10.32 15.08
C SER A 47 -7.42 -11.28 14.40
N GLY A 48 -6.12 -10.92 14.38
CA GLY A 48 -5.03 -11.69 13.77
C GLY A 48 -4.75 -11.33 12.30
N ALA A 49 -5.48 -10.38 11.72
CA ALA A 49 -5.22 -9.84 10.39
C ALA A 49 -3.98 -8.92 10.38
N ALA A 50 -3.17 -8.99 9.31
CA ALA A 50 -1.95 -8.20 9.13
C ALA A 50 -2.09 -7.18 7.99
N PHE A 51 -1.45 -6.02 8.16
CA PHE A 51 -1.60 -4.82 7.32
C PHE A 51 -0.27 -4.09 7.15
N ALA A 52 0.14 -3.80 5.91
CA ALA A 52 1.36 -3.03 5.61
C ALA A 52 1.02 -1.67 4.98
N PHE A 53 1.84 -0.66 5.30
CA PHE A 53 1.71 0.70 4.78
C PHE A 53 3.06 1.21 4.28
N ILE A 54 3.07 1.82 3.08
CA ILE A 54 4.27 2.14 2.31
C ILE A 54 4.17 3.56 1.72
N GLU A 55 4.92 4.52 2.27
CA GLU A 55 4.87 5.94 1.88
C GLU A 55 5.61 6.24 0.58
N PHE A 56 4.94 6.90 -0.38
CA PHE A 56 5.35 7.03 -1.79
C PHE A 56 5.85 8.44 -2.18
N GLU A 57 6.53 8.51 -3.33
CA GLU A 57 7.10 9.74 -3.91
C GLU A 57 6.11 10.54 -4.77
N ASP A 58 5.50 9.92 -5.78
CA ASP A 58 4.69 10.58 -6.81
C ASP A 58 3.56 9.68 -7.37
N ALA A 59 2.31 10.06 -7.06
CA ALA A 59 1.12 9.23 -7.32
C ALA A 59 0.83 8.95 -8.81
N ARG A 60 1.06 9.93 -9.69
CA ARG A 60 0.73 9.81 -11.13
C ARG A 60 1.57 8.73 -11.83
N ASP A 61 2.86 8.67 -11.55
CA ASP A 61 3.77 7.66 -12.10
C ASP A 61 3.56 6.28 -11.45
N ALA A 62 3.32 6.26 -10.12
CA ALA A 62 3.02 5.05 -9.37
C ALA A 62 1.71 4.35 -9.83
N ALA A 63 0.68 5.11 -10.23
CA ALA A 63 -0.62 4.57 -10.63
C ALA A 63 -0.53 3.62 -11.85
N ASP A 64 0.37 3.86 -12.81
CA ASP A 64 0.59 2.98 -13.96
C ASP A 64 1.15 1.60 -13.57
N ALA A 65 1.91 1.53 -12.48
CA ALA A 65 2.38 0.27 -11.87
C ALA A 65 1.35 -0.34 -10.91
N ILE A 66 0.52 0.48 -10.25
CA ILE A 66 -0.54 0.01 -9.34
C ILE A 66 -1.70 -0.67 -10.08
N LYS A 67 -2.07 -0.20 -11.28
CA LYS A 67 -3.24 -0.73 -12.03
C LYS A 67 -3.08 -2.17 -12.54
N GLU A 68 -1.87 -2.73 -12.55
CA GLU A 68 -1.60 -4.14 -12.84
C GLU A 68 -1.58 -5.04 -11.58
N LYS A 69 -1.64 -4.44 -10.37
CA LYS A 69 -1.81 -5.14 -9.07
C LYS A 69 -3.26 -5.15 -8.57
N ASP A 70 -4.21 -4.58 -9.33
CA ASP A 70 -5.62 -4.47 -8.95
C ASP A 70 -6.38 -5.83 -8.92
N GLY A 71 -7.64 -5.80 -8.50
CA GLY A 71 -8.49 -7.00 -8.34
C GLY A 71 -8.18 -7.72 -7.03
N CYS A 72 -8.70 -7.18 -5.92
CA CYS A 72 -8.57 -7.75 -4.57
C CYS A 72 -9.22 -9.16 -4.48
N ASP A 73 -8.67 -9.99 -3.58
CA ASP A 73 -8.89 -11.44 -3.56
C ASP A 73 -8.91 -11.98 -2.11
N PHE A 74 -9.90 -12.80 -1.81
CA PHE A 74 -10.41 -13.10 -0.46
C PHE A 74 -11.17 -14.45 -0.42
N GLU A 75 -11.52 -14.92 0.79
CA GLU A 75 -12.24 -16.19 1.03
C GLU A 75 -11.53 -17.44 0.47
N GLY A 76 -10.19 -17.38 0.40
CA GLY A 76 -9.32 -18.47 -0.08
C GLY A 76 -7.91 -17.96 -0.41
N ASN A 77 -7.80 -16.74 -0.94
CA ASN A 77 -6.56 -15.99 -1.13
C ASN A 77 -6.46 -14.81 -0.13
N LYS A 78 -5.26 -14.27 0.07
CA LYS A 78 -4.90 -13.28 1.12
C LYS A 78 -4.25 -12.03 0.50
N LEU A 79 -4.99 -11.27 -0.34
CA LEU A 79 -4.47 -10.11 -1.09
C LEU A 79 -5.56 -9.06 -1.40
N ARG A 80 -5.68 -8.01 -0.57
CA ARG A 80 -6.37 -6.74 -0.94
C ARG A 80 -5.34 -5.62 -1.11
N VAL A 81 -4.82 -5.43 -2.33
CA VAL A 81 -4.04 -4.23 -2.69
C VAL A 81 -4.99 -3.07 -3.01
N GLU A 82 -4.82 -1.92 -2.35
CA GLU A 82 -5.74 -0.78 -2.51
C GLU A 82 -5.07 0.57 -2.16
N VAL A 83 -5.40 1.62 -2.92
CA VAL A 83 -4.80 2.96 -2.82
C VAL A 83 -5.75 3.95 -2.12
N PRO A 84 -5.41 4.47 -0.91
CA PRO A 84 -6.23 5.49 -0.23
C PRO A 84 -6.01 6.92 -0.78
N PHE A 85 -4.86 7.19 -1.42
CA PHE A 85 -4.48 8.50 -2.00
C PHE A 85 -4.93 8.69 -3.47
N ASN A 86 -6.02 8.03 -3.88
CA ASN A 86 -6.48 7.89 -5.27
C ASN A 86 -7.08 9.15 -5.94
N ALA A 87 -6.60 10.34 -5.58
CA ALA A 87 -6.91 11.62 -6.23
C ALA A 87 -5.68 12.56 -6.18
N ARG A 88 -5.20 13.01 -7.36
CA ARG A 88 -4.01 13.89 -7.49
C ARG A 88 -3.99 14.74 -8.78
N GLU A 89 -4.96 14.57 -9.67
CA GLU A 89 -5.17 15.36 -10.90
C GLU A 89 -5.72 16.78 -10.66
N GLY A 1 -18.71 0.99 1.89
CA GLY A 1 -18.90 1.03 3.35
C GLY A 1 -18.13 2.19 3.97
N SER A 2 -17.17 1.91 4.85
CA SER A 2 -16.33 2.90 5.53
C SER A 2 -15.46 3.71 4.55
N HIS A 3 -15.12 4.95 4.92
CA HIS A 3 -14.29 5.88 4.14
C HIS A 3 -13.45 6.78 5.06
N MET A 4 -12.35 7.33 4.52
CA MET A 4 -11.36 8.13 5.25
C MET A 4 -10.48 8.96 4.30
N VAL A 5 -9.67 9.86 4.88
CA VAL A 5 -8.71 10.75 4.20
C VAL A 5 -7.29 10.53 4.73
N ILE A 6 -6.27 10.87 3.93
CA ILE A 6 -4.85 10.81 4.32
C ILE A 6 -4.53 11.73 5.52
N ARG A 7 -3.54 11.33 6.33
CA ARG A 7 -3.09 12.01 7.55
C ARG A 7 -1.56 11.96 7.68
N GLU A 8 -0.95 13.09 8.03
CA GLU A 8 0.51 13.26 8.23
C GLU A 8 1.37 12.78 7.02
N SER A 9 0.80 12.83 5.81
CA SER A 9 1.37 12.25 4.57
C SER A 9 0.77 12.93 3.31
N VAL A 10 1.19 12.49 2.13
CA VAL A 10 0.77 13.01 0.81
C VAL A 10 0.41 11.91 -0.21
N SER A 11 1.05 10.73 -0.12
CA SER A 11 0.79 9.57 -0.98
C SER A 11 1.23 8.28 -0.29
N ARG A 12 0.32 7.32 -0.13
CA ARG A 12 0.56 6.08 0.63
C ARG A 12 -0.28 4.90 0.13
N ILE A 13 0.34 3.73 0.01
CA ILE A 13 -0.31 2.43 -0.27
C ILE A 13 -1.08 1.91 0.95
N TYR A 14 -2.15 1.17 0.71
CA TYR A 14 -2.79 0.28 1.69
C TYR A 14 -3.08 -1.10 1.07
N VAL A 15 -2.71 -2.16 1.81
CA VAL A 15 -3.07 -3.56 1.49
C VAL A 15 -3.57 -4.24 2.77
N GLY A 16 -4.75 -4.84 2.73
CA GLY A 16 -5.46 -5.41 3.88
C GLY A 16 -5.63 -6.93 3.83
N ASN A 17 -5.55 -7.56 4.99
CA ASN A 17 -5.59 -9.02 5.21
C ASN A 17 -4.49 -9.80 4.44
N LEU A 18 -3.39 -9.14 4.03
CA LEU A 18 -2.50 -9.65 2.99
C LEU A 18 -1.71 -10.92 3.38
N PRO A 19 -1.44 -11.84 2.43
CA PRO A 19 -0.53 -12.96 2.61
C PRO A 19 0.94 -12.52 2.69
N SER A 20 1.83 -13.43 3.08
CA SER A 20 3.28 -13.22 3.25
C SER A 20 4.06 -13.08 1.92
N HIS A 21 3.52 -12.35 0.95
CA HIS A 21 4.07 -12.17 -0.40
C HIS A 21 5.37 -11.34 -0.43
N VAL A 22 5.49 -10.34 0.44
CA VAL A 22 6.60 -9.36 0.46
C VAL A 22 6.89 -8.86 1.87
N SER A 23 8.17 -8.80 2.27
CA SER A 23 8.61 -8.27 3.57
C SER A 23 8.86 -6.75 3.52
N SER A 24 9.01 -6.11 4.68
CA SER A 24 9.38 -4.69 4.79
C SER A 24 10.73 -4.38 4.10
N ARG A 25 11.74 -5.23 4.34
CA ARG A 25 13.06 -5.22 3.66
C ARG A 25 12.96 -5.35 2.14
N ASP A 26 12.01 -6.15 1.65
CA ASP A 26 11.79 -6.35 0.22
C ASP A 26 11.09 -5.15 -0.43
N VAL A 27 9.97 -4.68 0.14
CA VAL A 27 9.19 -3.57 -0.42
C VAL A 27 9.94 -2.23 -0.37
N GLU A 28 10.84 -2.04 0.60
CA GLU A 28 11.79 -0.92 0.68
C GLU A 28 12.67 -0.79 -0.58
N ASN A 29 12.94 -1.91 -1.26
CA ASN A 29 13.78 -1.97 -2.47
C ASN A 29 12.95 -2.16 -3.75
N GLU A 30 11.91 -2.99 -3.73
CA GLU A 30 11.11 -3.35 -4.91
C GLU A 30 10.29 -2.17 -5.47
N PHE A 31 9.74 -1.31 -4.61
CA PHE A 31 8.93 -0.17 -5.04
C PHE A 31 9.74 0.95 -5.71
N ARG A 32 11.08 0.98 -5.54
CA ARG A 32 11.95 2.10 -5.99
C ARG A 32 11.91 2.36 -7.51
N LYS A 33 11.58 1.36 -8.34
CA LYS A 33 11.39 1.53 -9.79
C LYS A 33 10.08 2.26 -10.13
N TYR A 34 9.01 2.03 -9.33
CA TYR A 34 7.70 2.66 -9.49
C TYR A 34 7.65 4.08 -8.90
N GLY A 35 8.37 4.31 -7.80
CA GLY A 35 8.50 5.63 -7.18
C GLY A 35 9.42 5.61 -5.95
N ASN A 36 9.84 6.78 -5.48
CA ASN A 36 10.66 6.89 -4.28
C ASN A 36 9.82 6.57 -3.03
N ILE A 37 9.99 5.38 -2.46
CA ILE A 37 9.47 4.99 -1.14
C ILE A 37 10.19 5.81 -0.05
N LEU A 38 9.41 6.40 0.85
CA LEU A 38 9.90 7.25 1.94
C LEU A 38 9.98 6.51 3.29
N LYS A 39 8.97 5.67 3.59
CA LYS A 39 8.92 4.78 4.78
C LYS A 39 7.93 3.63 4.54
N CYS A 40 8.20 2.44 5.09
CA CYS A 40 7.35 1.24 4.96
C CYS A 40 7.32 0.39 6.25
N ASP A 41 6.17 -0.20 6.57
CA ASP A 41 5.98 -1.21 7.62
C ASP A 41 4.70 -2.04 7.41
N VAL A 42 4.59 -3.16 8.13
CA VAL A 42 3.44 -4.07 8.10
C VAL A 42 3.00 -4.47 9.52
N LYS A 43 1.70 -4.31 9.81
CA LYS A 43 1.05 -4.59 11.08
C LYS A 43 0.32 -5.95 11.02
N LYS A 44 -0.10 -6.49 12.18
CA LYS A 44 -1.05 -7.61 12.27
C LYS A 44 -1.93 -7.55 13.53
N THR A 45 -3.14 -8.08 13.43
CA THR A 45 -4.12 -8.19 14.53
C THR A 45 -4.15 -9.59 15.14
N VAL A 46 -4.78 -9.74 16.31
CA VAL A 46 -4.97 -11.04 17.00
C VAL A 46 -5.84 -12.04 16.20
N SER A 47 -6.62 -11.54 15.23
CA SER A 47 -7.38 -12.35 14.26
C SER A 47 -6.49 -13.03 13.18
N GLY A 48 -5.18 -12.72 13.14
CA GLY A 48 -4.21 -13.25 12.19
C GLY A 48 -4.14 -12.50 10.85
N ALA A 49 -4.97 -11.47 10.66
CA ALA A 49 -4.92 -10.59 9.49
C ALA A 49 -3.74 -9.60 9.58
N ALA A 50 -3.00 -9.43 8.48
CA ALA A 50 -1.91 -8.46 8.36
C ALA A 50 -2.30 -7.27 7.46
N PHE A 51 -1.66 -6.11 7.67
CA PHE A 51 -2.00 -4.85 7.01
C PHE A 51 -0.74 -4.03 6.68
N ALA A 52 -0.48 -3.76 5.41
CA ALA A 52 0.75 -3.13 4.92
C ALA A 52 0.55 -1.64 4.54
N PHE A 53 1.53 -0.81 4.92
CA PHE A 53 1.52 0.65 4.76
C PHE A 53 2.88 1.12 4.22
N ILE A 54 2.89 1.74 3.03
CA ILE A 54 4.11 2.23 2.36
C ILE A 54 3.89 3.64 1.80
N GLU A 55 4.66 4.61 2.28
CA GLU A 55 4.61 6.00 1.83
C GLU A 55 5.46 6.22 0.55
N PHE A 56 4.88 6.86 -0.47
CA PHE A 56 5.54 7.28 -1.71
C PHE A 56 5.73 8.80 -1.78
N GLU A 57 6.76 9.23 -2.50
CA GLU A 57 6.88 10.60 -3.04
C GLU A 57 5.95 10.84 -4.26
N ASP A 58 5.79 9.82 -5.10
CA ASP A 58 5.10 9.85 -6.40
C ASP A 58 3.60 9.46 -6.33
N ALA A 59 2.87 9.66 -7.44
CA ALA A 59 1.46 9.29 -7.60
C ALA A 59 1.17 8.49 -8.88
N ARG A 60 1.25 9.11 -10.08
CA ARG A 60 0.96 8.43 -11.36
C ARG A 60 1.95 7.30 -11.67
N ASP A 61 3.23 7.52 -11.37
CA ASP A 61 4.28 6.52 -11.58
C ASP A 61 4.16 5.36 -10.57
N ALA A 62 3.82 5.66 -9.32
CA ALA A 62 3.53 4.67 -8.27
C ALA A 62 2.29 3.81 -8.61
N ALA A 63 1.29 4.39 -9.29
CA ALA A 63 0.08 3.69 -9.72
C ALA A 63 0.33 2.58 -10.77
N ASP A 64 1.49 2.55 -11.43
CA ASP A 64 1.89 1.45 -12.32
C ASP A 64 2.03 0.10 -11.58
N ALA A 65 2.37 0.12 -10.29
CA ALA A 65 2.25 -1.06 -9.42
C ALA A 65 0.78 -1.33 -9.06
N ILE A 66 0.06 -0.30 -8.61
CA ILE A 66 -1.30 -0.42 -8.06
C ILE A 66 -2.30 -1.00 -9.08
N LYS A 67 -2.20 -0.63 -10.37
CA LYS A 67 -3.04 -1.19 -11.44
C LYS A 67 -2.74 -2.67 -11.79
N GLU A 68 -1.67 -3.22 -11.22
CA GLU A 68 -1.31 -4.65 -11.29
C GLU A 68 -1.73 -5.40 -10.01
N LYS A 69 -1.79 -4.72 -8.85
CA LYS A 69 -2.25 -5.28 -7.56
C LYS A 69 -3.77 -5.22 -7.34
N ASP A 70 -4.48 -4.32 -8.03
CA ASP A 70 -5.91 -4.05 -7.82
C ASP A 70 -6.86 -5.24 -8.14
N GLY A 71 -8.15 -5.05 -7.84
CA GLY A 71 -9.16 -6.11 -7.78
C GLY A 71 -9.20 -6.73 -6.38
N CYS A 72 -9.71 -5.96 -5.42
CA CYS A 72 -9.81 -6.36 -4.01
C CYS A 72 -10.65 -7.64 -3.82
N ASP A 73 -10.26 -8.49 -2.87
CA ASP A 73 -10.72 -9.88 -2.77
C ASP A 73 -11.06 -10.26 -1.32
N PHE A 74 -12.25 -10.84 -1.13
CA PHE A 74 -12.93 -11.06 0.15
C PHE A 74 -13.85 -12.31 0.10
N GLU A 75 -14.49 -12.66 1.23
CA GLU A 75 -15.42 -13.79 1.38
C GLU A 75 -14.81 -15.14 0.97
N GLY A 76 -13.94 -15.69 1.84
CA GLY A 76 -13.15 -16.89 1.60
C GLY A 76 -11.74 -16.60 1.04
N ASN A 77 -11.61 -15.53 0.26
CA ASN A 77 -10.32 -14.92 -0.12
C ASN A 77 -9.97 -13.76 0.83
N LYS A 78 -8.67 -13.44 0.96
CA LYS A 78 -8.15 -12.33 1.78
C LYS A 78 -7.03 -11.59 1.04
N LEU A 79 -7.41 -10.57 0.27
CA LEU A 79 -6.47 -9.72 -0.49
C LEU A 79 -7.14 -8.37 -0.84
N ARG A 80 -7.32 -7.49 0.16
CA ARG A 80 -7.82 -6.12 -0.07
C ARG A 80 -6.70 -5.19 -0.54
N VAL A 81 -6.96 -4.39 -1.57
CA VAL A 81 -6.04 -3.40 -2.15
C VAL A 81 -6.82 -2.10 -2.40
N GLU A 82 -6.26 -0.97 -1.97
CA GLU A 82 -6.90 0.36 -2.07
C GLU A 82 -5.84 1.47 -2.17
N VAL A 83 -6.19 2.59 -2.80
CA VAL A 83 -5.26 3.66 -3.19
C VAL A 83 -5.87 5.07 -2.99
N PRO A 84 -5.46 5.82 -1.96
CA PRO A 84 -5.91 7.20 -1.76
C PRO A 84 -5.30 8.18 -2.77
N PHE A 85 -4.12 7.88 -3.34
CA PHE A 85 -3.44 8.70 -4.35
C PHE A 85 -3.94 8.43 -5.80
N ASN A 86 -5.19 7.99 -5.96
CA ASN A 86 -5.82 7.67 -7.25
C ASN A 86 -5.77 8.84 -8.27
N ALA A 87 -5.69 10.08 -7.77
CA ALA A 87 -5.27 11.27 -8.51
C ALA A 87 -4.31 12.12 -7.65
N ARG A 88 -3.48 12.95 -8.31
CA ARG A 88 -2.52 13.87 -7.65
C ARG A 88 -3.22 14.98 -6.84
N GLU A 89 -4.41 15.40 -7.27
CA GLU A 89 -5.18 16.54 -6.74
C GLU A 89 -6.71 16.29 -6.73
N GLY A 1 -11.28 -4.34 12.62
CA GLY A 1 -10.00 -3.71 13.00
C GLY A 1 -10.29 -2.43 13.76
N SER A 2 -9.48 -1.38 13.61
CA SER A 2 -9.63 -0.14 14.37
C SER A 2 -9.15 1.08 13.57
N HIS A 3 -9.98 1.49 12.62
CA HIS A 3 -9.77 2.64 11.73
C HIS A 3 -9.43 3.92 12.50
N MET A 4 -8.48 4.69 11.98
CA MET A 4 -7.94 5.94 12.57
C MET A 4 -7.60 6.93 11.45
N VAL A 5 -7.53 8.23 11.77
CA VAL A 5 -7.45 9.32 10.78
C VAL A 5 -6.56 10.47 11.29
N ILE A 6 -5.87 11.16 10.39
CA ILE A 6 -4.82 12.13 10.70
C ILE A 6 -5.17 13.52 10.14
N ARG A 7 -4.78 14.58 10.88
CA ARG A 7 -4.92 16.01 10.53
C ARG A 7 -4.07 16.49 9.31
N GLU A 8 -3.63 15.56 8.48
CA GLU A 8 -2.85 15.73 7.25
C GLU A 8 -3.11 14.51 6.35
N SER A 9 -3.15 14.68 5.02
CA SER A 9 -3.58 13.61 4.09
C SER A 9 -2.60 12.43 4.02
N VAL A 10 -1.31 12.72 3.77
CA VAL A 10 -0.17 11.77 3.70
C VAL A 10 -0.30 10.70 2.60
N SER A 11 0.42 10.89 1.49
CA SER A 11 0.45 9.96 0.35
C SER A 11 1.01 8.58 0.74
N ARG A 12 0.17 7.53 0.62
CA ARG A 12 0.47 6.16 1.07
C ARG A 12 -0.11 5.06 0.17
N ILE A 13 0.54 3.90 0.19
CA ILE A 13 0.03 2.59 -0.27
C ILE A 13 -0.53 1.79 0.92
N TYR A 14 -1.58 0.99 0.71
CA TYR A 14 -2.11 -0.02 1.64
C TYR A 14 -2.20 -1.42 0.98
N VAL A 15 -1.78 -2.46 1.71
CA VAL A 15 -2.02 -3.87 1.36
C VAL A 15 -2.55 -4.62 2.59
N GLY A 16 -3.75 -5.17 2.49
CA GLY A 16 -4.43 -5.92 3.56
C GLY A 16 -4.46 -7.42 3.32
N ASN A 17 -4.41 -8.19 4.42
CA ASN A 17 -4.42 -9.66 4.40
C ASN A 17 -3.30 -10.25 3.53
N LEU A 18 -2.09 -9.65 3.60
CA LEU A 18 -0.95 -9.95 2.73
C LEU A 18 -0.46 -11.41 2.85
N PRO A 19 -0.60 -12.26 1.81
CA PRO A 19 -0.11 -13.64 1.83
C PRO A 19 1.42 -13.69 1.85
N SER A 20 1.97 -14.82 2.31
CA SER A 20 3.40 -15.04 2.54
C SER A 20 4.07 -14.07 3.53
N HIS A 21 3.30 -13.26 4.26
CA HIS A 21 3.75 -12.27 5.26
C HIS A 21 4.95 -11.43 4.75
N VAL A 22 4.84 -10.92 3.53
CA VAL A 22 5.95 -10.25 2.82
C VAL A 22 6.54 -9.09 3.62
N SER A 23 7.83 -9.18 3.91
CA SER A 23 8.59 -8.23 4.73
C SER A 23 8.69 -6.86 4.06
N SER A 24 8.66 -5.79 4.87
CA SER A 24 8.70 -4.40 4.36
C SER A 24 9.88 -4.16 3.41
N ARG A 25 11.10 -4.48 3.85
CA ARG A 25 12.36 -4.24 3.10
C ARG A 25 12.42 -4.93 1.75
N ASP A 26 11.83 -6.12 1.64
CA ASP A 26 11.83 -6.92 0.42
C ASP A 26 11.00 -6.27 -0.69
N VAL A 27 9.79 -5.81 -0.37
CA VAL A 27 8.91 -5.12 -1.33
C VAL A 27 9.37 -3.67 -1.54
N GLU A 28 9.89 -3.01 -0.50
CA GLU A 28 10.49 -1.67 -0.54
C GLU A 28 11.59 -1.55 -1.62
N ASN A 29 12.41 -2.59 -1.79
CA ASN A 29 13.46 -2.63 -2.80
C ASN A 29 12.91 -2.68 -4.24
N GLU A 30 11.76 -3.32 -4.45
CA GLU A 30 11.06 -3.40 -5.75
C GLU A 30 10.20 -2.15 -6.03
N PHE A 31 9.56 -1.58 -5.00
CA PHE A 31 8.74 -0.37 -5.09
C PHE A 31 9.50 0.81 -5.73
N ARG A 32 10.84 0.84 -5.66
CA ARG A 32 11.68 1.90 -6.27
C ARG A 32 11.40 2.16 -7.75
N LYS A 33 10.95 1.17 -8.55
CA LYS A 33 10.56 1.38 -9.97
C LYS A 33 9.15 1.99 -10.13
N TYR A 34 8.32 1.89 -9.09
CA TYR A 34 6.97 2.42 -9.00
C TYR A 34 6.93 3.82 -8.34
N GLY A 35 7.98 4.24 -7.64
CA GLY A 35 8.11 5.55 -7.01
C GLY A 35 9.10 5.56 -5.85
N ASN A 36 9.37 6.74 -5.27
CA ASN A 36 10.22 6.86 -4.09
C ASN A 36 9.45 6.61 -2.79
N ILE A 37 10.08 5.86 -1.89
CA ILE A 37 9.59 5.48 -0.56
C ILE A 37 10.27 6.31 0.53
N LEU A 38 9.50 6.85 1.47
CA LEU A 38 10.01 7.62 2.62
C LEU A 38 10.22 6.71 3.84
N LYS A 39 9.23 5.86 4.15
CA LYS A 39 9.35 4.70 5.06
C LYS A 39 8.19 3.70 4.83
N CYS A 40 8.27 2.53 5.45
CA CYS A 40 7.23 1.50 5.45
C CYS A 40 7.29 0.61 6.70
N ASP A 41 6.15 0.01 7.08
CA ASP A 41 6.03 -1.01 8.15
C ASP A 41 4.78 -1.89 7.93
N VAL A 42 4.56 -2.88 8.80
CA VAL A 42 3.39 -3.77 8.78
C VAL A 42 2.67 -3.75 10.14
N LYS A 43 1.41 -3.30 10.17
CA LYS A 43 0.49 -3.44 11.32
C LYS A 43 -0.10 -4.84 11.40
N LYS A 44 -0.59 -5.21 12.58
CA LYS A 44 -1.52 -6.34 12.79
C LYS A 44 -2.71 -5.92 13.66
N THR A 45 -3.82 -6.63 13.57
CA THR A 45 -5.06 -6.35 14.32
C THR A 45 -5.74 -7.64 14.78
N VAL A 46 -6.52 -7.54 15.86
CA VAL A 46 -6.91 -8.68 16.71
C VAL A 46 -7.66 -9.80 15.98
N SER A 47 -8.41 -9.51 14.91
CA SER A 47 -9.16 -10.48 14.09
C SER A 47 -8.28 -11.28 13.10
N GLY A 48 -7.09 -11.69 13.55
CA GLY A 48 -6.16 -12.54 12.80
C GLY A 48 -5.66 -11.92 11.48
N ALA A 49 -5.49 -10.60 11.41
CA ALA A 49 -5.24 -9.87 10.17
C ALA A 49 -4.05 -8.90 10.27
N ALA A 50 -3.46 -8.56 9.12
CA ALA A 50 -2.30 -7.69 8.99
C ALA A 50 -2.40 -6.74 7.79
N PHE A 51 -1.77 -5.58 7.90
CA PHE A 51 -1.79 -4.48 6.93
C PHE A 51 -0.37 -3.94 6.69
N ALA A 52 0.14 -3.98 5.47
CA ALA A 52 1.37 -3.29 5.10
C ALA A 52 1.04 -1.86 4.60
N PHE A 53 1.86 -0.90 5.00
CA PHE A 53 1.76 0.51 4.58
C PHE A 53 3.11 1.05 4.11
N ILE A 54 3.10 1.98 3.16
CA ILE A 54 4.28 2.63 2.58
C ILE A 54 3.98 4.12 2.33
N GLU A 55 4.75 5.04 2.90
CA GLU A 55 4.72 6.48 2.58
C GLU A 55 5.49 6.73 1.26
N PHE A 56 4.82 7.36 0.28
CA PHE A 56 5.20 7.20 -1.14
C PHE A 56 5.02 8.49 -1.97
N GLU A 57 6.00 8.79 -2.82
CA GLU A 57 6.21 10.13 -3.42
C GLU A 57 5.37 10.43 -4.68
N ASP A 58 5.41 9.56 -5.69
CA ASP A 58 4.93 9.87 -7.05
C ASP A 58 3.66 9.08 -7.40
N ALA A 59 2.50 9.56 -6.95
CA ALA A 59 1.21 8.88 -7.08
C ALA A 59 0.88 8.39 -8.53
N ARG A 60 1.29 9.13 -9.57
CA ARG A 60 1.04 8.75 -10.98
C ARG A 60 2.15 7.91 -11.65
N ASP A 61 3.34 7.80 -11.07
CA ASP A 61 4.21 6.63 -11.33
C ASP A 61 3.59 5.38 -10.67
N ALA A 62 3.18 5.56 -9.41
CA ALA A 62 2.71 4.52 -8.50
C ALA A 62 1.33 3.95 -8.86
N ALA A 63 0.62 4.53 -9.82
CA ALA A 63 -0.57 3.94 -10.44
C ALA A 63 -0.28 2.52 -10.97
N ASP A 64 0.94 2.24 -11.42
CA ASP A 64 1.40 0.89 -11.77
C ASP A 64 1.22 -0.12 -10.63
N ALA A 65 1.53 0.29 -9.39
CA ALA A 65 1.52 -0.58 -8.20
C ALA A 65 0.11 -1.03 -7.79
N ILE A 66 -0.94 -0.40 -8.33
CA ILE A 66 -2.33 -0.88 -8.22
C ILE A 66 -2.81 -1.49 -9.54
N LYS A 67 -2.53 -0.88 -10.71
CA LYS A 67 -3.17 -1.27 -11.97
C LYS A 67 -2.72 -2.62 -12.54
N GLU A 68 -1.63 -3.19 -12.06
CA GLU A 68 -1.23 -4.59 -12.33
C GLU A 68 -1.46 -5.55 -11.13
N LYS A 69 -2.02 -5.05 -10.02
CA LYS A 69 -2.17 -5.77 -8.73
C LYS A 69 -3.62 -5.80 -8.18
N ASP A 70 -4.54 -5.06 -8.80
CA ASP A 70 -5.98 -5.08 -8.47
C ASP A 70 -6.65 -6.40 -8.88
N GLY A 71 -7.94 -6.54 -8.54
CA GLY A 71 -8.68 -7.79 -8.67
C GLY A 71 -8.64 -8.59 -7.38
N CYS A 72 -8.96 -7.92 -6.26
CA CYS A 72 -8.76 -8.44 -4.91
C CYS A 72 -9.51 -9.76 -4.65
N ASP A 73 -8.91 -10.56 -3.78
CA ASP A 73 -9.22 -11.97 -3.56
C ASP A 73 -9.58 -12.21 -2.09
N PHE A 74 -10.71 -12.87 -1.87
CA PHE A 74 -11.31 -13.11 -0.56
C PHE A 74 -12.22 -14.34 -0.62
N GLU A 75 -12.71 -14.83 0.53
CA GLU A 75 -13.65 -15.99 0.60
C GLU A 75 -13.08 -17.32 0.09
N GLY A 76 -11.75 -17.43 0.04
CA GLY A 76 -10.99 -18.60 -0.38
C GLY A 76 -9.51 -18.25 -0.31
N ASN A 77 -9.02 -17.56 -1.35
CA ASN A 77 -7.80 -16.77 -1.28
C ASN A 77 -7.94 -15.59 -0.30
N LYS A 78 -6.81 -14.92 -0.01
CA LYS A 78 -6.68 -13.61 0.63
C LYS A 78 -5.64 -12.76 -0.10
N LEU A 79 -6.05 -11.60 -0.62
CA LEU A 79 -5.19 -10.48 -1.08
C LEU A 79 -6.06 -9.23 -1.32
N ARG A 80 -5.75 -8.12 -0.65
CA ARG A 80 -6.46 -6.82 -0.82
C ARG A 80 -5.47 -5.67 -0.87
N VAL A 81 -5.73 -4.68 -1.74
CA VAL A 81 -4.83 -3.55 -2.04
C VAL A 81 -5.66 -2.30 -2.30
N GLU A 82 -5.18 -1.14 -1.82
CA GLU A 82 -5.61 0.18 -2.30
C GLU A 82 -4.43 1.15 -2.25
N VAL A 83 -4.34 2.08 -3.20
CA VAL A 83 -3.43 3.22 -3.12
C VAL A 83 -4.24 4.49 -2.79
N PRO A 84 -4.49 4.83 -1.51
CA PRO A 84 -5.36 5.94 -1.13
C PRO A 84 -4.91 7.33 -1.61
N PHE A 85 -3.74 7.48 -2.24
CA PHE A 85 -3.34 8.67 -3.00
C PHE A 85 -4.00 8.82 -4.38
N ASN A 86 -5.00 8.00 -4.77
CA ASN A 86 -5.49 7.79 -6.14
C ASN A 86 -6.24 8.98 -6.81
N ALA A 87 -5.52 10.09 -6.93
CA ALA A 87 -5.69 11.19 -7.87
C ALA A 87 -4.32 11.45 -8.52
N ARG A 88 -4.02 12.70 -8.92
CA ARG A 88 -2.77 13.16 -9.55
C ARG A 88 -2.52 12.63 -10.97
N GLU A 89 -2.91 11.39 -11.25
CA GLU A 89 -2.91 10.75 -12.59
C GLU A 89 -3.95 11.35 -13.54
N GLY A 1 -15.50 14.55 -10.53
CA GLY A 1 -15.38 15.36 -9.30
C GLY A 1 -14.50 16.57 -9.52
N SER A 2 -15.05 17.78 -9.37
CA SER A 2 -14.40 19.08 -9.65
C SER A 2 -13.42 19.57 -8.55
N HIS A 3 -12.83 18.64 -7.78
CA HIS A 3 -12.00 18.96 -6.60
C HIS A 3 -10.70 19.71 -6.93
N MET A 4 -10.01 19.32 -8.02
CA MET A 4 -8.81 19.98 -8.58
C MET A 4 -7.67 20.21 -7.57
N VAL A 5 -7.57 19.41 -6.51
CA VAL A 5 -6.61 19.57 -5.41
C VAL A 5 -5.16 19.26 -5.82
N ILE A 6 -4.23 20.10 -5.37
CA ILE A 6 -2.77 19.94 -5.52
C ILE A 6 -2.07 20.35 -4.21
N ARG A 7 -0.90 19.74 -3.93
CA ARG A 7 -0.14 19.85 -2.66
C ARG A 7 -0.99 19.46 -1.42
N GLU A 8 -0.47 19.72 -0.22
CA GLU A 8 -1.15 19.54 1.08
C GLU A 8 -1.65 18.10 1.39
N SER A 9 -1.05 17.09 0.74
CA SER A 9 -1.37 15.66 0.86
C SER A 9 -0.10 14.79 0.83
N VAL A 10 -0.23 13.52 1.23
CA VAL A 10 0.89 12.57 1.33
C VAL A 10 0.52 11.19 0.74
N SER A 11 1.41 10.64 -0.09
CA SER A 11 1.18 9.43 -0.88
C SER A 11 1.43 8.15 -0.08
N ARG A 12 0.51 7.81 0.85
CA ARG A 12 0.50 6.54 1.60
C ARG A 12 -0.07 5.40 0.74
N ILE A 13 0.69 4.33 0.54
CA ILE A 13 0.24 3.07 -0.09
C ILE A 13 -0.47 2.19 0.96
N TYR A 14 -1.35 1.28 0.52
CA TYR A 14 -1.90 0.17 1.31
C TYR A 14 -2.03 -1.12 0.47
N VAL A 15 -1.74 -2.27 1.09
CA VAL A 15 -2.04 -3.62 0.59
C VAL A 15 -2.51 -4.48 1.78
N GLY A 16 -3.59 -5.26 1.62
CA GLY A 16 -4.23 -6.02 2.69
C GLY A 16 -4.49 -7.49 2.37
N ASN A 17 -4.34 -8.35 3.38
CA ASN A 17 -4.33 -9.82 3.27
C ASN A 17 -3.28 -10.31 2.24
N LEU A 18 -2.10 -9.67 2.27
CA LEU A 18 -0.92 -10.02 1.47
C LEU A 18 -0.31 -11.39 1.86
N PRO A 19 0.40 -12.07 0.93
CA PRO A 19 1.02 -13.37 1.21
C PRO A 19 2.19 -13.26 2.21
N SER A 20 2.07 -13.97 3.33
CA SER A 20 3.00 -13.97 4.48
C SER A 20 3.16 -12.62 5.19
N HIS A 21 3.77 -12.61 6.38
CA HIS A 21 4.16 -11.39 7.10
C HIS A 21 5.45 -10.81 6.50
N VAL A 22 5.27 -9.96 5.47
CA VAL A 22 6.37 -9.30 4.73
C VAL A 22 7.23 -8.37 5.61
N SER A 23 8.51 -8.22 5.27
CA SER A 23 9.41 -7.23 5.88
C SER A 23 9.36 -5.91 5.11
N SER A 24 9.36 -4.77 5.80
CA SER A 24 9.22 -3.42 5.22
C SER A 24 10.27 -3.11 4.14
N ARG A 25 11.50 -3.61 4.32
CA ARG A 25 12.64 -3.46 3.39
C ARG A 25 12.48 -4.29 2.11
N ASP A 26 11.88 -5.48 2.21
CA ASP A 26 11.57 -6.34 1.07
C ASP A 26 10.41 -5.76 0.24
N VAL A 27 9.40 -5.18 0.90
CA VAL A 27 8.32 -4.44 0.21
C VAL A 27 8.90 -3.21 -0.51
N GLU A 28 9.75 -2.43 0.15
CA GLU A 28 10.47 -1.31 -0.48
C GLU A 28 11.21 -1.74 -1.75
N ASN A 29 11.99 -2.83 -1.68
CA ASN A 29 12.75 -3.35 -2.82
C ASN A 29 11.86 -3.79 -3.99
N GLU A 30 10.68 -4.39 -3.72
CA GLU A 30 9.72 -4.75 -4.78
C GLU A 30 8.97 -3.54 -5.36
N PHE A 31 8.56 -2.57 -4.53
CA PHE A 31 7.72 -1.45 -4.98
C PHE A 31 8.49 -0.35 -5.74
N ARG A 32 9.79 -0.14 -5.44
CA ARG A 32 10.55 1.05 -5.87
C ARG A 32 10.85 1.20 -7.36
N LYS A 33 10.43 0.28 -8.23
CA LYS A 33 10.70 0.34 -9.69
C LYS A 33 10.13 1.57 -10.40
N TYR A 34 9.04 2.16 -9.87
CA TYR A 34 8.43 3.38 -10.41
C TYR A 34 8.95 4.68 -9.77
N GLY A 35 9.38 4.66 -8.50
CA GLY A 35 9.82 5.84 -7.74
C GLY A 35 10.27 5.49 -6.32
N ASN A 36 10.85 6.45 -5.59
CA ASN A 36 11.40 6.21 -4.25
C ASN A 36 10.35 6.34 -3.13
N ILE A 37 10.50 5.47 -2.12
CA ILE A 37 9.84 5.54 -0.81
C ILE A 37 10.66 6.37 0.18
N LEU A 38 9.98 7.10 1.08
CA LEU A 38 10.57 7.84 2.20
C LEU A 38 10.49 7.07 3.53
N LYS A 39 9.36 6.38 3.78
CA LYS A 39 9.00 5.78 5.09
C LYS A 39 8.05 4.59 4.88
N CYS A 40 8.26 3.45 5.54
CA CYS A 40 7.39 2.27 5.40
C CYS A 40 7.20 1.50 6.73
N ASP A 41 6.07 0.81 6.86
CA ASP A 41 5.61 0.09 8.07
C ASP A 41 4.71 -1.11 7.68
N VAL A 42 4.67 -2.14 8.52
CA VAL A 42 3.88 -3.37 8.31
C VAL A 42 3.13 -3.75 9.60
N LYS A 43 1.88 -4.19 9.47
CA LYS A 43 0.89 -4.37 10.54
C LYS A 43 0.11 -5.68 10.41
N LYS A 44 -0.67 -6.03 11.44
CA LYS A 44 -1.55 -7.22 11.47
C LYS A 44 -2.82 -6.99 12.31
N THR A 45 -3.82 -7.84 12.10
CA THR A 45 -5.07 -7.89 12.90
C THR A 45 -5.18 -9.21 13.68
N VAL A 46 -5.98 -9.22 14.76
CA VAL A 46 -6.31 -10.42 15.55
C VAL A 46 -7.03 -11.51 14.75
N SER A 47 -7.64 -11.15 13.61
CA SER A 47 -8.19 -12.10 12.62
C SER A 47 -7.13 -12.86 11.81
N GLY A 48 -5.84 -12.56 12.00
CA GLY A 48 -4.69 -13.27 11.40
C GLY A 48 -4.19 -12.71 10.05
N ALA A 49 -4.93 -11.78 9.43
CA ALA A 49 -4.50 -11.06 8.23
C ALA A 49 -3.38 -10.04 8.53
N ALA A 50 -2.57 -9.71 7.51
CA ALA A 50 -1.49 -8.74 7.57
C ALA A 50 -1.64 -7.64 6.50
N PHE A 51 -1.02 -6.49 6.76
CA PHE A 51 -1.15 -5.25 5.99
C PHE A 51 0.21 -4.55 5.83
N ALA A 52 0.49 -3.91 4.69
CA ALA A 52 1.69 -3.10 4.49
C ALA A 52 1.36 -1.69 3.99
N PHE A 53 2.14 -0.70 4.45
CA PHE A 53 1.94 0.73 4.18
C PHE A 53 3.28 1.41 3.86
N ILE A 54 3.33 2.17 2.78
CA ILE A 54 4.57 2.63 2.14
C ILE A 54 4.40 4.07 1.61
N GLU A 55 5.24 5.01 2.06
CA GLU A 55 5.12 6.43 1.72
C GLU A 55 5.98 6.79 0.50
N PHE A 56 5.35 7.08 -0.64
CA PHE A 56 6.04 7.45 -1.88
C PHE A 56 6.25 8.96 -2.05
N GLU A 57 7.26 9.33 -2.83
CA GLU A 57 7.54 10.73 -3.20
C GLU A 57 6.55 11.32 -4.23
N ASP A 58 5.83 10.47 -4.98
CA ASP A 58 4.87 10.85 -6.02
C ASP A 58 3.76 9.80 -6.24
N ALA A 59 2.52 10.27 -6.45
CA ALA A 59 1.33 9.42 -6.52
C ALA A 59 1.17 8.68 -7.86
N ARG A 60 1.36 9.37 -9.00
CA ARG A 60 1.09 8.82 -10.35
C ARG A 60 1.97 7.63 -10.71
N ASP A 61 3.16 7.56 -10.13
CA ASP A 61 4.14 6.49 -10.32
C ASP A 61 3.72 5.20 -9.61
N ALA A 62 3.39 5.27 -8.32
CA ALA A 62 2.85 4.13 -7.57
C ALA A 62 1.40 3.76 -7.93
N ALA A 63 0.64 4.66 -8.57
CA ALA A 63 -0.66 4.34 -9.15
C ALA A 63 -0.57 3.25 -10.25
N ASP A 64 0.56 3.15 -10.95
CA ASP A 64 0.84 2.03 -11.88
C ASP A 64 1.11 0.70 -11.17
N ALA A 65 1.52 0.71 -9.90
CA ALA A 65 1.77 -0.49 -9.10
C ALA A 65 0.47 -1.13 -8.57
N ILE A 66 -0.49 -0.33 -8.08
CA ILE A 66 -1.76 -0.88 -7.58
C ILE A 66 -2.58 -1.52 -8.72
N LYS A 67 -2.60 -0.90 -9.93
CA LYS A 67 -3.38 -1.41 -11.07
C LYS A 67 -2.87 -2.72 -11.67
N GLU A 68 -1.57 -3.06 -11.51
CA GLU A 68 -1.05 -4.39 -11.90
C GLU A 68 -1.26 -5.47 -10.81
N LYS A 69 -1.49 -5.06 -9.55
CA LYS A 69 -1.84 -5.93 -8.41
C LYS A 69 -3.37 -6.09 -8.20
N ASP A 70 -4.19 -5.42 -9.01
CA ASP A 70 -5.62 -5.17 -8.74
C ASP A 70 -6.53 -6.41 -8.65
N GLY A 71 -7.77 -6.19 -8.19
CA GLY A 71 -8.81 -7.20 -7.98
C GLY A 71 -8.84 -7.73 -6.55
N CYS A 72 -9.59 -7.05 -5.68
CA CYS A 72 -9.93 -7.53 -4.34
C CYS A 72 -10.91 -8.72 -4.41
N ASP A 73 -10.85 -9.60 -3.41
CA ASP A 73 -11.69 -10.81 -3.30
C ASP A 73 -12.43 -10.88 -1.96
N PHE A 74 -13.65 -11.42 -2.00
CA PHE A 74 -14.61 -11.52 -0.89
C PHE A 74 -15.63 -12.65 -1.13
N GLU A 75 -16.38 -13.03 -0.09
CA GLU A 75 -17.43 -14.07 -0.11
C GLU A 75 -16.94 -15.49 -0.51
N GLY A 76 -15.63 -15.76 -0.36
CA GLY A 76 -15.01 -17.07 -0.62
C GLY A 76 -13.48 -16.98 -0.50
N ASN A 77 -12.86 -16.37 -1.51
CA ASN A 77 -11.48 -15.88 -1.45
C ASN A 77 -11.36 -14.62 -0.54
N LYS A 78 -10.12 -14.18 -0.26
CA LYS A 78 -9.81 -12.99 0.57
C LYS A 78 -8.56 -12.26 0.05
N LEU A 79 -8.70 -11.00 -0.34
CA LEU A 79 -7.62 -10.10 -0.80
C LEU A 79 -8.13 -8.64 -0.85
N ARG A 80 -7.27 -7.64 -0.57
CA ARG A 80 -7.58 -6.22 -0.80
C ARG A 80 -6.37 -5.41 -1.28
N VAL A 81 -6.62 -4.54 -2.25
CA VAL A 81 -5.64 -3.71 -2.97
C VAL A 81 -6.30 -2.37 -3.32
N GLU A 82 -5.79 -1.29 -2.74
CA GLU A 82 -6.44 0.03 -2.62
C GLU A 82 -5.38 1.05 -2.18
N VAL A 83 -5.24 2.19 -2.85
CA VAL A 83 -4.13 3.14 -2.60
C VAL A 83 -4.67 4.51 -2.11
N PRO A 84 -4.56 4.84 -0.80
CA PRO A 84 -5.16 6.06 -0.22
C PRO A 84 -4.38 7.36 -0.51
N PHE A 85 -3.97 7.56 -1.77
CA PHE A 85 -3.37 8.82 -2.27
C PHE A 85 -4.38 9.97 -2.41
N ASN A 86 -5.66 9.66 -2.62
CA ASN A 86 -6.76 10.62 -2.86
C ASN A 86 -6.47 11.61 -4.02
N ALA A 87 -5.76 11.13 -5.07
CA ALA A 87 -5.27 11.96 -6.18
C ALA A 87 -5.20 11.25 -7.55
N ARG A 88 -4.79 9.97 -7.59
CA ARG A 88 -4.45 9.24 -8.83
C ARG A 88 -5.13 7.87 -9.01
N GLU A 89 -6.07 7.50 -8.14
CA GLU A 89 -7.01 6.38 -8.36
C GLU A 89 -8.06 6.69 -9.44
N GLY A 1 -9.05 11.33 6.27
CA GLY A 1 -8.30 11.95 7.38
C GLY A 1 -6.91 11.37 7.52
N SER A 2 -6.01 12.08 8.22
CA SER A 2 -4.62 11.67 8.46
C SER A 2 -4.05 12.26 9.76
N HIS A 3 -3.06 11.57 10.34
CA HIS A 3 -2.52 11.84 11.70
C HIS A 3 -0.98 11.91 11.76
N MET A 4 -0.29 11.81 10.61
CA MET A 4 1.16 12.01 10.51
C MET A 4 1.52 13.51 10.48
N VAL A 5 2.77 13.86 10.82
CA VAL A 5 3.26 15.24 10.94
C VAL A 5 3.55 15.87 9.56
N ILE A 6 2.51 15.99 8.72
CA ILE A 6 2.54 16.57 7.36
C ILE A 6 1.33 17.51 7.20
N ARG A 7 1.58 18.80 6.98
CA ARG A 7 0.54 19.87 6.99
C ARG A 7 -0.50 19.72 5.87
N GLU A 8 -0.06 19.31 4.68
CA GLU A 8 -0.89 19.18 3.46
C GLU A 8 -1.46 17.76 3.25
N SER A 9 -1.37 16.88 4.25
CA SER A 9 -1.60 15.43 4.15
C SER A 9 -0.61 14.71 3.20
N VAL A 10 -0.67 13.38 3.13
CA VAL A 10 0.42 12.51 2.67
C VAL A 10 -0.06 11.36 1.76
N SER A 11 0.69 11.10 0.68
CA SER A 11 0.50 9.94 -0.20
C SER A 11 1.16 8.68 0.37
N ARG A 12 0.41 7.57 0.39
CA ARG A 12 0.86 6.26 0.87
C ARG A 12 0.02 5.11 0.27
N ILE A 13 0.70 4.05 -0.15
CA ILE A 13 0.09 2.82 -0.67
C ILE A 13 -0.39 1.95 0.51
N TYR A 14 -1.52 1.26 0.33
CA TYR A 14 -2.04 0.24 1.24
C TYR A 14 -2.20 -1.11 0.53
N VAL A 15 -1.75 -2.18 1.18
CA VAL A 15 -2.11 -3.56 0.85
C VAL A 15 -2.47 -4.31 2.14
N GLY A 16 -3.48 -5.17 2.06
CA GLY A 16 -4.08 -5.89 3.19
C GLY A 16 -4.36 -7.35 2.87
N ASN A 17 -4.74 -8.13 3.89
CA ASN A 17 -4.98 -9.58 3.79
C ASN A 17 -3.79 -10.32 3.14
N LEU A 18 -2.58 -9.78 3.27
CA LEU A 18 -1.42 -10.11 2.44
C LEU A 18 -0.78 -11.47 2.84
N PRO A 19 -0.11 -12.19 1.91
CA PRO A 19 0.46 -13.51 2.17
C PRO A 19 1.58 -13.46 3.22
N SER A 20 1.38 -14.13 4.35
CA SER A 20 2.26 -14.12 5.53
C SER A 20 2.63 -12.69 5.96
N HIS A 21 3.91 -12.30 5.92
CA HIS A 21 4.39 -10.94 6.17
C HIS A 21 5.71 -10.67 5.43
N VAL A 22 5.83 -9.46 4.88
CA VAL A 22 7.09 -8.91 4.30
C VAL A 22 7.86 -8.13 5.36
N SER A 23 9.20 -8.15 5.29
CA SER A 23 10.03 -7.22 6.09
C SER A 23 10.10 -5.83 5.45
N SER A 24 10.60 -4.86 6.19
CA SER A 24 10.89 -3.50 5.70
C SER A 24 11.85 -3.50 4.50
N ARG A 25 12.77 -4.48 4.43
CA ARG A 25 13.74 -4.65 3.34
C ARG A 25 13.09 -5.22 2.08
N ASP A 26 12.24 -6.24 2.24
CA ASP A 26 11.49 -6.86 1.13
C ASP A 26 10.51 -5.88 0.48
N VAL A 27 9.72 -5.16 1.30
CA VAL A 27 8.71 -4.22 0.80
C VAL A 27 9.35 -3.00 0.13
N GLU A 28 10.49 -2.50 0.64
CA GLU A 28 11.26 -1.44 -0.02
C GLU A 28 11.79 -1.89 -1.39
N ASN A 29 12.45 -3.05 -1.46
CA ASN A 29 13.01 -3.59 -2.70
C ASN A 29 11.94 -3.95 -3.74
N GLU A 30 10.73 -4.32 -3.31
CA GLU A 30 9.57 -4.55 -4.19
C GLU A 30 8.97 -3.23 -4.72
N PHE A 31 8.63 -2.28 -3.83
CA PHE A 31 7.93 -1.05 -4.23
C PHE A 31 8.81 -0.01 -4.95
N ARG A 32 10.15 -0.10 -4.88
CA ARG A 32 11.05 0.83 -5.59
C ARG A 32 10.81 0.92 -7.11
N LYS A 33 10.29 -0.14 -7.75
CA LYS A 33 9.95 -0.14 -9.19
C LYS A 33 8.65 0.63 -9.51
N TYR A 34 7.76 0.76 -8.53
CA TYR A 34 6.50 1.52 -8.63
C TYR A 34 6.77 3.03 -8.52
N GLY A 35 7.75 3.43 -7.69
CA GLY A 35 8.21 4.81 -7.53
C GLY A 35 9.03 5.02 -6.24
N ASN A 36 9.27 6.28 -5.90
CA ASN A 36 10.06 6.64 -4.72
C ASN A 36 9.28 6.41 -3.41
N ILE A 37 9.61 5.32 -2.73
CA ILE A 37 9.26 5.02 -1.33
C ILE A 37 10.07 5.90 -0.37
N LEU A 38 9.42 6.50 0.62
CA LEU A 38 10.08 7.27 1.70
C LEU A 38 10.25 6.45 2.99
N LYS A 39 9.21 5.68 3.37
CA LYS A 39 9.10 4.92 4.62
C LYS A 39 8.09 3.78 4.45
N CYS A 40 8.27 2.67 5.18
CA CYS A 40 7.40 1.50 5.13
C CYS A 40 7.23 0.86 6.53
N ASP A 41 6.07 0.23 6.76
CA ASP A 41 5.76 -0.55 7.97
C ASP A 41 4.64 -1.57 7.73
N VAL A 42 4.59 -2.61 8.56
CA VAL A 42 3.58 -3.69 8.52
C VAL A 42 2.95 -3.88 9.91
N LYS A 43 1.62 -3.95 9.96
CA LYS A 43 0.80 -4.07 11.19
C LYS A 43 -0.21 -5.22 11.07
N LYS A 44 -0.93 -5.51 12.16
CA LYS A 44 -1.98 -6.54 12.22
C LYS A 44 -3.17 -6.14 13.10
N THR A 45 -4.36 -6.62 12.75
CA THR A 45 -5.58 -6.50 13.59
C THR A 45 -5.66 -7.66 14.60
N VAL A 46 -6.43 -7.47 15.67
CA VAL A 46 -6.84 -8.53 16.62
C VAL A 46 -7.60 -9.69 15.94
N SER A 47 -8.23 -9.43 14.77
CA SER A 47 -8.85 -10.44 13.91
C SER A 47 -7.85 -11.36 13.18
N GLY A 48 -6.55 -11.01 13.21
CA GLY A 48 -5.43 -11.83 12.72
C GLY A 48 -4.92 -11.49 11.30
N ALA A 49 -5.64 -10.64 10.54
CA ALA A 49 -5.18 -10.17 9.23
C ALA A 49 -4.01 -9.15 9.35
N ALA A 50 -3.12 -9.15 8.36
CA ALA A 50 -1.96 -8.25 8.27
C ALA A 50 -2.11 -7.21 7.15
N PHE A 51 -1.49 -6.03 7.36
CA PHE A 51 -1.57 -4.86 6.48
C PHE A 51 -0.20 -4.18 6.35
N ALA A 52 0.25 -3.91 5.12
CA ALA A 52 1.47 -3.16 4.84
C ALA A 52 1.13 -1.77 4.27
N PHE A 53 1.85 -0.76 4.74
CA PHE A 53 1.69 0.64 4.33
C PHE A 53 3.04 1.25 3.94
N ILE A 54 3.04 2.00 2.83
CA ILE A 54 4.27 2.48 2.17
C ILE A 54 4.10 3.96 1.77
N GLU A 55 4.79 4.87 2.45
CA GLU A 55 4.79 6.31 2.16
C GLU A 55 5.47 6.60 0.79
N PHE A 56 4.83 7.43 -0.05
CA PHE A 56 5.18 7.57 -1.47
C PHE A 56 5.26 9.04 -1.93
N GLU A 57 6.19 9.33 -2.84
CA GLU A 57 6.43 10.69 -3.37
C GLU A 57 5.52 11.06 -4.56
N ASP A 58 5.31 10.13 -5.50
CA ASP A 58 4.71 10.38 -6.83
C ASP A 58 3.48 9.51 -7.07
N ALA A 59 2.31 9.96 -6.62
CA ALA A 59 1.04 9.21 -6.66
C ALA A 59 0.60 8.79 -8.09
N ARG A 60 0.73 9.66 -9.10
CA ARG A 60 0.37 9.32 -10.49
C ARG A 60 1.31 8.28 -11.10
N ASP A 61 2.61 8.41 -10.85
CA ASP A 61 3.63 7.47 -11.34
C ASP A 61 3.46 6.10 -10.69
N ALA A 62 3.17 6.08 -9.38
CA ALA A 62 2.84 4.87 -8.63
C ALA A 62 1.56 4.18 -9.14
N ALA A 63 0.49 4.93 -9.42
CA ALA A 63 -0.80 4.39 -9.83
C ALA A 63 -0.72 3.47 -11.07
N ASP A 64 0.08 3.85 -12.07
CA ASP A 64 0.28 3.05 -13.30
C ASP A 64 0.97 1.70 -13.04
N ALA A 65 1.77 1.58 -11.97
CA ALA A 65 2.38 0.34 -11.52
C ALA A 65 1.51 -0.42 -10.49
N ILE A 66 0.76 0.29 -9.64
CA ILE A 66 -0.11 -0.31 -8.61
C ILE A 66 -1.33 -1.00 -9.24
N LYS A 67 -1.88 -0.47 -10.34
CA LYS A 67 -3.12 -0.97 -10.95
C LYS A 67 -3.01 -2.38 -11.54
N GLU A 68 -1.81 -2.86 -11.89
CA GLU A 68 -1.63 -4.27 -12.28
C GLU A 68 -1.77 -5.26 -11.11
N LYS A 69 -1.74 -4.79 -9.84
CA LYS A 69 -2.05 -5.58 -8.64
C LYS A 69 -3.53 -5.50 -8.21
N ASP A 70 -4.40 -4.81 -8.96
CA ASP A 70 -5.80 -4.57 -8.57
C ASP A 70 -6.68 -5.84 -8.57
N GLY A 71 -7.90 -5.71 -8.04
CA GLY A 71 -8.86 -6.80 -7.88
C GLY A 71 -8.56 -7.67 -6.65
N CYS A 72 -9.05 -7.24 -5.48
CA CYS A 72 -8.92 -7.98 -4.22
C CYS A 72 -9.66 -9.34 -4.25
N ASP A 73 -9.24 -10.27 -3.39
CA ASP A 73 -9.72 -11.65 -3.36
C ASP A 73 -9.76 -12.23 -1.93
N PHE A 74 -10.74 -13.10 -1.68
CA PHE A 74 -11.16 -13.55 -0.35
C PHE A 74 -11.77 -14.97 -0.39
N GLU A 75 -12.18 -15.52 0.76
CA GLU A 75 -12.96 -16.77 0.87
C GLU A 75 -12.28 -18.00 0.18
N GLY A 76 -11.12 -18.39 0.71
CA GLY A 76 -10.24 -19.44 0.14
C GLY A 76 -9.02 -18.88 -0.62
N ASN A 77 -9.04 -17.59 -0.93
CA ASN A 77 -7.90 -16.76 -1.35
C ASN A 77 -7.72 -15.58 -0.36
N LYS A 78 -6.56 -14.92 -0.38
CA LYS A 78 -6.19 -13.89 0.61
C LYS A 78 -5.23 -12.84 0.00
N LEU A 79 -5.79 -11.73 -0.49
CA LEU A 79 -5.06 -10.53 -0.95
C LEU A 79 -6.02 -9.34 -1.13
N ARG A 80 -5.61 -8.13 -0.70
CA ARG A 80 -6.35 -6.88 -0.91
C ARG A 80 -5.39 -5.72 -1.20
N VAL A 81 -5.77 -4.87 -2.16
CA VAL A 81 -4.94 -3.77 -2.69
C VAL A 81 -5.83 -2.56 -3.00
N GLU A 82 -5.50 -1.40 -2.44
CA GLU A 82 -6.20 -0.13 -2.73
C GLU A 82 -5.29 1.07 -2.39
N VAL A 83 -5.17 2.03 -3.31
CA VAL A 83 -4.45 3.29 -3.07
C VAL A 83 -5.41 4.40 -2.66
N PRO A 84 -5.43 4.86 -1.38
CA PRO A 84 -6.39 5.86 -0.91
C PRO A 84 -6.21 7.24 -1.57
N PHE A 85 -5.02 7.54 -2.11
CA PHE A 85 -4.75 8.72 -2.93
C PHE A 85 -5.31 8.64 -4.36
N ASN A 86 -5.58 7.44 -4.88
CA ASN A 86 -5.91 7.10 -6.28
C ASN A 86 -4.83 7.51 -7.30
N ALA A 87 -4.64 8.80 -7.55
CA ALA A 87 -3.61 9.39 -8.43
C ALA A 87 -3.39 10.89 -8.09
N ARG A 88 -2.30 11.49 -8.60
CA ARG A 88 -1.99 12.95 -8.45
C ARG A 88 -2.82 13.83 -9.41
N GLU A 89 -4.14 13.64 -9.42
CA GLU A 89 -5.12 14.27 -10.34
C GLU A 89 -6.46 14.59 -9.66
N GLY A 1 -10.28 11.40 4.59
CA GLY A 1 -9.95 12.83 4.38
C GLY A 1 -9.23 13.41 5.60
N SER A 2 -8.02 13.95 5.40
CA SER A 2 -7.14 14.42 6.49
C SER A 2 -7.70 15.63 7.26
N HIS A 3 -8.30 16.59 6.55
CA HIS A 3 -8.91 17.82 7.11
C HIS A 3 -7.98 18.63 8.04
N MET A 4 -6.75 18.87 7.59
CA MET A 4 -5.70 19.60 8.30
C MET A 4 -5.31 20.93 7.62
N VAL A 5 -4.70 21.84 8.39
CA VAL A 5 -4.29 23.19 7.99
C VAL A 5 -2.81 23.42 8.32
N ILE A 6 -2.05 24.02 7.39
CA ILE A 6 -0.59 24.24 7.46
C ILE A 6 0.15 22.90 7.68
N ARG A 7 -0.15 21.91 6.81
CA ARG A 7 0.53 20.60 6.71
C ARG A 7 0.42 20.05 5.28
N GLU A 8 1.50 19.48 4.76
CA GLU A 8 1.55 18.85 3.43
C GLU A 8 0.87 17.46 3.43
N SER A 9 0.06 17.17 2.41
CA SER A 9 -0.63 15.88 2.25
C SER A 9 0.35 14.75 1.92
N VAL A 10 0.31 13.65 2.69
CA VAL A 10 1.22 12.50 2.56
C VAL A 10 0.59 11.39 1.70
N SER A 11 1.20 11.07 0.56
CA SER A 11 0.82 9.92 -0.26
C SER A 11 1.37 8.59 0.31
N ARG A 12 0.56 7.52 0.28
CA ARG A 12 0.97 6.17 0.69
C ARG A 12 0.14 5.06 0.04
N ILE A 13 0.77 3.94 -0.31
CA ILE A 13 0.11 2.69 -0.75
C ILE A 13 -0.42 1.93 0.48
N TYR A 14 -1.52 1.19 0.30
CA TYR A 14 -2.06 0.21 1.23
C TYR A 14 -2.17 -1.19 0.58
N VAL A 15 -1.88 -2.24 1.34
CA VAL A 15 -2.16 -3.65 0.99
C VAL A 15 -2.75 -4.36 2.20
N GLY A 16 -3.90 -5.02 2.04
CA GLY A 16 -4.67 -5.65 3.13
C GLY A 16 -4.77 -7.16 3.03
N ASN A 17 -4.99 -7.80 4.18
CA ASN A 17 -5.00 -9.26 4.34
C ASN A 17 -3.71 -9.90 3.77
N LEU A 18 -2.58 -9.25 4.04
CA LEU A 18 -1.27 -9.44 3.40
C LEU A 18 -0.74 -10.88 3.55
N PRO A 19 -0.45 -11.62 2.45
CA PRO A 19 0.29 -12.88 2.49
C PRO A 19 1.80 -12.65 2.68
N SER A 20 2.54 -13.70 3.06
CA SER A 20 4.02 -13.76 3.21
C SER A 20 4.66 -12.86 4.29
N HIS A 21 4.00 -11.76 4.68
CA HIS A 21 4.41 -10.82 5.76
C HIS A 21 5.82 -10.24 5.53
N VAL A 22 6.01 -9.61 4.37
CA VAL A 22 7.27 -8.98 3.94
C VAL A 22 7.84 -7.99 4.97
N SER A 23 9.12 -8.12 5.29
CA SER A 23 9.86 -7.21 6.17
C SER A 23 10.14 -5.86 5.51
N SER A 24 10.56 -4.84 6.26
CA SER A 24 10.91 -3.51 5.73
C SER A 24 11.97 -3.56 4.62
N ARG A 25 12.96 -4.46 4.75
CA ARG A 25 14.02 -4.72 3.75
C ARG A 25 13.47 -5.31 2.44
N ASP A 26 12.43 -6.13 2.53
CA ASP A 26 11.79 -6.79 1.38
C ASP A 26 10.81 -5.86 0.66
N VAL A 27 9.93 -5.17 1.42
CA VAL A 27 8.90 -4.28 0.86
C VAL A 27 9.51 -3.02 0.22
N GLU A 28 10.67 -2.56 0.68
CA GLU A 28 11.48 -1.54 -0.02
C GLU A 28 11.83 -2.01 -1.44
N ASN A 29 12.55 -3.13 -1.57
CA ASN A 29 13.04 -3.63 -2.87
C ASN A 29 11.89 -4.03 -3.81
N GLU A 30 10.74 -4.44 -3.27
CA GLU A 30 9.51 -4.63 -4.05
C GLU A 30 8.96 -3.31 -4.61
N PHE A 31 8.78 -2.29 -3.76
CA PHE A 31 8.11 -1.04 -4.16
C PHE A 31 8.98 -0.03 -4.92
N ARG A 32 10.33 -0.08 -4.87
CA ARG A 32 11.19 0.87 -5.61
C ARG A 32 10.91 0.92 -7.12
N LYS A 33 10.42 -0.17 -7.74
CA LYS A 33 10.01 -0.20 -9.16
C LYS A 33 8.69 0.54 -9.45
N TYR A 34 7.79 0.60 -8.45
CA TYR A 34 6.53 1.35 -8.51
C TYR A 34 6.80 2.87 -8.38
N GLY A 35 7.77 3.24 -7.56
CA GLY A 35 8.22 4.62 -7.33
C GLY A 35 9.09 4.74 -6.07
N ASN A 36 9.59 5.93 -5.78
CA ASN A 36 10.52 6.15 -4.66
C ASN A 36 9.77 6.20 -3.30
N ILE A 37 10.08 5.24 -2.43
CA ILE A 37 9.57 5.11 -1.06
C ILE A 37 10.35 6.03 -0.08
N LEU A 38 9.63 6.67 0.85
CA LEU A 38 10.21 7.46 1.96
C LEU A 38 10.29 6.66 3.27
N LYS A 39 9.23 5.91 3.60
CA LYS A 39 9.08 5.11 4.83
C LYS A 39 8.08 3.97 4.61
N CYS A 40 8.27 2.81 5.25
CA CYS A 40 7.39 1.65 5.13
C CYS A 40 7.28 0.87 6.45
N ASP A 41 6.13 0.24 6.69
CA ASP A 41 5.90 -0.66 7.83
C ASP A 41 4.70 -1.58 7.58
N VAL A 42 4.62 -2.67 8.37
CA VAL A 42 3.54 -3.67 8.33
C VAL A 42 2.92 -3.83 9.73
N LYS A 43 1.60 -3.73 9.81
CA LYS A 43 0.79 -3.87 11.04
C LYS A 43 -0.05 -5.16 11.00
N LYS A 44 -0.66 -5.52 12.14
CA LYS A 44 -1.62 -6.63 12.26
C LYS A 44 -2.76 -6.32 13.23
N THR A 45 -3.94 -6.89 12.97
CA THR A 45 -5.11 -6.86 13.88
C THR A 45 -5.09 -8.07 14.84
N VAL A 46 -5.80 -7.95 15.97
CA VAL A 46 -6.09 -9.08 16.89
C VAL A 46 -6.89 -10.21 16.23
N SER A 47 -7.57 -9.94 15.11
CA SER A 47 -8.22 -10.95 14.25
C SER A 47 -7.22 -11.82 13.44
N GLY A 48 -5.93 -11.42 13.41
CA GLY A 48 -4.81 -12.18 12.81
C GLY A 48 -4.41 -11.76 11.39
N ALA A 49 -5.20 -10.93 10.71
CA ALA A 49 -4.84 -10.35 9.40
C ALA A 49 -3.73 -9.28 9.52
N ALA A 50 -2.92 -9.15 8.46
CA ALA A 50 -1.82 -8.18 8.36
C ALA A 50 -2.06 -7.14 7.24
N PHE A 51 -1.42 -5.98 7.36
CA PHE A 51 -1.60 -4.82 6.48
C PHE A 51 -0.27 -4.08 6.26
N ALA A 52 0.16 -3.89 5.00
CA ALA A 52 1.33 -3.09 4.64
C ALA A 52 0.95 -1.65 4.26
N PHE A 53 1.79 -0.69 4.67
CA PHE A 53 1.66 0.72 4.31
C PHE A 53 3.04 1.28 3.87
N ILE A 54 3.07 1.99 2.74
CA ILE A 54 4.31 2.42 2.07
C ILE A 54 4.19 3.88 1.61
N GLU A 55 4.89 4.80 2.27
CA GLU A 55 4.88 6.25 2.03
C GLU A 55 5.68 6.63 0.77
N PHE A 56 5.09 7.46 -0.09
CA PHE A 56 5.52 7.72 -1.48
C PHE A 56 5.55 9.21 -1.85
N GLU A 57 6.36 9.59 -2.84
CA GLU A 57 6.48 10.98 -3.32
C GLU A 57 5.58 11.33 -4.53
N ASP A 58 5.30 10.37 -5.43
CA ASP A 58 4.51 10.59 -6.66
C ASP A 58 3.34 9.60 -6.79
N ALA A 59 2.12 10.09 -6.53
CA ALA A 59 0.87 9.31 -6.57
C ALA A 59 0.53 8.76 -7.96
N ARG A 60 0.46 9.62 -8.98
CA ARG A 60 0.04 9.22 -10.35
C ARG A 60 1.05 8.34 -11.08
N ASP A 61 2.33 8.43 -10.73
CA ASP A 61 3.38 7.52 -11.21
C ASP A 61 3.20 6.11 -10.59
N ALA A 62 2.97 6.04 -9.27
CA ALA A 62 2.72 4.79 -8.55
C ALA A 62 1.41 4.11 -8.98
N ALA A 63 0.36 4.88 -9.30
CA ALA A 63 -0.95 4.35 -9.70
C ALA A 63 -0.86 3.41 -10.92
N ASP A 64 -0.04 3.73 -11.92
CA ASP A 64 0.16 2.89 -13.11
C ASP A 64 0.84 1.54 -12.80
N ALA A 65 1.67 1.49 -11.74
CA ALA A 65 2.31 0.26 -11.26
C ALA A 65 1.44 -0.52 -10.25
N ILE A 66 0.57 0.15 -9.48
CA ILE A 66 -0.35 -0.49 -8.53
C ILE A 66 -1.56 -1.11 -9.26
N LYS A 67 -2.09 -0.47 -10.32
CA LYS A 67 -3.26 -0.96 -11.06
C LYS A 67 -3.04 -2.28 -11.80
N GLU A 68 -1.80 -2.62 -12.18
CA GLU A 68 -1.48 -3.94 -12.75
C GLU A 68 -1.53 -5.09 -11.70
N LYS A 69 -1.69 -4.78 -10.41
CA LYS A 69 -1.97 -5.75 -9.33
C LYS A 69 -3.47 -5.90 -9.01
N ASP A 70 -4.37 -5.17 -9.68
CA ASP A 70 -5.78 -5.02 -9.29
C ASP A 70 -6.63 -6.30 -9.33
N GLY A 71 -7.86 -6.20 -8.82
CA GLY A 71 -8.78 -7.33 -8.59
C GLY A 71 -8.55 -7.94 -7.21
N CYS A 72 -9.09 -7.31 -6.17
CA CYS A 72 -8.93 -7.73 -4.77
C CYS A 72 -9.54 -9.12 -4.49
N ASP A 73 -8.84 -9.91 -3.69
CA ASP A 73 -9.22 -11.27 -3.29
C ASP A 73 -9.80 -11.30 -1.87
N PHE A 74 -10.98 -11.92 -1.75
CA PHE A 74 -11.79 -12.07 -0.54
C PHE A 74 -12.60 -13.39 -0.60
N GLU A 75 -13.33 -13.74 0.47
CA GLU A 75 -14.14 -14.96 0.61
C GLU A 75 -13.31 -16.25 0.39
N GLY A 76 -12.59 -16.68 1.44
CA GLY A 76 -11.65 -17.80 1.40
C GLY A 76 -10.26 -17.42 0.84
N ASN A 77 -10.23 -16.64 -0.25
CA ASN A 77 -9.03 -15.95 -0.71
C ASN A 77 -8.76 -14.69 0.14
N LYS A 78 -7.49 -14.25 0.23
CA LYS A 78 -7.06 -13.05 0.96
C LYS A 78 -5.91 -12.33 0.23
N LEU A 79 -6.24 -11.23 -0.47
CA LEU A 79 -5.27 -10.30 -1.08
C LEU A 79 -5.99 -9.00 -1.47
N ARG A 80 -6.18 -8.08 -0.52
CA ARG A 80 -6.82 -6.77 -0.76
C ARG A 80 -5.79 -5.73 -1.24
N VAL A 81 -6.13 -4.98 -2.29
CA VAL A 81 -5.28 -3.95 -2.89
C VAL A 81 -6.14 -2.72 -3.25
N GLU A 82 -5.75 -1.56 -2.72
CA GLU A 82 -6.40 -0.25 -2.93
C GLU A 82 -5.43 0.86 -2.50
N VAL A 83 -5.55 2.07 -3.06
CA VAL A 83 -4.74 3.24 -2.65
C VAL A 83 -5.61 4.47 -2.38
N PRO A 84 -5.38 5.22 -1.28
CA PRO A 84 -6.15 6.43 -0.95
C PRO A 84 -5.89 7.59 -1.92
N PHE A 85 -4.75 7.59 -2.63
CA PHE A 85 -4.36 8.62 -3.60
C PHE A 85 -4.99 8.47 -5.00
N ASN A 86 -5.98 7.57 -5.19
CA ASN A 86 -6.66 7.30 -6.46
C ASN A 86 -7.63 8.43 -6.90
N ALA A 87 -7.11 9.66 -7.01
CA ALA A 87 -7.83 10.89 -7.36
C ALA A 87 -6.89 11.91 -8.06
N ARG A 88 -5.96 11.42 -8.90
CA ARG A 88 -4.79 12.14 -9.43
C ARG A 88 -4.75 12.24 -10.97
N GLU A 89 -5.92 12.23 -11.60
CA GLU A 89 -6.15 12.37 -13.06
C GLU A 89 -6.98 13.61 -13.44
N GLY A 1 -12.85 -2.75 13.31
CA GLY A 1 -11.59 -1.98 13.41
C GLY A 1 -11.33 -1.52 14.84
N SER A 2 -10.72 -0.34 15.00
CA SER A 2 -10.43 0.26 16.32
C SER A 2 -10.35 1.80 16.27
N HIS A 3 -9.59 2.35 15.31
CA HIS A 3 -9.39 3.80 15.09
C HIS A 3 -9.03 4.10 13.62
N MET A 4 -9.13 5.38 13.22
CA MET A 4 -8.90 5.82 11.83
C MET A 4 -7.52 6.49 11.62
N VAL A 5 -7.16 7.50 12.43
CA VAL A 5 -5.84 8.15 12.44
C VAL A 5 -5.34 8.57 11.04
N ILE A 6 -6.15 9.39 10.33
CA ILE A 6 -5.90 9.82 8.94
C ILE A 6 -4.73 10.81 8.76
N ARG A 7 -4.08 11.24 9.84
CA ARG A 7 -3.05 12.31 9.90
C ARG A 7 -1.61 11.78 9.98
N GLU A 8 -0.64 12.68 10.16
CA GLU A 8 0.82 12.46 10.31
C GLU A 8 1.54 11.92 9.04
N SER A 9 0.83 11.78 7.93
CA SER A 9 1.31 11.40 6.59
C SER A 9 0.31 11.86 5.52
N VAL A 10 0.72 11.91 4.25
CA VAL A 10 -0.11 12.46 3.13
C VAL A 10 -0.37 11.46 2.00
N SER A 11 0.66 10.88 1.41
CA SER A 11 0.58 10.03 0.21
C SER A 11 1.07 8.60 0.50
N ARG A 12 0.16 7.61 0.51
CA ARG A 12 0.44 6.25 1.02
C ARG A 12 -0.15 5.13 0.17
N ILE A 13 0.55 3.99 0.12
CA ILE A 13 0.03 2.68 -0.28
C ILE A 13 -0.67 2.01 0.91
N TYR A 14 -1.68 1.18 0.62
CA TYR A 14 -2.31 0.24 1.55
C TYR A 14 -2.50 -1.14 0.89
N VAL A 15 -2.41 -2.22 1.68
CA VAL A 15 -2.79 -3.59 1.29
C VAL A 15 -3.64 -4.21 2.40
N GLY A 16 -4.85 -4.64 2.07
CA GLY A 16 -5.80 -5.26 2.99
C GLY A 16 -5.66 -6.78 3.07
N ASN A 17 -5.71 -7.33 4.29
CA ASN A 17 -5.66 -8.77 4.55
C ASN A 17 -4.44 -9.45 3.91
N LEU A 18 -3.27 -8.80 4.07
CA LEU A 18 -2.00 -9.11 3.42
C LEU A 18 -1.61 -10.60 3.55
N PRO A 19 -1.36 -11.33 2.43
CA PRO A 19 -0.92 -12.72 2.47
C PRO A 19 0.53 -12.83 2.97
N SER A 20 0.72 -13.48 4.11
CA SER A 20 1.99 -13.57 4.88
C SER A 20 2.53 -12.21 5.38
N HIS A 21 3.44 -12.23 6.35
CA HIS A 21 4.12 -11.03 6.86
C HIS A 21 5.35 -10.71 5.99
N VAL A 22 5.23 -9.68 5.14
CA VAL A 22 6.31 -9.21 4.26
C VAL A 22 7.33 -8.36 5.03
N SER A 23 8.60 -8.43 4.65
CA SER A 23 9.67 -7.60 5.22
C SER A 23 9.70 -6.21 4.58
N SER A 24 9.98 -5.18 5.40
CA SER A 24 10.02 -3.76 5.01
C SER A 24 10.97 -3.50 3.83
N ARG A 25 12.25 -3.85 4.00
CA ARG A 25 13.33 -3.75 3.00
C ARG A 25 13.11 -4.59 1.72
N ASP A 26 12.36 -5.69 1.80
CA ASP A 26 12.02 -6.50 0.62
C ASP A 26 10.93 -5.83 -0.23
N VAL A 27 9.89 -5.27 0.40
CA VAL A 27 8.87 -4.45 -0.31
C VAL A 27 9.50 -3.18 -0.88
N GLU A 28 10.37 -2.51 -0.12
CA GLU A 28 11.16 -1.37 -0.61
C GLU A 28 11.92 -1.73 -1.89
N ASN A 29 12.71 -2.81 -1.88
CA ASN A 29 13.53 -3.21 -3.02
C ASN A 29 12.70 -3.55 -4.28
N GLU A 30 11.50 -4.13 -4.13
CA GLU A 30 10.56 -4.33 -5.24
C GLU A 30 9.97 -3.00 -5.74
N PHE A 31 9.59 -2.09 -4.84
CA PHE A 31 8.88 -0.86 -5.18
C PHE A 31 9.76 0.31 -5.64
N ARG A 32 11.10 0.26 -5.48
CA ARG A 32 12.02 1.33 -5.95
C ARG A 32 11.87 1.71 -7.43
N LYS A 33 11.39 0.79 -8.29
CA LYS A 33 11.09 1.07 -9.71
C LYS A 33 9.89 2.00 -9.94
N TYR A 34 9.07 2.29 -8.92
CA TYR A 34 7.96 3.26 -8.96
C TYR A 34 8.30 4.61 -8.29
N GLY A 35 9.57 4.83 -7.90
CA GLY A 35 10.06 6.08 -7.31
C GLY A 35 10.75 5.93 -5.95
N ASN A 36 11.02 7.04 -5.27
CA ASN A 36 11.62 7.06 -3.93
C ASN A 36 10.57 6.93 -2.82
N ILE A 37 10.58 5.78 -2.15
CA ILE A 37 9.84 5.48 -0.91
C ILE A 37 10.42 6.30 0.26
N LEU A 38 9.56 6.84 1.13
CA LEU A 38 9.97 7.57 2.34
C LEU A 38 10.17 6.60 3.53
N LYS A 39 9.14 5.81 3.87
CA LYS A 39 9.22 4.67 4.81
C LYS A 39 8.11 3.65 4.56
N CYS A 40 8.31 2.42 5.04
CA CYS A 40 7.34 1.32 4.98
C CYS A 40 7.26 0.58 6.33
N ASP A 41 6.08 0.03 6.64
CA ASP A 41 5.90 -0.90 7.77
C ASP A 41 4.64 -1.77 7.61
N VAL A 42 4.52 -2.80 8.43
CA VAL A 42 3.45 -3.80 8.39
C VAL A 42 2.83 -3.98 9.78
N LYS A 43 1.49 -3.89 9.85
CA LYS A 43 0.69 -3.99 11.08
C LYS A 43 -0.22 -5.23 11.04
N LYS A 44 -0.86 -5.56 12.17
CA LYS A 44 -1.88 -6.63 12.26
C LYS A 44 -2.97 -6.32 13.29
N THR A 45 -4.17 -6.83 13.05
CA THR A 45 -5.29 -6.81 14.03
C THR A 45 -5.28 -8.08 14.90
N VAL A 46 -5.91 -8.00 16.08
CA VAL A 46 -6.19 -9.16 16.96
C VAL A 46 -7.07 -10.23 16.28
N SER A 47 -7.83 -9.84 15.24
CA SER A 47 -8.59 -10.77 14.37
C SER A 47 -7.68 -11.66 13.47
N GLY A 48 -6.38 -11.33 13.38
CA GLY A 48 -5.34 -12.14 12.71
C GLY A 48 -4.93 -11.66 11.31
N ALA A 49 -5.69 -10.74 10.69
CA ALA A 49 -5.33 -10.14 9.41
C ALA A 49 -4.14 -9.15 9.53
N ALA A 50 -3.25 -9.15 8.54
CA ALA A 50 -2.12 -8.22 8.42
C ALA A 50 -2.39 -7.12 7.37
N PHE A 51 -1.64 -6.00 7.46
CA PHE A 51 -1.78 -4.83 6.59
C PHE A 51 -0.43 -4.16 6.30
N ALA A 52 -0.03 -4.06 5.04
CA ALA A 52 1.17 -3.30 4.63
C ALA A 52 0.82 -1.84 4.28
N PHE A 53 1.70 -0.91 4.67
CA PHE A 53 1.61 0.51 4.34
C PHE A 53 2.98 1.09 3.99
N ILE A 54 3.03 1.95 2.96
CA ILE A 54 4.26 2.58 2.44
C ILE A 54 3.99 4.05 2.09
N GLU A 55 4.75 4.98 2.65
CA GLU A 55 4.69 6.41 2.28
C GLU A 55 5.54 6.68 1.02
N PHE A 56 4.99 7.41 0.03
CA PHE A 56 5.56 7.51 -1.32
C PHE A 56 5.45 8.92 -1.93
N GLU A 57 6.41 9.29 -2.78
CA GLU A 57 6.58 10.68 -3.26
C GLU A 57 5.75 11.09 -4.50
N ASP A 58 5.23 10.14 -5.29
CA ASP A 58 4.42 10.44 -6.49
C ASP A 58 3.30 9.41 -6.73
N ALA A 59 2.06 9.89 -6.68
CA ALA A 59 0.84 9.11 -6.92
C ALA A 59 0.78 8.46 -8.31
N ARG A 60 1.24 9.16 -9.35
CA ARG A 60 1.08 8.73 -10.75
C ARG A 60 2.13 7.73 -11.20
N ASP A 61 3.32 7.78 -10.60
CA ASP A 61 4.35 6.73 -10.75
C ASP A 61 3.97 5.48 -9.93
N ALA A 62 3.47 5.66 -8.70
CA ALA A 62 2.96 4.57 -7.85
C ALA A 62 1.69 3.88 -8.41
N ALA A 63 0.90 4.56 -9.24
CA ALA A 63 -0.33 4.00 -9.84
C ALA A 63 -0.08 2.74 -10.70
N ASP A 64 1.10 2.62 -11.31
CA ASP A 64 1.49 1.43 -12.07
C ASP A 64 1.67 0.17 -11.20
N ALA A 65 1.85 0.31 -9.88
CA ALA A 65 1.87 -0.80 -8.94
C ALA A 65 0.44 -1.32 -8.66
N ILE A 66 -0.46 -0.47 -8.14
CA ILE A 66 -1.81 -0.90 -7.73
C ILE A 66 -2.57 -1.54 -8.91
N LYS A 67 -2.47 -1.00 -10.12
CA LYS A 67 -3.16 -1.53 -11.32
C LYS A 67 -2.70 -2.92 -11.77
N GLU A 68 -1.53 -3.41 -11.34
CA GLU A 68 -1.11 -4.81 -11.56
C GLU A 68 -1.34 -5.72 -10.34
N LYS A 69 -1.38 -5.15 -9.12
CA LYS A 69 -1.72 -5.86 -7.87
C LYS A 69 -3.24 -5.96 -7.61
N ASP A 70 -4.08 -5.41 -8.51
CA ASP A 70 -5.53 -5.23 -8.34
C ASP A 70 -6.37 -6.53 -8.27
N GLY A 71 -7.69 -6.36 -8.09
CA GLY A 71 -8.66 -7.44 -7.86
C GLY A 71 -8.93 -7.64 -6.38
N CYS A 72 -9.60 -6.66 -5.75
CA CYS A 72 -9.94 -6.68 -4.33
C CYS A 72 -10.96 -7.80 -4.01
N ASP A 73 -10.56 -8.74 -3.15
CA ASP A 73 -11.39 -9.87 -2.72
C ASP A 73 -12.25 -9.55 -1.48
N PHE A 74 -13.52 -9.96 -1.55
CA PHE A 74 -14.54 -9.88 -0.50
C PHE A 74 -15.52 -11.06 -0.63
N GLU A 75 -16.41 -11.25 0.36
CA GLU A 75 -17.44 -12.31 0.42
C GLU A 75 -16.87 -13.75 0.30
N GLY A 76 -16.37 -14.29 1.43
CA GLY A 76 -15.75 -15.62 1.51
C GLY A 76 -14.26 -15.66 1.15
N ASN A 77 -13.71 -14.56 0.63
CA ASN A 77 -12.28 -14.31 0.43
C ASN A 77 -11.92 -12.92 0.98
N LYS A 78 -10.69 -12.75 1.48
CA LYS A 78 -10.20 -11.52 2.13
C LYS A 78 -8.84 -11.13 1.53
N LEU A 79 -8.83 -10.14 0.64
CA LEU A 79 -7.61 -9.58 0.02
C LEU A 79 -7.91 -8.23 -0.70
N ARG A 80 -8.20 -7.18 0.06
CA ARG A 80 -8.48 -5.83 -0.49
C ARG A 80 -7.20 -5.09 -0.94
N VAL A 81 -7.31 -4.24 -1.95
CA VAL A 81 -6.22 -3.42 -2.51
C VAL A 81 -6.76 -2.06 -2.98
N GLU A 82 -6.20 -0.99 -2.41
CA GLU A 82 -6.51 0.42 -2.69
C GLU A 82 -5.37 1.28 -2.14
N VAL A 83 -5.09 2.47 -2.72
CA VAL A 83 -3.96 3.31 -2.30
C VAL A 83 -4.40 4.77 -2.02
N PRO A 84 -4.37 5.26 -0.77
CA PRO A 84 -4.73 6.65 -0.43
C PRO A 84 -3.67 7.67 -0.88
N PHE A 85 -3.81 8.14 -2.13
CA PHE A 85 -3.10 9.26 -2.74
C PHE A 85 -4.07 10.40 -3.14
N ASN A 86 -5.04 10.71 -2.27
CA ASN A 86 -6.15 11.65 -2.51
C ASN A 86 -5.74 13.14 -2.49
N ALA A 87 -4.59 13.47 -3.09
CA ALA A 87 -3.97 14.80 -3.09
C ALA A 87 -3.29 15.17 -4.44
N ARG A 88 -3.59 14.43 -5.53
CA ARG A 88 -2.90 14.54 -6.83
C ARG A 88 -3.82 14.45 -8.07
N GLU A 89 -5.13 14.66 -7.88
CA GLU A 89 -6.19 14.59 -8.91
C GLU A 89 -7.34 15.59 -8.63
N GLY A 1 -12.78 3.24 -1.41
CA GLY A 1 -14.22 3.49 -1.70
C GLY A 1 -14.56 4.95 -1.45
N SER A 2 -15.76 5.22 -0.91
CA SER A 2 -16.18 6.56 -0.47
C SER A 2 -15.42 7.04 0.80
N HIS A 3 -15.57 8.31 1.16
CA HIS A 3 -14.78 9.06 2.16
C HIS A 3 -13.28 9.19 1.81
N MET A 4 -12.59 10.12 2.47
CA MET A 4 -11.13 10.30 2.36
C MET A 4 -10.53 10.87 3.65
N VAL A 5 -9.36 10.34 4.04
CA VAL A 5 -8.57 10.78 5.21
C VAL A 5 -7.10 10.40 4.99
N ILE A 6 -6.18 11.27 5.42
CA ILE A 6 -4.71 11.07 5.39
C ILE A 6 -4.03 12.05 6.37
N ARG A 7 -2.79 11.77 6.78
CA ARG A 7 -1.99 12.63 7.69
C ARG A 7 -0.66 13.04 7.06
N GLU A 8 -0.38 14.35 7.08
CA GLU A 8 0.82 14.99 6.49
C GLU A 8 1.01 14.70 4.98
N SER A 9 -0.09 14.45 4.26
CA SER A 9 -0.16 13.95 2.87
C SER A 9 0.72 12.71 2.64
N VAL A 10 1.87 12.84 1.96
CA VAL A 10 2.85 11.76 1.64
C VAL A 10 2.17 10.45 1.22
N SER A 11 1.58 10.47 0.02
CA SER A 11 0.73 9.41 -0.56
C SER A 11 1.29 7.99 -0.36
N ARG A 12 0.57 7.16 0.41
CA ARG A 12 0.96 5.77 0.74
C ARG A 12 0.05 4.72 0.12
N ILE A 13 0.62 3.65 -0.42
CA ILE A 13 -0.14 2.46 -0.83
C ILE A 13 -0.53 1.66 0.42
N TYR A 14 -1.76 1.15 0.45
CA TYR A 14 -2.26 0.15 1.39
C TYR A 14 -2.47 -1.19 0.65
N VAL A 15 -2.08 -2.30 1.30
CA VAL A 15 -2.51 -3.66 0.94
C VAL A 15 -2.85 -4.43 2.20
N GLY A 16 -3.98 -5.13 2.19
CA GLY A 16 -4.56 -5.85 3.34
C GLY A 16 -4.86 -7.32 3.04
N ASN A 17 -4.94 -8.13 4.10
CA ASN A 17 -5.12 -9.59 4.01
C ASN A 17 -4.03 -10.28 3.15
N LEU A 18 -2.85 -9.67 3.02
CA LEU A 18 -1.80 -10.10 2.08
C LEU A 18 -1.22 -11.48 2.46
N PRO A 19 -0.90 -12.36 1.48
CA PRO A 19 -0.05 -13.53 1.70
C PRO A 19 1.42 -13.12 1.97
N SER A 20 2.19 -14.05 2.54
CA SER A 20 3.64 -14.01 2.83
C SER A 20 4.20 -12.86 3.69
N HIS A 21 3.41 -11.80 3.95
CA HIS A 21 3.71 -10.70 4.88
C HIS A 21 5.08 -10.04 4.62
N VAL A 22 5.30 -9.58 3.39
CA VAL A 22 6.57 -9.06 2.87
C VAL A 22 7.21 -7.99 3.79
N SER A 23 8.49 -8.20 4.14
CA SER A 23 9.26 -7.35 5.06
C SER A 23 9.54 -5.96 4.49
N SER A 24 9.81 -4.97 5.36
CA SER A 24 10.14 -3.58 4.98
C SER A 24 11.34 -3.51 4.01
N ARG A 25 12.42 -4.24 4.30
CA ARG A 25 13.63 -4.36 3.48
C ARG A 25 13.35 -4.91 2.07
N ASP A 26 12.44 -5.86 1.93
CA ASP A 26 12.04 -6.43 0.64
C ASP A 26 11.07 -5.51 -0.12
N VAL A 27 10.00 -5.03 0.54
CA VAL A 27 8.96 -4.22 -0.10
C VAL A 27 9.49 -2.86 -0.55
N GLU A 28 10.41 -2.24 0.19
CA GLU A 28 11.08 -1.00 -0.20
C GLU A 28 11.80 -1.15 -1.55
N ASN A 29 12.73 -2.10 -1.65
CA ASN A 29 13.56 -2.27 -2.84
C ASN A 29 12.76 -2.80 -4.07
N GLU A 30 11.65 -3.50 -3.85
CA GLU A 30 10.67 -3.83 -4.90
C GLU A 30 9.88 -2.59 -5.37
N PHE A 31 9.42 -1.75 -4.44
CA PHE A 31 8.57 -0.58 -4.74
C PHE A 31 9.35 0.64 -5.26
N ARG A 32 10.67 0.72 -5.07
CA ARG A 32 11.55 1.77 -5.65
C ARG A 32 11.40 1.93 -7.17
N LYS A 33 11.03 0.86 -7.89
CA LYS A 33 10.72 0.89 -9.34
C LYS A 33 9.50 1.77 -9.68
N TYR A 34 8.50 1.84 -8.78
CA TYR A 34 7.26 2.60 -8.96
C TYR A 34 7.31 4.03 -8.40
N GLY A 35 8.29 4.38 -7.56
CA GLY A 35 8.47 5.75 -7.05
C GLY A 35 9.50 5.87 -5.92
N ASN A 36 9.81 7.10 -5.50
CA ASN A 36 10.63 7.36 -4.32
C ASN A 36 9.85 6.98 -3.04
N ILE A 37 10.20 5.84 -2.45
CA ILE A 37 9.69 5.32 -1.17
C ILE A 37 10.46 5.94 0.01
N LEU A 38 9.73 6.60 0.92
CA LEU A 38 10.28 7.24 2.12
C LEU A 38 10.36 6.27 3.33
N LYS A 39 9.26 5.56 3.62
CA LYS A 39 9.12 4.64 4.77
C LYS A 39 8.02 3.59 4.52
N CYS A 40 8.20 2.37 5.05
CA CYS A 40 7.22 1.28 4.97
C CYS A 40 7.25 0.38 6.23
N ASP A 41 6.11 -0.22 6.56
CA ASP A 41 5.94 -1.19 7.65
C ASP A 41 4.65 -2.01 7.50
N VAL A 42 4.57 -3.15 8.19
CA VAL A 42 3.39 -4.02 8.27
C VAL A 42 2.74 -3.93 9.65
N LYS A 43 1.41 -3.72 9.69
CA LYS A 43 0.56 -3.64 10.88
C LYS A 43 -0.46 -4.79 10.92
N LYS A 44 -1.18 -4.98 12.03
CA LYS A 44 -2.22 -6.01 12.20
C LYS A 44 -3.39 -5.58 13.09
N THR A 45 -4.52 -6.27 12.98
CA THR A 45 -5.75 -6.06 13.78
C THR A 45 -6.08 -7.26 14.66
N VAL A 46 -6.90 -7.06 15.71
CA VAL A 46 -7.43 -8.10 16.61
C VAL A 46 -8.29 -9.15 15.89
N SER A 47 -8.83 -8.84 14.71
CA SER A 47 -9.51 -9.79 13.81
C SER A 47 -8.56 -10.82 13.16
N GLY A 48 -7.24 -10.60 13.26
CA GLY A 48 -6.19 -11.50 12.75
C GLY A 48 -5.65 -11.16 11.35
N ALA A 49 -6.28 -10.21 10.65
CA ALA A 49 -5.77 -9.67 9.38
C ALA A 49 -4.51 -8.79 9.58
N ALA A 50 -3.69 -8.70 8.54
CA ALA A 50 -2.48 -7.89 8.48
C ALA A 50 -2.46 -6.98 7.23
N PHE A 51 -1.71 -5.88 7.32
CA PHE A 51 -1.74 -4.79 6.33
C PHE A 51 -0.34 -4.17 6.15
N ALA A 52 0.18 -4.13 4.92
CA ALA A 52 1.39 -3.39 4.59
C ALA A 52 1.06 -1.98 4.09
N PHE A 53 1.82 -0.98 4.57
CA PHE A 53 1.71 0.43 4.17
C PHE A 53 3.07 0.93 3.65
N ILE A 54 3.06 1.61 2.50
CA ILE A 54 4.27 1.97 1.73
C ILE A 54 4.19 3.43 1.25
N GLU A 55 4.94 4.34 1.90
CA GLU A 55 4.86 5.79 1.72
C GLU A 55 5.69 6.33 0.54
N PHE A 56 5.03 6.80 -0.52
CA PHE A 56 5.67 7.36 -1.72
C PHE A 56 5.67 8.90 -1.78
N GLU A 57 6.61 9.45 -2.55
CA GLU A 57 6.65 10.85 -3.00
C GLU A 57 5.76 11.12 -4.24
N ASP A 58 5.57 10.12 -5.12
CA ASP A 58 5.02 10.27 -6.48
C ASP A 58 3.73 9.44 -6.71
N ALA A 59 2.57 10.04 -6.42
CA ALA A 59 1.26 9.37 -6.47
C ALA A 59 0.88 8.82 -7.87
N ARG A 60 1.13 9.58 -8.95
CA ARG A 60 0.83 9.13 -10.33
C ARG A 60 1.75 8.00 -10.80
N ASP A 61 3.02 8.02 -10.40
CA ASP A 61 3.98 6.96 -10.72
C ASP A 61 3.66 5.66 -9.94
N ALA A 62 3.28 5.80 -8.67
CA ALA A 62 2.82 4.71 -7.82
C ALA A 62 1.55 4.00 -8.32
N ALA A 63 0.69 4.68 -9.09
CA ALA A 63 -0.54 4.11 -9.64
C ALA A 63 -0.28 2.93 -10.62
N ASP A 64 0.92 2.83 -11.21
CA ASP A 64 1.29 1.67 -12.03
C ASP A 64 1.44 0.36 -11.22
N ALA A 65 1.66 0.45 -9.89
CA ALA A 65 1.62 -0.72 -9.01
C ALA A 65 0.18 -1.18 -8.73
N ILE A 66 -0.68 -0.27 -8.25
CA ILE A 66 -2.05 -0.61 -7.84
C ILE A 66 -2.85 -1.20 -9.03
N LYS A 67 -2.70 -0.64 -10.25
CA LYS A 67 -3.44 -1.11 -11.43
C LYS A 67 -3.07 -2.51 -11.94
N GLU A 68 -1.99 -3.13 -11.41
CA GLU A 68 -1.69 -4.56 -11.64
C GLU A 68 -1.90 -5.45 -10.41
N LYS A 69 -1.94 -4.88 -9.19
CA LYS A 69 -2.26 -5.58 -7.93
C LYS A 69 -3.76 -5.62 -7.59
N ASP A 70 -4.59 -4.80 -8.25
CA ASP A 70 -6.03 -4.68 -8.01
C ASP A 70 -6.86 -5.96 -8.27
N GLY A 71 -8.16 -5.89 -7.95
CA GLY A 71 -9.08 -7.03 -7.95
C GLY A 71 -9.08 -7.76 -6.59
N CYS A 72 -9.55 -7.07 -5.55
CA CYS A 72 -9.69 -7.62 -4.20
C CYS A 72 -10.67 -8.81 -4.14
N ASP A 73 -10.49 -9.70 -3.16
CA ASP A 73 -11.24 -10.94 -3.02
C ASP A 73 -11.42 -11.36 -1.55
N PHE A 74 -12.50 -12.09 -1.29
CA PHE A 74 -13.12 -12.27 0.03
C PHE A 74 -14.04 -13.50 0.08
N GLU A 75 -14.50 -13.88 1.28
CA GLU A 75 -15.38 -15.04 1.55
C GLU A 75 -14.79 -16.41 1.12
N GLY A 76 -13.46 -16.49 0.98
CA GLY A 76 -12.73 -17.71 0.66
C GLY A 76 -11.24 -17.42 0.47
N ASN A 77 -10.91 -16.64 -0.56
CA ASN A 77 -9.58 -16.05 -0.74
C ASN A 77 -9.37 -14.83 0.18
N LYS A 78 -8.10 -14.52 0.48
CA LYS A 78 -7.64 -13.37 1.28
C LYS A 78 -6.69 -12.51 0.42
N LEU A 79 -7.15 -11.33 -0.02
CA LEU A 79 -6.36 -10.26 -0.64
C LEU A 79 -7.22 -8.99 -0.82
N ARG A 80 -6.72 -7.83 -0.39
CA ARG A 80 -7.32 -6.51 -0.65
C ARG A 80 -6.24 -5.46 -0.94
N VAL A 81 -6.51 -4.58 -1.90
CA VAL A 81 -5.55 -3.62 -2.46
C VAL A 81 -6.29 -2.32 -2.82
N GLU A 82 -5.86 -1.19 -2.28
CA GLU A 82 -6.48 0.13 -2.52
C GLU A 82 -5.48 1.28 -2.24
N VAL A 83 -5.72 2.46 -2.83
CA VAL A 83 -4.96 3.69 -2.56
C VAL A 83 -5.88 4.83 -2.08
N PRO A 84 -5.57 5.50 -0.96
CA PRO A 84 -6.33 6.68 -0.51
C PRO A 84 -6.10 7.90 -1.42
N PHE A 85 -4.95 7.97 -2.11
CA PHE A 85 -4.58 9.08 -3.00
C PHE A 85 -5.21 8.98 -4.40
N ASN A 86 -5.43 7.76 -4.93
CA ASN A 86 -6.06 7.47 -6.23
C ASN A 86 -5.41 8.24 -7.40
N ALA A 87 -4.16 7.89 -7.73
CA ALA A 87 -3.30 8.59 -8.70
C ALA A 87 -3.14 10.11 -8.39
N ARG A 88 -3.02 10.96 -9.41
CA ARG A 88 -2.85 12.43 -9.27
C ARG A 88 -3.49 13.21 -10.43
N GLU A 89 -3.19 12.81 -11.66
CA GLU A 89 -3.79 13.35 -12.91
C GLU A 89 -5.26 12.93 -13.10
N GLY A 1 -4.42 7.80 10.45
CA GLY A 1 -5.13 9.04 10.81
C GLY A 1 -4.12 10.08 11.23
N SER A 2 -3.23 10.47 10.30
CA SER A 2 -1.82 10.73 10.63
C SER A 2 -1.22 11.81 9.72
N HIS A 3 -1.72 13.03 9.88
CA HIS A 3 -1.47 14.18 8.99
C HIS A 3 -1.73 15.47 9.79
N MET A 4 -0.76 16.38 9.88
CA MET A 4 -0.91 17.65 10.61
C MET A 4 0.02 18.76 10.09
N VAL A 5 1.19 18.98 10.73
CA VAL A 5 2.12 20.07 10.38
C VAL A 5 2.91 19.73 9.10
N ILE A 6 2.30 20.01 7.95
CA ILE A 6 2.87 19.80 6.60
C ILE A 6 2.14 20.69 5.59
N ARG A 7 2.77 21.02 4.45
CA ARG A 7 2.20 21.87 3.39
C ARG A 7 1.79 21.13 2.11
N GLU A 8 2.36 19.96 1.85
CA GLU A 8 1.85 19.00 0.85
C GLU A 8 1.01 17.88 1.51
N SER A 9 0.26 17.10 0.73
CA SER A 9 -0.49 15.92 1.25
C SER A 9 0.34 14.64 1.19
N VAL A 10 0.18 13.75 2.17
CA VAL A 10 0.97 12.52 2.31
C VAL A 10 0.27 11.32 1.67
N SER A 11 0.48 11.14 0.36
CA SER A 11 -0.01 10.01 -0.43
C SER A 11 0.62 8.67 -0.03
N ARG A 12 -0.22 7.65 0.23
CA ARG A 12 0.20 6.34 0.73
C ARG A 12 -0.47 5.17 0.00
N ILE A 13 0.14 3.98 0.08
CA ILE A 13 -0.32 2.70 -0.45
C ILE A 13 -0.62 1.74 0.71
N TYR A 14 -1.62 0.88 0.53
CA TYR A 14 -2.08 -0.09 1.53
C TYR A 14 -2.35 -1.48 0.91
N VAL A 15 -2.09 -2.55 1.67
CA VAL A 15 -2.51 -3.92 1.30
C VAL A 15 -3.09 -4.65 2.51
N GLY A 16 -4.40 -4.91 2.45
CA GLY A 16 -5.15 -5.66 3.45
C GLY A 16 -4.99 -7.18 3.35
N ASN A 17 -4.87 -7.82 4.51
CA ASN A 17 -4.74 -9.28 4.69
C ASN A 17 -3.49 -9.87 4.01
N LEU A 18 -2.40 -9.11 3.95
CA LEU A 18 -1.12 -9.52 3.39
C LEU A 18 -0.42 -10.56 4.29
N PRO A 19 -0.09 -11.77 3.81
CA PRO A 19 0.76 -12.72 4.53
C PRO A 19 2.24 -12.30 4.53
N SER A 20 3.11 -13.00 5.27
CA SER A 20 4.56 -12.76 5.32
C SER A 20 5.32 -13.19 4.03
N HIS A 21 4.79 -12.81 2.87
CA HIS A 21 5.47 -12.87 1.57
C HIS A 21 6.59 -11.82 1.47
N VAL A 22 6.44 -10.69 2.18
CA VAL A 22 7.42 -9.59 2.24
C VAL A 22 7.57 -9.08 3.68
N SER A 23 8.82 -8.85 4.13
CA SER A 23 9.12 -8.23 5.43
C SER A 23 9.22 -6.70 5.30
N SER A 24 9.33 -5.98 6.43
CA SER A 24 9.51 -4.51 6.41
C SER A 24 10.78 -4.05 5.69
N ARG A 25 11.81 -4.91 5.58
CA ARG A 25 12.94 -4.79 4.65
C ARG A 25 12.48 -4.94 3.20
N ASP A 26 11.84 -6.05 2.87
CA ASP A 26 11.64 -6.43 1.47
C ASP A 26 10.62 -5.56 0.73
N VAL A 27 9.67 -4.96 1.45
CA VAL A 27 8.73 -3.96 0.92
C VAL A 27 9.46 -2.78 0.26
N GLU A 28 10.66 -2.40 0.74
CA GLU A 28 11.45 -1.33 0.13
C GLU A 28 11.93 -1.69 -1.30
N ASN A 29 12.64 -2.82 -1.45
CA ASN A 29 13.05 -3.31 -2.77
C ASN A 29 11.85 -3.62 -3.68
N GLU A 30 10.74 -4.08 -3.12
CA GLU A 30 9.52 -4.35 -3.87
C GLU A 30 8.89 -3.07 -4.44
N PHE A 31 8.70 -2.04 -3.59
CA PHE A 31 8.05 -0.80 -3.99
C PHE A 31 8.97 0.22 -4.70
N ARG A 32 10.30 0.09 -4.64
CA ARG A 32 11.23 0.91 -5.43
C ARG A 32 11.02 0.87 -6.95
N LYS A 33 10.46 -0.23 -7.49
CA LYS A 33 10.09 -0.28 -8.93
C LYS A 33 8.86 0.57 -9.27
N TYR A 34 7.97 0.78 -8.29
CA TYR A 34 6.70 1.49 -8.50
C TYR A 34 6.98 2.97 -8.75
N GLY A 35 7.77 3.62 -7.89
CA GLY A 35 8.20 5.02 -8.01
C GLY A 35 9.04 5.47 -6.80
N ASN A 36 9.06 6.77 -6.50
CA ASN A 36 9.72 7.32 -5.30
C ASN A 36 8.96 6.97 -4.00
N ILE A 37 9.24 5.78 -3.46
CA ILE A 37 8.94 5.36 -2.09
C ILE A 37 9.85 6.11 -1.11
N LEU A 38 9.27 6.57 0.01
CA LEU A 38 9.97 7.30 1.09
C LEU A 38 10.20 6.42 2.34
N LYS A 39 9.16 5.68 2.76
CA LYS A 39 9.12 4.83 3.97
C LYS A 39 8.17 3.65 3.76
N CYS A 40 8.42 2.54 4.45
CA CYS A 40 7.60 1.32 4.44
C CYS A 40 7.53 0.69 5.84
N ASP A 41 6.46 -0.05 6.14
CA ASP A 41 6.40 -0.99 7.27
C ASP A 41 5.21 -1.97 7.15
N VAL A 42 5.14 -2.97 8.04
CA VAL A 42 4.02 -3.93 8.15
C VAL A 42 3.36 -3.90 9.53
N LYS A 43 2.05 -3.65 9.57
CA LYS A 43 1.18 -3.77 10.76
C LYS A 43 0.55 -5.18 10.85
N LYS A 44 0.03 -5.53 12.02
CA LYS A 44 -0.96 -6.60 12.23
C LYS A 44 -1.89 -6.24 13.39
N THR A 45 -3.01 -6.93 13.55
CA THR A 45 -3.99 -6.63 14.62
C THR A 45 -4.36 -7.87 15.44
N VAL A 46 -5.25 -7.70 16.44
CA VAL A 46 -5.83 -8.80 17.22
C VAL A 46 -6.64 -9.79 16.35
N SER A 47 -6.98 -9.43 15.11
CA SER A 47 -7.54 -10.32 14.08
C SER A 47 -6.54 -11.37 13.55
N GLY A 48 -5.24 -11.22 13.84
CA GLY A 48 -4.15 -12.05 13.29
C GLY A 48 -3.75 -11.71 11.86
N ALA A 49 -4.64 -11.03 11.11
CA ALA A 49 -4.37 -10.46 9.81
C ALA A 49 -3.25 -9.40 9.87
N ALA A 50 -2.34 -9.45 8.89
CA ALA A 50 -1.27 -8.47 8.68
C ALA A 50 -1.54 -7.58 7.44
N PHE A 51 -0.83 -6.46 7.40
CA PHE A 51 -1.12 -5.31 6.54
C PHE A 51 0.18 -4.60 6.13
N ALA A 52 0.40 -4.37 4.84
CA ALA A 52 1.50 -3.51 4.37
C ALA A 52 1.04 -2.06 4.21
N PHE A 53 1.90 -1.11 4.58
CA PHE A 53 1.74 0.32 4.30
C PHE A 53 3.06 0.91 3.75
N ILE A 54 2.94 1.79 2.75
CA ILE A 54 4.07 2.40 2.04
C ILE A 54 3.78 3.87 1.72
N GLU A 55 4.76 4.75 1.83
CA GLU A 55 4.63 6.21 1.64
C GLU A 55 5.37 6.71 0.39
N PHE A 56 4.76 7.63 -0.37
CA PHE A 56 5.20 8.05 -1.70
C PHE A 56 5.00 9.56 -1.93
N GLU A 57 5.97 10.23 -2.55
CA GLU A 57 5.80 11.60 -3.08
C GLU A 57 5.10 11.64 -4.45
N ASP A 58 5.28 10.60 -5.28
CA ASP A 58 4.82 10.56 -6.68
C ASP A 58 3.64 9.59 -6.89
N ALA A 59 2.46 9.96 -6.37
CA ALA A 59 1.22 9.22 -6.54
C ALA A 59 0.89 8.94 -8.02
N ARG A 60 0.91 9.98 -8.87
CA ARG A 60 0.66 9.91 -10.32
C ARG A 60 1.78 9.25 -11.17
N ASP A 61 2.77 8.65 -10.51
CA ASP A 61 3.85 7.87 -11.11
C ASP A 61 3.70 6.40 -10.69
N ALA A 62 3.62 6.14 -9.38
CA ALA A 62 3.38 4.81 -8.81
C ALA A 62 2.00 4.21 -9.13
N ALA A 63 1.02 5.01 -9.57
CA ALA A 63 -0.36 4.57 -9.86
C ALA A 63 -0.43 3.42 -10.88
N ASP A 64 0.28 3.50 -12.01
CA ASP A 64 0.27 2.42 -13.02
C ASP A 64 0.82 1.11 -12.48
N ALA A 65 1.89 1.19 -11.68
CA ALA A 65 2.48 0.03 -11.03
C ALA A 65 1.55 -0.60 -9.97
N ILE A 66 0.64 0.17 -9.39
CA ILE A 66 -0.46 -0.33 -8.55
C ILE A 66 -1.57 -0.98 -9.39
N LYS A 67 -2.05 -0.35 -10.47
CA LYS A 67 -3.19 -0.91 -11.24
C LYS A 67 -2.84 -2.06 -12.19
N GLU A 68 -1.56 -2.41 -12.36
CA GLU A 68 -1.15 -3.75 -12.85
C GLU A 68 -1.31 -4.87 -11.78
N LYS A 69 -1.71 -4.53 -10.54
CA LYS A 69 -1.96 -5.44 -9.41
C LYS A 69 -3.39 -5.33 -8.85
N ASP A 70 -4.33 -4.73 -9.60
CA ASP A 70 -5.70 -4.54 -9.14
C ASP A 70 -6.55 -5.84 -9.14
N GLY A 71 -7.81 -5.74 -8.71
CA GLY A 71 -8.72 -6.89 -8.57
C GLY A 71 -8.57 -7.57 -7.21
N CYS A 72 -9.24 -7.03 -6.20
CA CYS A 72 -9.22 -7.58 -4.84
C CYS A 72 -9.94 -8.95 -4.74
N ASP A 73 -9.71 -9.62 -3.62
CA ASP A 73 -10.08 -11.00 -3.34
C ASP A 73 -10.67 -11.14 -1.93
N PHE A 74 -11.79 -11.86 -1.82
CA PHE A 74 -12.65 -11.90 -0.63
C PHE A 74 -13.50 -13.19 -0.58
N GLU A 75 -14.04 -13.50 0.62
CA GLU A 75 -14.93 -14.63 0.96
C GLU A 75 -14.40 -16.06 0.77
N GLY A 76 -13.29 -16.25 0.04
CA GLY A 76 -12.60 -17.53 -0.12
C GLY A 76 -11.10 -17.30 -0.32
N ASN A 77 -10.75 -16.56 -1.37
CA ASN A 77 -9.47 -15.86 -1.45
C ASN A 77 -9.46 -14.64 -0.48
N LYS A 78 -8.29 -14.10 -0.16
CA LYS A 78 -8.14 -12.82 0.58
C LYS A 78 -6.95 -12.01 0.05
N LEU A 79 -7.22 -10.79 -0.41
CA LEU A 79 -6.25 -9.71 -0.66
C LEU A 79 -7.00 -8.40 -0.98
N ARG A 80 -6.73 -7.32 -0.24
CA ARG A 80 -7.29 -5.99 -0.54
C ARG A 80 -6.16 -4.96 -0.75
N VAL A 81 -5.55 -4.99 -1.92
CA VAL A 81 -4.71 -3.89 -2.43
C VAL A 81 -5.60 -2.66 -2.63
N GLU A 82 -5.26 -1.53 -2.03
CA GLU A 82 -6.06 -0.29 -2.07
C GLU A 82 -5.14 0.93 -1.86
N VAL A 83 -5.52 2.09 -2.40
CA VAL A 83 -4.58 3.18 -2.70
C VAL A 83 -5.05 4.54 -2.13
N PRO A 84 -4.77 4.83 -0.85
CA PRO A 84 -5.00 6.13 -0.22
C PRO A 84 -4.03 7.24 -0.72
N PHE A 85 -4.06 7.50 -2.03
CA PHE A 85 -3.53 8.71 -2.66
C PHE A 85 -4.52 9.89 -2.64
N ASN A 86 -5.80 9.65 -2.32
CA ASN A 86 -6.88 10.66 -2.32
C ASN A 86 -7.13 11.33 -3.71
N ALA A 87 -6.65 10.70 -4.78
CA ALA A 87 -6.45 11.26 -6.11
C ALA A 87 -5.63 12.58 -6.13
N ARG A 88 -5.13 12.99 -7.30
CA ARG A 88 -4.20 14.13 -7.44
C ARG A 88 -4.50 14.93 -8.70
N GLU A 89 -4.98 16.17 -8.51
CA GLU A 89 -5.46 17.11 -9.55
C GLU A 89 -6.66 16.63 -10.37
N GLY A 1 -9.35 4.86 10.63
CA GLY A 1 -10.63 5.39 10.13
C GLY A 1 -11.27 4.39 9.20
N SER A 2 -11.36 4.73 7.91
CA SER A 2 -11.63 3.78 6.82
C SER A 2 -11.01 4.25 5.49
N HIS A 3 -11.33 5.48 5.07
CA HIS A 3 -10.81 6.12 3.84
C HIS A 3 -10.78 7.66 4.00
N MET A 4 -9.79 8.33 3.42
CA MET A 4 -9.62 9.80 3.46
C MET A 4 -9.96 10.46 2.12
N VAL A 5 -10.55 11.68 2.19
CA VAL A 5 -10.70 12.58 1.04
C VAL A 5 -9.32 12.98 0.47
N ILE A 6 -9.22 13.13 -0.85
CA ILE A 6 -7.99 13.50 -1.54
C ILE A 6 -7.63 14.97 -1.23
N ARG A 7 -6.56 15.18 -0.47
CA ARG A 7 -6.04 16.50 -0.05
C ARG A 7 -4.56 16.42 0.30
N GLU A 8 -3.80 17.49 0.04
CA GLU A 8 -2.33 17.57 0.23
C GLU A 8 -1.55 16.50 -0.57
N SER A 9 -0.23 16.37 -0.36
CA SER A 9 0.61 15.29 -0.86
C SER A 9 0.55 14.06 0.05
N VAL A 10 1.68 13.58 0.60
CA VAL A 10 1.79 12.42 1.52
C VAL A 10 1.13 11.16 0.90
N SER A 11 1.48 10.87 -0.35
CA SER A 11 0.92 9.75 -1.12
C SER A 11 1.29 8.41 -0.46
N ARG A 12 0.35 7.47 -0.31
CA ARG A 12 0.61 6.21 0.41
C ARG A 12 -0.22 5.03 -0.13
N ILE A 13 0.45 3.90 -0.38
CA ILE A 13 -0.15 2.62 -0.79
C ILE A 13 -0.59 1.82 0.44
N TYR A 14 -1.64 1.00 0.27
CA TYR A 14 -2.16 0.04 1.26
C TYR A 14 -2.33 -1.35 0.62
N VAL A 15 -2.06 -2.40 1.40
CA VAL A 15 -2.48 -3.78 1.11
C VAL A 15 -2.86 -4.45 2.44
N GLY A 16 -4.04 -5.05 2.50
CA GLY A 16 -4.66 -5.61 3.71
C GLY A 16 -5.09 -7.06 3.50
N ASN A 17 -5.13 -7.85 4.58
CA ASN A 17 -5.17 -9.32 4.47
C ASN A 17 -4.04 -9.82 3.54
N LEU A 18 -2.83 -9.27 3.72
CA LEU A 18 -1.70 -9.45 2.80
C LEU A 18 -1.25 -10.93 2.67
N PRO A 19 -0.67 -11.33 1.52
CA PRO A 19 -0.26 -12.72 1.27
C PRO A 19 0.97 -13.11 2.11
N SER A 20 0.98 -14.34 2.63
CA SER A 20 2.01 -14.85 3.56
C SER A 20 2.23 -13.86 4.74
N HIS A 21 3.47 -13.42 4.98
CA HIS A 21 3.76 -12.19 5.75
C HIS A 21 4.99 -11.49 5.15
N VAL A 22 4.78 -10.32 4.53
CA VAL A 22 5.83 -9.58 3.81
C VAL A 22 6.69 -8.73 4.75
N SER A 23 8.01 -8.80 4.60
CA SER A 23 8.96 -7.88 5.25
C SER A 23 8.99 -6.52 4.53
N SER A 24 9.14 -5.43 5.28
CA SER A 24 9.14 -4.05 4.73
C SER A 24 10.19 -3.84 3.62
N ARG A 25 11.40 -4.39 3.79
CA ARG A 25 12.49 -4.33 2.80
C ARG A 25 12.11 -4.97 1.46
N ASP A 26 11.33 -6.04 1.48
CA ASP A 26 10.93 -6.76 0.26
C ASP A 26 9.96 -5.90 -0.59
N VAL A 27 8.95 -5.31 0.05
CA VAL A 27 7.99 -4.42 -0.64
C VAL A 27 8.63 -3.09 -1.03
N GLU A 28 9.54 -2.57 -0.21
CA GLU A 28 10.34 -1.38 -0.54
C GLU A 28 11.20 -1.58 -1.79
N ASN A 29 11.92 -2.69 -1.89
CA ASN A 29 12.75 -3.00 -3.07
C ASN A 29 11.91 -3.27 -4.34
N GLU A 30 10.69 -3.80 -4.19
CA GLU A 30 9.72 -3.93 -5.30
C GLU A 30 9.20 -2.57 -5.78
N PHE A 31 8.80 -1.68 -4.86
CA PHE A 31 8.20 -0.38 -5.19
C PHE A 31 9.21 0.70 -5.62
N ARG A 32 10.46 0.70 -5.13
CA ARG A 32 11.43 1.79 -5.38
C ARG A 32 11.81 2.02 -6.85
N LYS A 33 11.55 1.07 -7.75
CA LYS A 33 11.70 1.28 -9.21
C LYS A 33 10.60 2.15 -9.85
N TYR A 34 9.54 2.48 -9.12
CA TYR A 34 8.43 3.36 -9.54
C TYR A 34 8.51 4.78 -8.95
N GLY A 35 9.52 5.08 -8.14
CA GLY A 35 9.75 6.40 -7.53
C GLY A 35 10.30 6.32 -6.10
N ASN A 36 10.56 7.48 -5.48
CA ASN A 36 11.08 7.55 -4.13
C ASN A 36 10.02 7.19 -3.07
N ILE A 37 10.21 6.05 -2.42
CA ILE A 37 9.56 5.65 -1.16
C ILE A 37 10.30 6.29 0.02
N LEU A 38 9.55 6.85 0.98
CA LEU A 38 10.07 7.51 2.18
C LEU A 38 9.97 6.64 3.44
N LYS A 39 8.93 5.79 3.54
CA LYS A 39 8.63 4.92 4.68
C LYS A 39 7.86 3.68 4.21
N CYS A 40 8.23 2.50 4.69
CA CYS A 40 7.55 1.23 4.43
C CYS A 40 7.52 0.40 5.72
N ASP A 41 6.34 -0.06 6.14
CA ASP A 41 6.19 -0.92 7.33
C ASP A 41 4.87 -1.70 7.34
N VAL A 42 4.82 -2.75 8.17
CA VAL A 42 3.73 -3.73 8.27
C VAL A 42 3.17 -3.80 9.70
N LYS A 43 1.84 -3.91 9.82
CA LYS A 43 1.06 -3.89 11.06
C LYS A 43 0.05 -5.05 11.09
N LYS A 44 -0.56 -5.33 12.25
CA LYS A 44 -1.58 -6.38 12.41
C LYS A 44 -2.68 -6.01 13.42
N THR A 45 -3.87 -6.60 13.25
CA THR A 45 -5.01 -6.49 14.18
C THR A 45 -5.15 -7.73 15.07
N VAL A 46 -5.83 -7.60 16.21
CA VAL A 46 -6.22 -8.71 17.11
C VAL A 46 -7.14 -9.74 16.44
N SER A 47 -7.80 -9.36 15.34
CA SER A 47 -8.57 -10.28 14.47
C SER A 47 -7.68 -11.24 13.64
N GLY A 48 -6.36 -11.00 13.60
CA GLY A 48 -5.35 -11.84 12.96
C GLY A 48 -4.92 -11.43 11.55
N ALA A 49 -5.62 -10.48 10.91
CA ALA A 49 -5.23 -9.89 9.63
C ALA A 49 -4.01 -8.97 9.76
N ALA A 50 -3.26 -8.81 8.66
CA ALA A 50 -2.07 -7.97 8.57
C ALA A 50 -2.14 -7.00 7.37
N PHE A 51 -1.48 -5.85 7.50
CA PHE A 51 -1.57 -4.72 6.57
C PHE A 51 -0.19 -4.07 6.35
N ALA A 52 0.20 -3.83 5.10
CA ALA A 52 1.44 -3.12 4.75
C ALA A 52 1.16 -1.74 4.14
N PHE A 53 1.91 -0.75 4.60
CA PHE A 53 1.73 0.68 4.31
C PHE A 53 3.04 1.24 3.73
N ILE A 54 2.98 1.92 2.58
CA ILE A 54 4.16 2.36 1.81
C ILE A 54 3.98 3.81 1.35
N GLU A 55 4.72 4.75 1.94
CA GLU A 55 4.59 6.21 1.74
C GLU A 55 5.61 6.75 0.72
N PHE A 56 5.18 7.67 -0.14
CA PHE A 56 5.72 7.91 -1.47
C PHE A 56 5.76 9.40 -1.86
N GLU A 57 6.74 9.78 -2.68
CA GLU A 57 6.89 11.15 -3.22
C GLU A 57 5.83 11.49 -4.30
N ASP A 58 5.32 10.51 -5.06
CA ASP A 58 4.31 10.67 -6.12
C ASP A 58 3.31 9.50 -6.17
N ALA A 59 2.02 9.82 -6.04
CA ALA A 59 0.91 8.87 -6.21
C ALA A 59 0.86 8.28 -7.64
N ARG A 60 0.79 9.14 -8.67
CA ARG A 60 0.62 8.75 -10.08
C ARG A 60 1.76 7.91 -10.65
N ASP A 61 2.99 8.10 -10.15
CA ASP A 61 4.16 7.32 -10.60
C ASP A 61 4.14 5.89 -10.01
N ALA A 62 3.79 5.78 -8.72
CA ALA A 62 3.58 4.50 -8.03
C ALA A 62 2.27 3.77 -8.45
N ALA A 63 1.27 4.50 -8.96
CA ALA A 63 0.00 3.94 -9.41
C ALA A 63 0.16 2.91 -10.56
N ASP A 64 1.20 3.03 -11.39
CA ASP A 64 1.52 2.03 -12.42
C ASP A 64 1.91 0.66 -11.84
N ALA A 65 2.45 0.62 -10.61
CA ALA A 65 2.58 -0.61 -9.84
C ALA A 65 1.22 -1.03 -9.26
N ILE A 66 0.54 -0.11 -8.57
CA ILE A 66 -0.69 -0.41 -7.81
C ILE A 66 -1.79 -1.00 -8.70
N LYS A 67 -1.97 -0.51 -9.93
CA LYS A 67 -2.95 -1.05 -10.90
C LYS A 67 -2.59 -2.45 -11.44
N GLU A 68 -1.32 -2.87 -11.34
CA GLU A 68 -0.88 -4.22 -11.67
C GLU A 68 -1.01 -5.19 -10.47
N LYS A 69 -0.96 -4.68 -9.23
CA LYS A 69 -1.28 -5.44 -8.00
C LYS A 69 -2.78 -5.56 -7.74
N ASP A 70 -3.59 -4.59 -8.20
CA ASP A 70 -5.06 -4.55 -8.03
C ASP A 70 -5.79 -5.81 -8.54
N GLY A 71 -6.92 -6.11 -7.90
CA GLY A 71 -7.70 -7.35 -8.08
C GLY A 71 -7.98 -8.00 -6.72
N CYS A 72 -8.78 -7.34 -5.88
CA CYS A 72 -9.05 -7.75 -4.51
C CYS A 72 -9.76 -9.12 -4.40
N ASP A 73 -9.44 -9.88 -3.36
CA ASP A 73 -9.78 -11.30 -3.20
C ASP A 73 -10.01 -11.68 -1.72
N PHE A 74 -11.05 -12.46 -1.46
CA PHE A 74 -11.70 -12.66 -0.16
C PHE A 74 -12.54 -13.96 -0.15
N GLU A 75 -13.10 -14.33 1.01
CA GLU A 75 -14.03 -15.46 1.20
C GLU A 75 -13.48 -16.82 0.72
N GLY A 76 -12.21 -17.08 1.05
CA GLY A 76 -11.46 -18.30 0.70
C GLY A 76 -10.00 -18.02 0.35
N ASN A 77 -9.71 -16.80 -0.11
CA ASN A 77 -8.38 -16.24 -0.32
C ASN A 77 -8.20 -14.97 0.54
N LYS A 78 -6.95 -14.54 0.76
CA LYS A 78 -6.57 -13.33 1.50
C LYS A 78 -5.68 -12.43 0.63
N LEU A 79 -6.26 -11.39 0.02
CA LEU A 79 -5.54 -10.35 -0.73
C LEU A 79 -6.46 -9.14 -1.04
N ARG A 80 -6.60 -8.17 -0.12
CA ARG A 80 -7.26 -6.87 -0.42
C ARG A 80 -6.23 -5.82 -0.81
N VAL A 81 -6.42 -5.20 -1.97
CA VAL A 81 -5.55 -4.14 -2.52
C VAL A 81 -6.36 -2.86 -2.73
N GLU A 82 -5.86 -1.73 -2.23
CA GLU A 82 -6.64 -0.50 -2.03
C GLU A 82 -5.70 0.72 -1.90
N VAL A 83 -6.17 1.92 -2.24
CA VAL A 83 -5.39 3.18 -2.17
C VAL A 83 -6.28 4.39 -1.85
N PRO A 84 -5.87 5.29 -0.93
CA PRO A 84 -6.61 6.52 -0.63
C PRO A 84 -6.52 7.54 -1.77
N PHE A 85 -5.42 7.56 -2.54
CA PHE A 85 -5.15 8.50 -3.63
C PHE A 85 -5.83 8.16 -4.97
N ASN A 86 -6.83 7.26 -4.98
CA ASN A 86 -7.45 6.66 -6.17
C ASN A 86 -8.37 7.60 -7.00
N ALA A 87 -7.89 8.82 -7.28
CA ALA A 87 -8.47 9.83 -8.17
C ALA A 87 -7.40 10.55 -9.03
N ARG A 88 -6.13 10.09 -8.98
CA ARG A 88 -4.95 10.71 -9.62
C ARG A 88 -4.80 10.43 -11.13
N GLU A 89 -5.78 9.74 -11.74
CA GLU A 89 -5.81 9.30 -13.15
C GLU A 89 -7.13 9.69 -13.86
N GLY A 1 -12.72 6.63 -4.44
CA GLY A 1 -12.23 7.31 -3.21
C GLY A 1 -12.33 8.82 -3.36
N SER A 2 -13.26 9.45 -2.64
CA SER A 2 -13.57 10.89 -2.72
C SER A 2 -13.84 11.46 -1.32
N HIS A 3 -12.83 12.15 -0.75
CA HIS A 3 -12.83 12.65 0.63
C HIS A 3 -12.12 14.01 0.75
N MET A 4 -12.50 14.80 1.75
CA MET A 4 -11.81 16.04 2.14
C MET A 4 -10.46 15.76 2.81
N VAL A 5 -9.54 16.74 2.79
CA VAL A 5 -8.21 16.67 3.44
C VAL A 5 -7.78 18.05 3.96
N ILE A 6 -7.14 18.07 5.13
CA ILE A 6 -6.73 19.26 5.90
C ILE A 6 -5.33 19.03 6.50
N ARG A 7 -4.52 20.10 6.65
CA ARG A 7 -3.15 20.07 7.19
C ARG A 7 -2.20 19.17 6.36
N GLU A 8 -2.09 19.51 5.07
CA GLU A 8 -1.25 18.83 4.06
C GLU A 8 -1.63 17.35 3.80
N SER A 9 -0.94 16.69 2.86
CA SER A 9 -1.19 15.30 2.45
C SER A 9 0.09 14.60 1.95
N VAL A 10 0.08 13.27 1.89
CA VAL A 10 1.17 12.43 1.36
C VAL A 10 0.61 11.13 0.76
N SER A 11 1.24 10.66 -0.32
CA SER A 11 0.88 9.39 -0.98
C SER A 11 1.37 8.17 -0.19
N ARG A 12 0.50 7.18 0.06
CA ARG A 12 0.89 5.82 0.45
C ARG A 12 -0.01 4.73 -0.13
N ILE A 13 0.58 3.63 -0.58
CA ILE A 13 -0.13 2.40 -1.02
C ILE A 13 -0.65 1.64 0.20
N TYR A 14 -1.76 0.91 0.01
CA TYR A 14 -2.36 0.00 0.99
C TYR A 14 -2.67 -1.38 0.38
N VAL A 15 -2.47 -2.44 1.16
CA VAL A 15 -2.92 -3.81 0.90
C VAL A 15 -3.22 -4.51 2.23
N GLY A 16 -4.32 -5.24 2.32
CA GLY A 16 -4.85 -5.87 3.55
C GLY A 16 -5.28 -7.31 3.35
N ASN A 17 -5.20 -8.12 4.42
CA ASN A 17 -5.22 -9.58 4.32
C ASN A 17 -4.13 -10.10 3.35
N LEU A 18 -2.97 -9.44 3.34
CA LEU A 18 -1.93 -9.59 2.31
C LEU A 18 -1.36 -11.03 2.25
N PRO A 19 -0.92 -11.50 1.06
CA PRO A 19 -0.52 -12.90 0.86
C PRO A 19 0.73 -13.27 1.67
N SER A 20 0.62 -14.33 2.50
CA SER A 20 1.65 -14.74 3.47
C SER A 20 2.03 -13.58 4.41
N HIS A 21 3.30 -13.15 4.45
CA HIS A 21 3.80 -11.94 5.12
C HIS A 21 5.01 -11.37 4.38
N VAL A 22 5.41 -10.13 4.68
CA VAL A 22 6.48 -9.40 3.96
C VAL A 22 7.25 -8.44 4.88
N SER A 23 8.57 -8.41 4.76
CA SER A 23 9.47 -7.53 5.54
C SER A 23 9.59 -6.13 4.92
N SER A 24 9.92 -5.12 5.74
CA SER A 24 10.20 -3.74 5.28
C SER A 24 11.31 -3.69 4.22
N ARG A 25 12.37 -4.49 4.41
CA ARG A 25 13.47 -4.71 3.44
C ARG A 25 12.98 -5.17 2.07
N ASP A 26 11.97 -6.04 2.02
CA ASP A 26 11.41 -6.55 0.78
C ASP A 26 10.57 -5.50 0.05
N VAL A 27 9.64 -4.81 0.76
CA VAL A 27 8.81 -3.76 0.14
C VAL A 27 9.63 -2.53 -0.26
N GLU A 28 10.68 -2.17 0.48
CA GLU A 28 11.63 -1.12 0.08
C GLU A 28 12.29 -1.46 -1.27
N ASN A 29 12.82 -2.68 -1.42
CA ASN A 29 13.47 -3.13 -2.65
C ASN A 29 12.51 -3.31 -3.83
N GLU A 30 11.27 -3.76 -3.57
CA GLU A 30 10.23 -3.98 -4.59
C GLU A 30 9.66 -2.67 -5.17
N PHE A 31 9.19 -1.77 -4.30
CA PHE A 31 8.45 -0.58 -4.73
C PHE A 31 9.33 0.58 -5.24
N ARG A 32 10.62 0.63 -4.92
CA ARG A 32 11.53 1.75 -5.30
C ARG A 32 11.58 2.07 -6.80
N LYS A 33 11.30 1.10 -7.68
CA LYS A 33 11.28 1.31 -9.14
C LYS A 33 10.02 2.06 -9.63
N TYR A 34 8.90 1.93 -8.92
CA TYR A 34 7.63 2.63 -9.19
C TYR A 34 7.59 4.05 -8.61
N GLY A 35 8.46 4.37 -7.64
CA GLY A 35 8.65 5.70 -7.08
C GLY A 35 9.57 5.66 -5.85
N ASN A 36 10.26 6.77 -5.57
CA ASN A 36 11.17 6.84 -4.42
C ASN A 36 10.39 6.75 -3.10
N ILE A 37 10.63 5.68 -2.34
CA ILE A 37 9.97 5.36 -1.07
C ILE A 37 10.56 6.19 0.08
N LEU A 38 9.70 6.73 0.95
CA LEU A 38 10.10 7.46 2.17
C LEU A 38 10.09 6.59 3.43
N LYS A 39 9.05 5.75 3.58
CA LYS A 39 8.84 4.82 4.71
C LYS A 39 7.94 3.66 4.29
N CYS A 40 8.21 2.46 4.77
CA CYS A 40 7.41 1.26 4.49
C CYS A 40 7.50 0.23 5.63
N ASP A 41 6.32 -0.20 6.11
CA ASP A 41 6.16 -1.09 7.27
C ASP A 41 4.81 -1.84 7.21
N VAL A 42 4.65 -2.87 8.04
CA VAL A 42 3.48 -3.78 8.04
C VAL A 42 2.86 -3.89 9.44
N LYS A 43 1.55 -3.64 9.54
CA LYS A 43 0.73 -3.76 10.76
C LYS A 43 -0.07 -5.08 10.76
N LYS A 44 -0.70 -5.42 11.89
CA LYS A 44 -1.70 -6.51 11.99
C LYS A 44 -2.82 -6.19 12.99
N THR A 45 -4.01 -6.75 12.76
CA THR A 45 -5.18 -6.65 13.66
C THR A 45 -5.32 -7.87 14.58
N VAL A 46 -6.10 -7.73 15.66
CA VAL A 46 -6.43 -8.82 16.60
C VAL A 46 -7.20 -9.98 15.93
N SER A 47 -7.89 -9.72 14.82
CA SER A 47 -8.54 -10.73 13.96
C SER A 47 -7.54 -11.54 13.09
N GLY A 48 -6.23 -11.22 13.15
CA GLY A 48 -5.14 -11.99 12.54
C GLY A 48 -4.70 -11.55 11.13
N ALA A 49 -5.43 -10.63 10.48
CA ALA A 49 -5.06 -10.08 9.17
C ALA A 49 -3.87 -9.10 9.26
N ALA A 50 -2.98 -9.13 8.26
CA ALA A 50 -1.85 -8.21 8.10
C ALA A 50 -2.12 -7.13 7.04
N PHE A 51 -1.49 -5.96 7.19
CA PHE A 51 -1.68 -4.78 6.34
C PHE A 51 -0.36 -4.05 6.06
N ALA A 52 0.08 -3.98 4.80
CA ALA A 52 1.29 -3.25 4.40
C ALA A 52 0.97 -1.83 3.93
N PHE A 53 1.83 -0.89 4.30
CA PHE A 53 1.75 0.52 3.92
C PHE A 53 3.13 1.00 3.42
N ILE A 54 3.15 1.71 2.28
CA ILE A 54 4.38 2.15 1.58
C ILE A 54 4.20 3.60 1.09
N GLU A 55 5.02 4.53 1.57
CA GLU A 55 4.90 5.98 1.33
C GLU A 55 5.79 6.49 0.19
N PHE A 56 5.25 7.37 -0.68
CA PHE A 56 5.87 7.83 -1.95
C PHE A 56 5.88 9.36 -2.13
N GLU A 57 6.81 9.84 -2.97
CA GLU A 57 6.91 11.25 -3.38
C GLU A 57 6.11 11.63 -4.65
N ASP A 58 5.54 10.66 -5.39
CA ASP A 58 4.62 10.89 -6.51
C ASP A 58 3.52 9.80 -6.61
N ALA A 59 2.26 10.23 -6.54
CA ALA A 59 1.09 9.37 -6.56
C ALA A 59 0.89 8.64 -7.92
N ARG A 60 0.84 9.39 -9.02
CA ARG A 60 0.58 8.82 -10.37
C ARG A 60 1.71 7.94 -10.92
N ASP A 61 2.91 8.01 -10.34
CA ASP A 61 4.01 7.09 -10.62
C ASP A 61 3.82 5.77 -9.84
N ALA A 62 3.57 5.85 -8.53
CA ALA A 62 3.27 4.70 -7.66
C ALA A 62 2.00 3.93 -8.07
N ALA A 63 1.04 4.60 -8.70
CA ALA A 63 -0.19 4.00 -9.23
C ALA A 63 0.06 2.81 -10.19
N ASP A 64 1.18 2.81 -10.92
CA ASP A 64 1.55 1.71 -11.82
C ASP A 64 1.84 0.38 -11.08
N ALA A 65 2.17 0.42 -9.78
CA ALA A 65 2.22 -0.78 -8.94
C ALA A 65 0.82 -1.20 -8.49
N ILE A 66 0.03 -0.27 -7.94
CA ILE A 66 -1.27 -0.57 -7.33
C ILE A 66 -2.30 -1.08 -8.35
N LYS A 67 -2.25 -0.60 -9.60
CA LYS A 67 -3.07 -1.11 -10.71
C LYS A 67 -2.65 -2.51 -11.19
N GLU A 68 -1.40 -2.91 -10.94
CA GLU A 68 -0.88 -4.27 -11.17
C GLU A 68 -1.23 -5.22 -10.00
N LYS A 69 -1.37 -4.70 -8.77
CA LYS A 69 -1.93 -5.43 -7.60
C LYS A 69 -3.46 -5.59 -7.62
N ASP A 70 -4.17 -4.98 -8.58
CA ASP A 70 -5.63 -4.78 -8.52
C ASP A 70 -6.50 -6.07 -8.53
N GLY A 71 -7.80 -5.88 -8.27
CA GLY A 71 -8.79 -6.95 -8.15
C GLY A 71 -8.85 -7.52 -6.73
N CYS A 72 -9.61 -6.85 -5.86
CA CYS A 72 -9.85 -7.27 -4.48
C CYS A 72 -10.64 -8.60 -4.40
N ASP A 73 -10.42 -9.36 -3.32
CA ASP A 73 -10.86 -10.75 -3.16
C ASP A 73 -11.37 -11.02 -1.73
N PHE A 74 -12.55 -11.65 -1.65
CA PHE A 74 -13.39 -11.76 -0.45
C PHE A 74 -14.36 -12.97 -0.53
N GLU A 75 -15.13 -13.21 0.53
CA GLU A 75 -16.17 -14.26 0.63
C GLU A 75 -15.69 -15.72 0.38
N GLY A 76 -14.39 -15.96 0.57
CA GLY A 76 -13.74 -17.26 0.43
C GLY A 76 -12.24 -17.11 0.18
N ASN A 77 -11.89 -16.21 -0.74
CA ASN A 77 -10.54 -15.66 -0.89
C ASN A 77 -10.29 -14.52 0.13
N LYS A 78 -9.02 -14.22 0.41
CA LYS A 78 -8.57 -13.10 1.27
C LYS A 78 -7.43 -12.34 0.57
N LEU A 79 -7.75 -11.20 -0.05
CA LEU A 79 -6.78 -10.30 -0.69
C LEU A 79 -7.44 -8.93 -0.97
N ARG A 80 -7.45 -8.02 0.01
CA ARG A 80 -8.01 -6.67 -0.15
C ARG A 80 -6.94 -5.69 -0.66
N VAL A 81 -7.28 -4.96 -1.72
CA VAL A 81 -6.43 -3.91 -2.34
C VAL A 81 -7.27 -2.67 -2.62
N GLU A 82 -6.76 -1.51 -2.23
CA GLU A 82 -7.38 -0.20 -2.40
C GLU A 82 -6.30 0.90 -2.31
N VAL A 83 -6.54 2.05 -2.95
CA VAL A 83 -5.60 3.17 -2.98
C VAL A 83 -6.26 4.47 -2.47
N PRO A 84 -5.67 5.19 -1.49
CA PRO A 84 -6.22 6.45 -0.98
C PRO A 84 -5.91 7.64 -1.91
N PHE A 85 -4.78 7.61 -2.63
CA PHE A 85 -4.43 8.56 -3.68
C PHE A 85 -5.08 8.19 -5.04
N ASN A 86 -4.85 9.00 -6.06
CA ASN A 86 -5.30 8.76 -7.44
C ASN A 86 -4.31 9.38 -8.46
N ALA A 87 -4.71 9.50 -9.73
CA ALA A 87 -3.97 10.28 -10.73
C ALA A 87 -3.79 11.76 -10.29
N ARG A 88 -2.68 12.38 -10.69
CA ARG A 88 -2.24 13.70 -10.19
C ARG A 88 -1.75 14.59 -11.34
N GLU A 89 -2.20 15.84 -11.33
CA GLU A 89 -1.91 16.92 -12.29
C GLU A 89 -1.96 18.32 -11.62
N GLY A 1 -6.77 16.15 19.60
CA GLY A 1 -7.26 16.94 18.46
C GLY A 1 -6.50 16.60 17.17
N SER A 2 -6.56 17.51 16.19
CA SER A 2 -5.85 17.40 14.89
C SER A 2 -6.18 16.15 14.06
N HIS A 3 -7.37 15.58 14.23
CA HIS A 3 -7.82 14.37 13.53
C HIS A 3 -8.18 14.66 12.06
N MET A 4 -7.83 13.73 11.15
CA MET A 4 -8.21 13.75 9.72
C MET A 4 -7.92 15.10 9.02
N VAL A 5 -6.65 15.52 9.01
CA VAL A 5 -6.19 16.79 8.41
C VAL A 5 -6.53 16.91 6.91
N ILE A 6 -6.79 18.16 6.47
CA ILE A 6 -7.21 18.49 5.09
C ILE A 6 -6.20 19.33 4.28
N ARG A 7 -5.10 19.75 4.91
CA ARG A 7 -4.03 20.58 4.29
C ARG A 7 -2.59 20.06 4.53
N GLU A 8 -2.47 18.85 5.07
CA GLU A 8 -1.20 18.15 5.35
C GLU A 8 -1.34 16.63 5.11
N SER A 9 -2.19 16.26 4.14
CA SER A 9 -2.55 14.87 3.82
C SER A 9 -1.36 14.06 3.30
N VAL A 10 -1.23 12.82 3.78
CA VAL A 10 -0.18 11.87 3.35
C VAL A 10 -0.79 10.78 2.48
N SER A 11 -0.37 10.71 1.21
CA SER A 11 -0.66 9.60 0.30
C SER A 11 0.24 8.39 0.60
N ARG A 12 -0.38 7.20 0.71
CA ARG A 12 0.32 5.92 0.94
C ARG A 12 -0.42 4.74 0.31
N ILE A 13 0.32 3.71 -0.08
CA ILE A 13 -0.24 2.43 -0.56
C ILE A 13 -0.89 1.66 0.60
N TYR A 14 -1.90 0.85 0.29
CA TYR A 14 -2.35 -0.25 1.15
C TYR A 14 -2.39 -1.58 0.35
N VAL A 15 -1.71 -2.60 0.88
CA VAL A 15 -1.81 -4.00 0.45
C VAL A 15 -1.92 -4.90 1.69
N GLY A 16 -2.80 -5.89 1.68
CA GLY A 16 -3.21 -6.61 2.88
C GLY A 16 -3.71 -8.05 2.67
N ASN A 17 -3.77 -8.79 3.78
CA ASN A 17 -4.15 -10.21 3.84
C ASN A 17 -3.30 -11.11 2.91
N LEU A 18 -2.02 -10.77 2.74
CA LEU A 18 -1.09 -11.39 1.80
C LEU A 18 -0.67 -12.81 2.23
N PRO A 19 -0.40 -13.74 1.28
CA PRO A 19 0.27 -15.01 1.60
C PRO A 19 1.70 -14.76 2.08
N SER A 20 2.12 -15.44 3.15
CA SER A 20 3.42 -15.32 3.87
C SER A 20 3.73 -13.96 4.52
N HIS A 21 3.25 -12.85 3.94
CA HIS A 21 3.51 -11.44 4.27
C HIS A 21 4.96 -10.97 4.04
N VAL A 22 5.12 -9.69 3.69
CA VAL A 22 6.40 -9.05 3.34
C VAL A 22 7.04 -8.34 4.56
N SER A 23 8.34 -8.59 4.77
CA SER A 23 9.17 -7.86 5.74
C SER A 23 9.42 -6.40 5.29
N SER A 24 9.96 -5.55 6.18
CA SER A 24 10.36 -4.17 5.83
C SER A 24 11.39 -4.14 4.68
N ARG A 25 12.32 -5.11 4.63
CA ARG A 25 13.27 -5.30 3.52
C ARG A 25 12.57 -5.70 2.22
N ASP A 26 11.63 -6.65 2.28
CA ASP A 26 10.86 -7.06 1.09
C ASP A 26 9.93 -5.96 0.57
N VAL A 27 9.32 -5.16 1.46
CA VAL A 27 8.54 -3.97 1.10
C VAL A 27 9.42 -2.97 0.34
N GLU A 28 10.59 -2.58 0.88
CA GLU A 28 11.50 -1.67 0.19
C GLU A 28 11.95 -2.22 -1.17
N ASN A 29 12.37 -3.49 -1.22
CA ASN A 29 12.89 -4.11 -2.44
C ASN A 29 11.82 -4.25 -3.55
N GLU A 30 10.57 -4.59 -3.19
CA GLU A 30 9.46 -4.70 -4.15
C GLU A 30 8.96 -3.32 -4.62
N PHE A 31 8.67 -2.41 -3.67
CA PHE A 31 8.08 -1.10 -3.99
C PHE A 31 9.05 -0.10 -4.62
N ARG A 32 10.36 -0.35 -4.60
CA ARG A 32 11.36 0.45 -5.33
C ARG A 32 11.09 0.59 -6.85
N LYS A 33 10.41 -0.39 -7.49
CA LYS A 33 10.01 -0.27 -8.91
C LYS A 33 8.75 0.58 -9.12
N TYR A 34 7.91 0.72 -8.09
CA TYR A 34 6.69 1.55 -8.11
C TYR A 34 7.03 3.05 -7.94
N GLY A 35 8.03 3.36 -7.11
CA GLY A 35 8.50 4.73 -6.87
C GLY A 35 9.67 4.82 -5.88
N ASN A 36 10.15 6.04 -5.64
CA ASN A 36 11.18 6.32 -4.62
C ASN A 36 10.56 6.32 -3.22
N ILE A 37 10.58 5.17 -2.53
CA ILE A 37 10.07 5.01 -1.17
C ILE A 37 10.80 5.94 -0.19
N LEU A 38 10.03 6.76 0.53
CA LEU A 38 10.56 7.67 1.57
C LEU A 38 10.37 7.11 2.99
N LYS A 39 9.28 6.37 3.22
CA LYS A 39 8.96 5.66 4.47
C LYS A 39 8.03 4.48 4.19
N CYS A 40 8.18 3.37 4.91
CA CYS A 40 7.28 2.21 4.83
C CYS A 40 7.20 1.42 6.15
N ASP A 41 6.08 0.74 6.39
CA ASP A 41 5.82 -0.03 7.61
C ASP A 41 4.75 -1.11 7.41
N VAL A 42 4.57 -1.98 8.42
CA VAL A 42 3.60 -3.09 8.44
C VAL A 42 2.76 -3.08 9.72
N LYS A 43 1.47 -3.39 9.61
CA LYS A 43 0.45 -3.42 10.68
C LYS A 43 -0.40 -4.70 10.58
N LYS A 44 -1.22 -4.98 11.60
CA LYS A 44 -2.10 -6.16 11.66
C LYS A 44 -3.38 -5.94 12.47
N THR A 45 -4.45 -6.66 12.13
CA THR A 45 -5.71 -6.73 12.89
C THR A 45 -5.75 -7.93 13.85
N VAL A 46 -6.55 -7.83 14.91
CA VAL A 46 -6.90 -8.95 15.81
C VAL A 46 -7.62 -10.11 15.09
N SER A 47 -8.19 -9.86 13.90
CA SER A 47 -8.73 -10.89 13.00
C SER A 47 -7.64 -11.79 12.36
N GLY A 48 -6.36 -11.38 12.44
CA GLY A 48 -5.18 -12.17 12.06
C GLY A 48 -4.53 -11.77 10.72
N ALA A 49 -5.19 -10.95 9.90
CA ALA A 49 -4.60 -10.41 8.67
C ALA A 49 -3.54 -9.32 8.97
N ALA A 50 -2.50 -9.27 8.13
CA ALA A 50 -1.45 -8.24 8.14
C ALA A 50 -1.43 -7.43 6.85
N PHE A 51 -0.89 -6.20 6.89
CA PHE A 51 -0.92 -5.24 5.79
C PHE A 51 0.28 -4.28 5.79
N ALA A 52 0.81 -3.98 4.62
CA ALA A 52 1.94 -3.07 4.40
C ALA A 52 1.49 -1.71 3.82
N PHE A 53 2.22 -0.66 4.20
CA PHE A 53 1.96 0.74 3.83
C PHE A 53 3.26 1.44 3.41
N ILE A 54 3.20 2.24 2.33
CA ILE A 54 4.38 2.80 1.64
C ILE A 54 4.12 4.24 1.20
N GLU A 55 5.00 5.17 1.57
CA GLU A 55 4.96 6.61 1.23
C GLU A 55 5.83 6.92 0.00
N PHE A 56 5.28 7.65 -0.97
CA PHE A 56 5.98 8.12 -2.18
C PHE A 56 5.84 9.63 -2.43
N GLU A 57 6.83 10.21 -3.11
CA GLU A 57 6.87 11.62 -3.51
C GLU A 57 5.89 12.00 -4.64
N ASP A 58 5.45 11.04 -5.47
CA ASP A 58 4.55 11.25 -6.61
C ASP A 58 3.46 10.16 -6.70
N ALA A 59 2.20 10.55 -6.49
CA ALA A 59 1.04 9.67 -6.54
C ALA A 59 0.81 9.08 -7.95
N ARG A 60 0.78 9.95 -8.98
CA ARG A 60 0.50 9.55 -10.38
C ARG A 60 1.57 8.66 -11.02
N ASP A 61 2.80 8.64 -10.48
CA ASP A 61 3.86 7.72 -10.89
C ASP A 61 3.59 6.30 -10.37
N ALA A 62 3.33 6.18 -9.06
CA ALA A 62 3.05 4.91 -8.39
C ALA A 62 1.69 4.29 -8.78
N ALA A 63 0.70 5.10 -9.16
CA ALA A 63 -0.64 4.64 -9.50
C ALA A 63 -0.66 3.61 -10.64
N ASP A 64 0.19 3.77 -11.65
CA ASP A 64 0.28 2.83 -12.78
C ASP A 64 0.89 1.46 -12.37
N ALA A 65 1.78 1.45 -11.38
CA ALA A 65 2.40 0.24 -10.82
C ALA A 65 1.51 -0.45 -9.76
N ILE A 66 0.67 0.30 -9.04
CA ILE A 66 -0.26 -0.25 -8.04
C ILE A 66 -1.54 -0.82 -8.70
N LYS A 67 -2.07 -0.19 -9.77
CA LYS A 67 -3.32 -0.63 -10.41
C LYS A 67 -3.24 -2.00 -11.10
N GLU A 68 -2.05 -2.45 -11.53
CA GLU A 68 -1.85 -3.81 -12.07
C GLU A 68 -2.01 -4.92 -11.00
N LYS A 69 -2.08 -4.54 -9.70
CA LYS A 69 -2.33 -5.44 -8.56
C LYS A 69 -3.79 -5.41 -8.07
N ASP A 70 -4.69 -4.71 -8.78
CA ASP A 70 -6.10 -4.55 -8.39
C ASP A 70 -6.94 -5.85 -8.49
N GLY A 71 -8.21 -5.77 -8.05
CA GLY A 71 -9.14 -6.90 -7.99
C GLY A 71 -8.86 -7.81 -6.77
N CYS A 72 -9.42 -7.45 -5.62
CA CYS A 72 -9.19 -8.17 -4.36
C CYS A 72 -9.76 -9.60 -4.38
N ASP A 73 -8.95 -10.56 -3.93
CA ASP A 73 -9.29 -11.97 -3.80
C ASP A 73 -9.72 -12.34 -2.37
N PHE A 74 -10.78 -13.15 -2.28
CA PHE A 74 -11.38 -13.67 -1.05
C PHE A 74 -12.03 -15.05 -1.32
N GLU A 75 -12.45 -15.75 -0.25
CA GLU A 75 -13.07 -17.09 -0.29
C GLU A 75 -12.18 -18.15 -1.00
N GLY A 76 -11.14 -18.60 -0.28
CA GLY A 76 -10.12 -19.55 -0.76
C GLY A 76 -8.81 -18.85 -1.11
N ASN A 77 -8.80 -18.05 -2.18
CA ASN A 77 -7.71 -17.11 -2.48
C ASN A 77 -7.76 -15.90 -1.52
N LYS A 78 -6.60 -15.25 -1.30
CA LYS A 78 -6.46 -14.13 -0.33
C LYS A 78 -5.34 -13.15 -0.71
N LEU A 79 -5.72 -12.05 -1.34
CA LEU A 79 -4.89 -10.87 -1.65
C LEU A 79 -5.81 -9.64 -1.75
N ARG A 80 -5.70 -8.67 -0.83
CA ARG A 80 -6.49 -7.43 -0.87
C ARG A 80 -5.59 -6.21 -1.16
N VAL A 81 -6.04 -5.35 -2.06
CA VAL A 81 -5.30 -4.18 -2.57
C VAL A 81 -6.28 -3.03 -2.82
N GLU A 82 -5.96 -1.84 -2.33
CA GLU A 82 -6.68 -0.60 -2.61
C GLU A 82 -5.75 0.61 -2.45
N VAL A 83 -5.88 1.61 -3.32
CA VAL A 83 -5.07 2.84 -3.29
C VAL A 83 -5.94 4.06 -2.95
N PRO A 84 -5.67 4.80 -1.85
CA PRO A 84 -6.44 5.99 -1.50
C PRO A 84 -6.11 7.20 -2.40
N PHE A 85 -4.92 7.24 -3.00
CA PHE A 85 -4.50 8.24 -3.99
C PHE A 85 -4.92 7.88 -5.44
N ASN A 86 -6.01 7.13 -5.62
CA ASN A 86 -6.56 6.73 -6.94
C ASN A 86 -6.81 7.92 -7.89
N ALA A 87 -6.97 9.13 -7.37
CA ALA A 87 -6.70 10.40 -8.05
C ALA A 87 -5.87 11.32 -7.15
N ARG A 88 -5.09 12.23 -7.75
CA ARG A 88 -4.21 13.18 -7.03
C ARG A 88 -4.99 14.20 -6.18
N GLU A 89 -6.18 14.59 -6.65
CA GLU A 89 -7.06 15.61 -6.06
C GLU A 89 -8.55 15.30 -6.28
N GLY A 1 -9.86 5.74 11.31
CA GLY A 1 -9.33 6.61 10.24
C GLY A 1 -10.21 7.82 10.03
N SER A 2 -9.63 9.03 10.09
CA SER A 2 -10.32 10.33 9.87
C SER A 2 -9.32 11.42 9.45
N HIS A 3 -9.82 12.52 8.86
CA HIS A 3 -9.02 13.53 8.14
C HIS A 3 -9.38 14.98 8.53
N MET A 4 -9.39 15.26 9.84
CA MET A 4 -9.70 16.59 10.39
C MET A 4 -8.60 17.19 11.30
N VAL A 5 -7.62 16.40 11.76
CA VAL A 5 -6.52 16.89 12.63
C VAL A 5 -5.37 17.53 11.87
N ILE A 6 -5.11 17.10 10.62
CA ILE A 6 -4.09 17.67 9.69
C ILE A 6 -2.67 17.65 10.29
N ARG A 7 -2.27 16.52 10.89
CA ARG A 7 -0.90 16.19 11.34
C ARG A 7 -0.61 14.70 11.06
N GLU A 8 -0.24 14.40 9.81
CA GLU A 8 0.00 13.03 9.32
C GLU A 8 0.91 12.98 8.07
N SER A 9 1.41 11.79 7.75
CA SER A 9 2.08 11.43 6.50
C SER A 9 1.20 11.66 5.25
N VAL A 10 1.80 11.71 4.05
CA VAL A 10 1.14 12.20 2.82
C VAL A 10 0.69 11.07 1.87
N SER A 11 1.43 10.79 0.79
CA SER A 11 1.02 9.84 -0.27
C SER A 11 1.34 8.40 0.15
N ARG A 12 0.31 7.64 0.52
CA ARG A 12 0.41 6.32 1.20
C ARG A 12 -0.30 5.19 0.45
N ILE A 13 0.37 4.04 0.34
CA ILE A 13 -0.21 2.77 -0.12
C ILE A 13 -0.96 2.08 1.04
N TYR A 14 -2.03 1.33 0.73
CA TYR A 14 -2.57 0.28 1.59
C TYR A 14 -2.61 -1.08 0.85
N VAL A 15 -2.15 -2.12 1.53
CA VAL A 15 -2.27 -3.54 1.14
C VAL A 15 -2.84 -4.29 2.34
N GLY A 16 -3.77 -5.23 2.14
CA GLY A 16 -4.50 -5.88 3.23
C GLY A 16 -4.88 -7.35 2.99
N ASN A 17 -5.13 -8.06 4.08
CA ASN A 17 -5.36 -9.51 4.12
C ASN A 17 -4.21 -10.33 3.50
N LEU A 18 -3.02 -9.73 3.39
CA LEU A 18 -1.88 -10.24 2.63
C LEU A 18 -1.27 -11.54 3.24
N PRO A 19 -0.71 -12.45 2.43
CA PRO A 19 -0.14 -13.71 2.91
C PRO A 19 1.12 -13.48 3.75
N SER A 20 1.18 -14.15 4.91
CA SER A 20 2.25 -13.98 5.93
C SER A 20 2.39 -12.52 6.40
N HIS A 21 3.53 -12.14 6.98
CA HIS A 21 3.85 -10.79 7.46
C HIS A 21 5.17 -10.30 6.86
N VAL A 22 5.10 -9.68 5.68
CA VAL A 22 6.26 -9.31 4.85
C VAL A 22 7.18 -8.28 5.51
N SER A 23 8.49 -8.39 5.29
CA SER A 23 9.52 -7.50 5.84
C SER A 23 9.69 -6.21 5.01
N SER A 24 9.88 -5.07 5.69
CA SER A 24 9.93 -3.73 5.09
C SER A 24 10.87 -3.62 3.89
N ARG A 25 12.14 -4.03 4.05
CA ARG A 25 13.19 -3.97 3.01
C ARG A 25 12.94 -4.88 1.80
N ASP A 26 12.08 -5.89 1.93
CA ASP A 26 11.72 -6.79 0.82
C ASP A 26 10.72 -6.10 -0.13
N VAL A 27 9.68 -5.47 0.44
CA VAL A 27 8.67 -4.73 -0.35
C VAL A 27 9.21 -3.39 -0.86
N GLU A 28 10.16 -2.77 -0.15
CA GLU A 28 10.91 -1.60 -0.63
C GLU A 28 11.60 -1.88 -1.98
N ASN A 29 12.21 -3.05 -2.14
CA ASN A 29 12.85 -3.46 -3.38
C ASN A 29 11.87 -3.83 -4.52
N GLU A 30 10.58 -4.04 -4.23
CA GLU A 30 9.52 -4.08 -5.25
C GLU A 30 9.06 -2.66 -5.65
N PHE A 31 8.83 -1.78 -4.67
CA PHE A 31 8.26 -0.44 -4.90
C PHE A 31 9.25 0.61 -5.43
N ARG A 32 10.56 0.50 -5.14
CA ARG A 32 11.57 1.52 -5.50
C ARG A 32 11.64 1.89 -7.00
N LYS A 33 11.22 1.00 -7.90
CA LYS A 33 11.16 1.25 -9.35
C LYS A 33 10.00 2.17 -9.80
N TYR A 34 9.05 2.48 -8.94
CA TYR A 34 7.94 3.42 -9.19
C TYR A 34 8.14 4.81 -8.53
N GLY A 35 9.30 5.05 -7.93
CA GLY A 35 9.66 6.28 -7.21
C GLY A 35 10.36 6.01 -5.87
N ASN A 36 10.91 7.06 -5.24
CA ASN A 36 11.48 6.93 -3.89
C ASN A 36 10.39 6.63 -2.86
N ILE A 37 10.64 5.62 -2.03
CA ILE A 37 9.88 5.31 -0.81
C ILE A 37 10.49 6.08 0.38
N LEU A 38 9.64 6.67 1.22
CA LEU A 38 10.07 7.46 2.39
C LEU A 38 9.98 6.67 3.71
N LYS A 39 8.99 5.77 3.83
CA LYS A 39 8.66 4.99 5.04
C LYS A 39 7.88 3.73 4.63
N CYS A 40 8.18 2.57 5.22
CA CYS A 40 7.53 1.30 4.90
C CYS A 40 7.44 0.41 6.16
N ASP A 41 6.23 0.06 6.59
CA ASP A 41 5.97 -0.79 7.77
C ASP A 41 4.66 -1.58 7.63
N VAL A 42 4.54 -2.68 8.38
CA VAL A 42 3.44 -3.65 8.26
C VAL A 42 2.82 -3.94 9.63
N LYS A 43 1.49 -3.81 9.71
CA LYS A 43 0.66 -3.91 10.93
C LYS A 43 -0.26 -5.14 10.87
N LYS A 44 -0.99 -5.45 11.94
CA LYS A 44 -2.01 -6.52 11.97
C LYS A 44 -3.19 -6.22 12.92
N THR A 45 -4.36 -6.77 12.62
CA THR A 45 -5.54 -6.77 13.51
C THR A 45 -5.58 -8.03 14.40
N VAL A 46 -6.30 -7.97 15.53
CA VAL A 46 -6.62 -9.12 16.38
C VAL A 46 -7.45 -10.19 15.67
N SER A 47 -8.12 -9.84 14.55
CA SER A 47 -8.80 -10.78 13.64
C SER A 47 -7.82 -11.65 12.81
N GLY A 48 -6.52 -11.31 12.82
CA GLY A 48 -5.42 -12.10 12.23
C GLY A 48 -4.93 -11.62 10.86
N ALA A 49 -5.64 -10.71 10.19
CA ALA A 49 -5.20 -10.11 8.93
C ALA A 49 -4.01 -9.12 9.11
N ALA A 50 -3.03 -9.18 8.21
CA ALA A 50 -1.91 -8.24 8.13
C ALA A 50 -2.16 -7.15 7.07
N PHE A 51 -1.56 -5.96 7.28
CA PHE A 51 -1.70 -4.79 6.41
C PHE A 51 -0.37 -4.05 6.22
N ALA A 52 0.06 -3.84 4.98
CA ALA A 52 1.29 -3.08 4.66
C ALA A 52 0.95 -1.63 4.28
N PHE A 53 1.74 -0.68 4.81
CA PHE A 53 1.59 0.76 4.56
C PHE A 53 2.96 1.39 4.21
N ILE A 54 2.98 2.15 3.11
CA ILE A 54 4.21 2.62 2.45
C ILE A 54 4.01 4.06 1.93
N GLU A 55 4.90 5.00 2.27
CA GLU A 55 4.93 6.34 1.69
C GLU A 55 5.74 6.40 0.38
N PHE A 56 5.18 7.03 -0.66
CA PHE A 56 5.83 7.34 -1.95
C PHE A 56 6.05 8.84 -2.17
N GLU A 57 7.05 9.21 -2.97
CA GLU A 57 7.30 10.59 -3.38
C GLU A 57 6.34 11.13 -4.47
N ASP A 58 5.69 10.25 -5.25
CA ASP A 58 4.87 10.63 -6.41
C ASP A 58 3.68 9.69 -6.67
N ALA A 59 2.48 10.26 -6.86
CA ALA A 59 1.23 9.51 -6.95
C ALA A 59 1.03 8.81 -8.31
N ARG A 60 1.09 9.54 -9.43
CA ARG A 60 0.79 9.00 -10.77
C ARG A 60 1.80 7.97 -11.29
N ASP A 61 3.04 8.01 -10.80
CA ASP A 61 4.06 6.98 -11.09
C ASP A 61 3.77 5.69 -10.30
N ALA A 62 3.48 5.81 -9.01
CA ALA A 62 3.07 4.70 -8.15
C ALA A 62 1.71 4.07 -8.51
N ALA A 63 0.82 4.81 -9.18
CA ALA A 63 -0.47 4.31 -9.65
C ALA A 63 -0.35 3.10 -10.61
N ASP A 64 0.76 2.99 -11.35
CA ASP A 64 1.04 1.83 -12.21
C ASP A 64 1.39 0.54 -11.43
N ALA A 65 1.78 0.64 -10.15
CA ALA A 65 1.96 -0.53 -9.29
C ALA A 65 0.62 -1.15 -8.87
N ILE A 66 -0.27 -0.36 -8.26
CA ILE A 66 -1.55 -0.85 -7.73
C ILE A 66 -2.44 -1.47 -8.81
N LYS A 67 -2.51 -0.89 -10.01
CA LYS A 67 -3.30 -1.47 -11.14
C LYS A 67 -2.77 -2.81 -11.66
N GLU A 68 -1.59 -3.25 -11.21
CA GLU A 68 -1.01 -4.59 -11.45
C GLU A 68 -1.28 -5.56 -10.27
N LYS A 69 -1.54 -5.05 -9.05
CA LYS A 69 -1.84 -5.83 -7.84
C LYS A 69 -3.34 -5.95 -7.50
N ASP A 70 -4.19 -5.11 -8.09
CA ASP A 70 -5.62 -4.95 -7.75
C ASP A 70 -6.54 -6.15 -8.06
N GLY A 71 -7.83 -5.99 -7.76
CA GLY A 71 -8.86 -7.03 -7.80
C GLY A 71 -8.96 -7.75 -6.46
N CYS A 72 -9.68 -7.16 -5.51
CA CYS A 72 -9.74 -7.64 -4.12
C CYS A 72 -10.48 -8.99 -3.99
N ASP A 73 -9.79 -9.98 -3.43
CA ASP A 73 -10.28 -11.33 -3.14
C ASP A 73 -10.65 -11.50 -1.65
N PHE A 74 -11.75 -12.22 -1.42
CA PHE A 74 -12.33 -12.51 -0.09
C PHE A 74 -13.15 -13.82 -0.13
N GLU A 75 -13.55 -14.31 1.05
CA GLU A 75 -14.40 -15.52 1.26
C GLU A 75 -13.80 -16.84 0.72
N GLY A 76 -12.48 -16.90 0.49
CA GLY A 76 -11.74 -18.09 0.08
C GLY A 76 -10.28 -17.76 -0.21
N ASN A 77 -10.03 -17.16 -1.37
CA ASN A 77 -8.80 -16.39 -1.63
C ASN A 77 -8.76 -15.12 -0.77
N LYS A 78 -7.56 -14.58 -0.50
CA LYS A 78 -7.33 -13.44 0.41
C LYS A 78 -6.15 -12.58 -0.05
N LEU A 79 -6.46 -11.57 -0.87
CA LEU A 79 -5.57 -10.52 -1.36
C LEU A 79 -6.39 -9.25 -1.59
N ARG A 80 -6.16 -8.17 -0.83
CA ARG A 80 -6.82 -6.87 -1.02
C ARG A 80 -5.78 -5.76 -1.17
N VAL A 81 -6.02 -4.84 -2.10
CA VAL A 81 -5.14 -3.70 -2.41
C VAL A 81 -6.00 -2.49 -2.76
N GLU A 82 -5.72 -1.33 -2.18
CA GLU A 82 -6.41 -0.08 -2.46
C GLU A 82 -5.50 1.12 -2.13
N VAL A 83 -5.52 2.15 -2.99
CA VAL A 83 -4.64 3.31 -2.86
C VAL A 83 -5.46 4.61 -2.81
N PRO A 84 -5.42 5.39 -1.71
CA PRO A 84 -6.19 6.63 -1.59
C PRO A 84 -5.70 7.76 -2.51
N PHE A 85 -4.43 7.74 -2.94
CA PHE A 85 -3.85 8.74 -3.85
C PHE A 85 -4.11 8.49 -5.36
N ASN A 86 -4.90 7.46 -5.71
CA ASN A 86 -5.06 6.92 -7.08
C ASN A 86 -5.88 7.81 -8.06
N ALA A 87 -5.60 9.12 -8.08
CA ALA A 87 -6.15 10.08 -9.04
C ALA A 87 -5.22 11.30 -9.24
N ARG A 88 -4.92 12.03 -8.15
CA ARG A 88 -4.13 13.29 -8.11
C ARG A 88 -4.69 14.41 -9.03
N GLU A 89 -5.98 14.33 -9.38
CA GLU A 89 -6.71 15.26 -10.27
C GLU A 89 -8.18 15.45 -9.84
N GLY A 1 -11.67 5.15 -0.90
CA GLY A 1 -12.15 5.25 0.50
C GLY A 1 -12.46 6.69 0.89
N SER A 2 -12.66 6.94 2.19
CA SER A 2 -12.90 8.28 2.75
C SER A 2 -12.43 8.35 4.21
N HIS A 3 -11.33 9.08 4.46
CA HIS A 3 -10.66 9.17 5.77
C HIS A 3 -10.05 10.55 6.03
N MET A 4 -9.17 11.01 5.12
CA MET A 4 -8.35 12.23 5.23
C MET A 4 -7.81 12.64 3.85
N VAL A 5 -7.03 13.72 3.79
CA VAL A 5 -6.19 14.05 2.62
C VAL A 5 -4.86 14.70 3.05
N ILE A 6 -3.75 14.05 2.68
CA ILE A 6 -2.38 14.48 2.99
C ILE A 6 -1.91 15.64 2.09
N ARG A 7 -0.87 16.37 2.51
CA ARG A 7 -0.24 17.47 1.76
C ARG A 7 0.51 16.95 0.52
N GLU A 8 0.72 17.81 -0.47
CA GLU A 8 1.25 17.46 -1.81
C GLU A 8 0.37 16.37 -2.50
N SER A 9 0.87 15.66 -3.51
CA SER A 9 0.22 14.45 -4.04
C SER A 9 0.55 13.22 -3.20
N VAL A 10 1.79 12.71 -3.27
CA VAL A 10 2.30 11.44 -2.71
C VAL A 10 1.52 10.18 -3.12
N SER A 11 2.23 9.08 -3.38
CA SER A 11 1.58 7.79 -3.61
C SER A 11 1.21 7.08 -2.31
N ARG A 12 0.30 6.12 -2.43
CA ARG A 12 -0.42 5.42 -1.36
C ARG A 12 -0.69 3.98 -1.80
N ILE A 13 -0.27 3.00 -1.00
CA ILE A 13 -0.59 1.58 -1.16
C ILE A 13 -0.77 0.91 0.20
N TYR A 14 -1.81 0.09 0.30
CA TYR A 14 -2.05 -0.88 1.37
C TYR A 14 -2.34 -2.25 0.75
N VAL A 15 -1.74 -3.31 1.29
CA VAL A 15 -1.90 -4.71 0.84
C VAL A 15 -2.47 -5.56 1.98
N GLY A 16 -3.79 -5.65 2.03
CA GLY A 16 -4.56 -6.36 3.06
C GLY A 16 -4.54 -7.87 2.90
N ASN A 17 -4.40 -8.56 4.03
CA ASN A 17 -4.49 -10.03 4.16
C ASN A 17 -3.43 -10.79 3.32
N LEU A 18 -2.28 -10.16 3.04
CA LEU A 18 -1.25 -10.70 2.16
C LEU A 18 -0.70 -12.07 2.63
N PRO A 19 -0.38 -13.01 1.71
CA PRO A 19 0.12 -14.35 2.07
C PRO A 19 1.54 -14.27 2.66
N SER A 20 1.64 -14.56 3.97
CA SER A 20 2.81 -14.34 4.85
C SER A 20 3.20 -12.86 5.00
N HIS A 21 3.38 -12.39 6.24
CA HIS A 21 3.79 -11.00 6.51
C HIS A 21 5.25 -10.75 6.07
N VAL A 22 5.52 -9.55 5.57
CA VAL A 22 6.72 -9.22 4.78
C VAL A 22 7.73 -8.36 5.56
N SER A 23 9.03 -8.60 5.38
CA SER A 23 10.10 -7.80 6.01
C SER A 23 10.18 -6.38 5.43
N SER A 24 10.56 -5.40 6.25
CA SER A 24 10.71 -3.99 5.84
C SER A 24 11.72 -3.80 4.70
N ARG A 25 12.85 -4.52 4.75
CA ARG A 25 13.84 -4.57 3.65
C ARG A 25 13.24 -5.11 2.35
N ASP A 26 12.38 -6.13 2.41
CA ASP A 26 11.81 -6.76 1.23
C ASP A 26 10.85 -5.80 0.50
N VAL A 27 9.97 -5.09 1.22
CA VAL A 27 9.13 -4.04 0.59
C VAL A 27 9.95 -2.84 0.14
N GLU A 28 10.99 -2.43 0.89
CA GLU A 28 11.89 -1.35 0.48
C GLU A 28 12.63 -1.68 -0.84
N ASN A 29 13.04 -2.93 -1.04
CA ASN A 29 13.70 -3.38 -2.27
C ASN A 29 12.72 -3.64 -3.44
N GLU A 30 11.48 -4.08 -3.15
CA GLU A 30 10.48 -4.42 -4.17
C GLU A 30 9.65 -3.22 -4.65
N PHE A 31 9.01 -2.48 -3.74
CA PHE A 31 8.07 -1.41 -4.08
C PHE A 31 8.74 -0.15 -4.64
N ARG A 32 10.04 0.08 -4.37
CA ARG A 32 10.80 1.23 -4.88
C ARG A 32 10.86 1.35 -6.41
N LYS A 33 10.58 0.26 -7.15
CA LYS A 33 10.48 0.23 -8.61
C LYS A 33 9.35 1.15 -9.13
N TYR A 34 8.24 1.25 -8.40
CA TYR A 34 7.08 2.05 -8.78
C TYR A 34 7.23 3.55 -8.45
N GLY A 35 7.96 3.89 -7.39
CA GLY A 35 8.27 5.26 -6.97
C GLY A 35 9.23 5.34 -5.79
N ASN A 36 9.87 6.50 -5.60
CA ASN A 36 10.84 6.73 -4.52
C ASN A 36 10.15 6.71 -3.14
N ILE A 37 10.47 5.70 -2.32
CA ILE A 37 9.88 5.44 -1.00
C ILE A 37 10.40 6.40 0.08
N LEU A 38 9.48 6.98 0.87
CA LEU A 38 9.79 7.77 2.07
C LEU A 38 9.64 6.96 3.36
N LYS A 39 8.59 6.12 3.45
CA LYS A 39 8.28 5.29 4.62
C LYS A 39 7.58 3.99 4.21
N CYS A 40 7.83 2.93 4.98
CA CYS A 40 7.17 1.63 4.84
C CYS A 40 7.07 0.93 6.22
N ASP A 41 6.01 0.16 6.44
CA ASP A 41 5.85 -0.70 7.63
C ASP A 41 4.74 -1.75 7.47
N VAL A 42 4.81 -2.82 8.27
CA VAL A 42 3.72 -3.79 8.46
C VAL A 42 2.93 -3.48 9.73
N LYS A 43 1.60 -3.54 9.62
CA LYS A 43 0.61 -3.41 10.69
C LYS A 43 -0.17 -4.71 10.87
N LYS A 44 -0.82 -4.85 12.03
CA LYS A 44 -1.44 -6.09 12.53
C LYS A 44 -2.73 -5.79 13.31
N THR A 45 -3.62 -6.77 13.44
CA THR A 45 -4.89 -6.65 14.19
C THR A 45 -5.14 -7.86 15.11
N VAL A 46 -5.94 -7.66 16.16
CA VAL A 46 -6.41 -8.71 17.09
C VAL A 46 -7.24 -9.78 16.36
N SER A 47 -7.85 -9.42 15.22
CA SER A 47 -8.54 -10.36 14.31
C SER A 47 -7.59 -11.36 13.60
N GLY A 48 -6.27 -11.13 13.67
CA GLY A 48 -5.22 -12.02 13.16
C GLY A 48 -4.71 -11.71 11.75
N ALA A 49 -5.33 -10.77 11.03
CA ALA A 49 -4.89 -10.30 9.72
C ALA A 49 -3.60 -9.44 9.80
N ALA A 50 -2.90 -9.34 8.67
CA ALA A 50 -1.68 -8.54 8.48
C ALA A 50 -1.76 -7.69 7.20
N PHE A 51 -1.11 -6.53 7.20
CA PHE A 51 -1.14 -5.58 6.10
C PHE A 51 0.12 -4.70 6.06
N ALA A 52 0.75 -4.56 4.88
CA ALA A 52 1.83 -3.60 4.67
C ALA A 52 1.30 -2.26 4.12
N PHE A 53 1.95 -1.16 4.52
CA PHE A 53 1.66 0.22 4.10
C PHE A 53 2.96 0.88 3.61
N ILE A 54 2.94 1.54 2.45
CA ILE A 54 4.11 2.21 1.84
C ILE A 54 3.69 3.58 1.24
N GLU A 55 4.59 4.57 1.32
CA GLU A 55 4.42 5.93 0.77
C GLU A 55 5.55 6.28 -0.21
N PHE A 56 5.21 6.74 -1.43
CA PHE A 56 6.17 7.28 -2.41
C PHE A 56 6.01 8.79 -2.65
N GLU A 57 7.05 9.44 -3.17
CA GLU A 57 7.08 10.89 -3.40
C GLU A 57 6.07 11.39 -4.46
N ASP A 58 5.91 10.68 -5.58
CA ASP A 58 5.03 11.05 -6.70
C ASP A 58 3.88 10.04 -6.89
N ALA A 59 2.63 10.54 -6.91
CA ALA A 59 1.44 9.71 -7.09
C ALA A 59 1.31 9.16 -8.51
N ARG A 60 1.37 10.03 -9.53
CA ARG A 60 1.12 9.67 -10.94
C ARG A 60 2.17 8.75 -11.58
N ASP A 61 3.37 8.70 -11.02
CA ASP A 61 4.42 7.76 -11.43
C ASP A 61 4.07 6.32 -11.00
N ALA A 62 3.59 6.16 -9.77
CA ALA A 62 3.22 4.89 -9.16
C ALA A 62 1.75 4.47 -9.37
N ALA A 63 0.89 5.34 -9.93
CA ALA A 63 -0.50 5.01 -10.25
C ALA A 63 -0.61 3.82 -11.24
N ASP A 64 0.41 3.61 -12.08
CA ASP A 64 0.55 2.43 -12.94
C ASP A 64 0.72 1.10 -12.17
N ALA A 65 1.14 1.14 -10.89
CA ALA A 65 1.10 -0.01 -10.00
C ALA A 65 -0.34 -0.29 -9.53
N ILE A 66 -1.03 0.72 -8.98
CA ILE A 66 -2.41 0.59 -8.46
C ILE A 66 -3.35 -0.02 -9.51
N LYS A 67 -3.28 0.43 -10.77
CA LYS A 67 -4.12 -0.08 -11.88
C LYS A 67 -3.78 -1.51 -12.37
N GLU A 68 -2.84 -2.21 -11.72
CA GLU A 68 -2.67 -3.68 -11.85
C GLU A 68 -2.55 -4.44 -10.51
N LYS A 69 -2.32 -3.77 -9.37
CA LYS A 69 -2.49 -4.38 -8.03
C LYS A 69 -3.97 -4.50 -7.62
N ASP A 70 -4.85 -3.67 -8.19
CA ASP A 70 -6.29 -3.69 -7.99
C ASP A 70 -6.98 -4.97 -8.54
N GLY A 71 -8.31 -5.06 -8.37
CA GLY A 71 -9.08 -6.29 -8.57
C GLY A 71 -8.97 -7.22 -7.35
N CYS A 72 -9.30 -6.68 -6.17
CA CYS A 72 -9.26 -7.38 -4.89
C CYS A 72 -10.16 -8.63 -4.86
N ASP A 73 -9.77 -9.62 -4.05
CA ASP A 73 -10.46 -10.91 -3.96
C ASP A 73 -10.39 -11.52 -2.53
N PHE A 74 -11.42 -12.30 -2.19
CA PHE A 74 -11.70 -12.74 -0.82
C PHE A 74 -12.46 -14.08 -0.79
N GLU A 75 -12.78 -14.59 0.40
CA GLU A 75 -13.57 -15.83 0.63
C GLU A 75 -12.97 -17.13 0.04
N GLY A 76 -11.68 -17.10 -0.32
CA GLY A 76 -10.94 -18.25 -0.87
C GLY A 76 -9.51 -17.85 -1.23
N ASN A 77 -9.38 -16.87 -2.12
CA ASN A 77 -8.14 -16.09 -2.29
C ASN A 77 -8.03 -15.00 -1.19
N LYS A 78 -6.81 -14.51 -0.94
CA LYS A 78 -6.47 -13.55 0.12
C LYS A 78 -5.57 -12.42 -0.43
N LEU A 79 -6.20 -11.43 -1.07
CA LEU A 79 -5.54 -10.24 -1.63
C LEU A 79 -6.52 -9.06 -1.69
N ARG A 80 -6.42 -8.13 -0.74
CA ARG A 80 -7.13 -6.84 -0.74
C ARG A 80 -6.16 -5.69 -1.01
N VAL A 81 -6.56 -4.74 -1.86
CA VAL A 81 -5.75 -3.57 -2.23
C VAL A 81 -6.63 -2.31 -2.31
N GLU A 82 -6.16 -1.24 -1.68
CA GLU A 82 -6.83 0.07 -1.59
C GLU A 82 -5.79 1.16 -1.25
N VAL A 83 -6.08 2.43 -1.58
CA VAL A 83 -5.25 3.58 -1.20
C VAL A 83 -5.52 3.99 0.27
N PRO A 84 -4.54 3.91 1.19
CA PRO A 84 -4.77 4.15 2.62
C PRO A 84 -4.87 5.63 3.01
N PHE A 85 -3.96 6.48 2.50
CA PHE A 85 -3.88 7.90 2.89
C PHE A 85 -4.87 8.81 2.13
N ASN A 86 -5.20 8.41 0.89
CA ASN A 86 -5.99 9.14 -0.12
C ASN A 86 -5.43 10.51 -0.56
N ALA A 87 -5.37 10.75 -1.87
CA ALA A 87 -4.90 12.00 -2.48
C ALA A 87 -5.42 12.16 -3.93
N ARG A 88 -4.58 11.86 -4.94
CA ARG A 88 -4.96 11.83 -6.36
C ARG A 88 -5.87 10.63 -6.70
N GLU A 89 -6.69 10.78 -7.73
CA GLU A 89 -7.68 9.81 -8.23
C GLU A 89 -7.73 9.70 -9.77
N GLY A 1 -11.44 16.42 -12.95
CA GLY A 1 -10.06 16.94 -12.99
C GLY A 1 -9.18 16.05 -13.87
N SER A 2 -8.47 16.64 -14.84
CA SER A 2 -7.70 15.89 -15.86
C SER A 2 -6.46 15.18 -15.28
N HIS A 3 -5.56 15.93 -14.66
CA HIS A 3 -4.24 15.45 -14.17
C HIS A 3 -3.81 16.04 -12.81
N MET A 4 -4.71 16.76 -12.12
CA MET A 4 -4.50 17.55 -10.89
C MET A 4 -3.47 18.70 -11.03
N VAL A 5 -3.57 19.67 -10.10
CA VAL A 5 -2.78 20.92 -10.10
C VAL A 5 -1.97 21.14 -8.80
N ILE A 6 -2.32 20.46 -7.70
CA ILE A 6 -1.61 20.55 -6.41
C ILE A 6 -0.28 19.80 -6.47
N ARG A 7 0.83 20.47 -6.12
CA ARG A 7 2.20 19.93 -6.18
C ARG A 7 2.75 19.39 -4.85
N GLU A 8 2.04 19.57 -3.74
CA GLU A 8 2.49 19.21 -2.39
C GLU A 8 1.54 18.18 -1.74
N SER A 9 1.96 16.91 -1.70
CA SER A 9 1.26 15.77 -1.08
C SER A 9 2.23 14.58 -0.89
N VAL A 10 1.78 13.48 -0.28
CA VAL A 10 2.50 12.19 -0.19
C VAL A 10 1.61 11.05 -0.66
N SER A 11 2.14 10.18 -1.51
CA SER A 11 1.47 8.98 -2.01
C SER A 11 1.63 7.80 -1.06
N ARG A 12 0.82 6.75 -1.21
CA ARG A 12 0.85 5.54 -0.38
C ARG A 12 0.51 4.27 -1.15
N ILE A 13 0.81 3.11 -0.57
CA ILE A 13 0.16 1.83 -0.90
C ILE A 13 -0.53 1.28 0.34
N TYR A 14 -1.82 0.95 0.24
CA TYR A 14 -2.49 0.04 1.17
C TYR A 14 -2.37 -1.41 0.66
N VAL A 15 -1.90 -2.31 1.52
CA VAL A 15 -1.98 -3.76 1.27
C VAL A 15 -2.39 -4.50 2.55
N GLY A 16 -3.44 -5.30 2.44
CA GLY A 16 -4.08 -6.03 3.55
C GLY A 16 -4.25 -7.52 3.26
N ASN A 17 -4.64 -8.27 4.29
CA ASN A 17 -4.78 -9.72 4.26
C ASN A 17 -3.51 -10.43 3.72
N LEU A 18 -2.33 -9.84 3.97
CA LEU A 18 -1.06 -10.17 3.29
C LEU A 18 -0.52 -11.59 3.60
N PRO A 19 0.29 -12.20 2.71
CA PRO A 19 0.76 -13.57 2.89
C PRO A 19 1.86 -13.68 3.96
N SER A 20 1.80 -14.73 4.77
CA SER A 20 2.73 -14.99 5.89
C SER A 20 2.92 -13.74 6.78
N HIS A 21 4.12 -13.15 6.81
CA HIS A 21 4.37 -11.80 7.34
C HIS A 21 5.56 -11.17 6.59
N VAL A 22 5.31 -10.09 5.84
CA VAL A 22 6.33 -9.44 4.98
C VAL A 22 7.27 -8.53 5.78
N SER A 23 8.57 -8.58 5.48
CA SER A 23 9.57 -7.63 5.98
C SER A 23 9.52 -6.33 5.18
N SER A 24 9.54 -5.17 5.87
CA SER A 24 9.37 -3.85 5.24
C SER A 24 10.39 -3.55 4.13
N ARG A 25 11.63 -4.02 4.27
CA ARG A 25 12.72 -3.84 3.30
C ARG A 25 12.48 -4.58 1.98
N ASP A 26 11.83 -5.75 2.04
CA ASP A 26 11.58 -6.60 0.87
C ASP A 26 10.46 -6.04 -0.02
N VAL A 27 9.40 -5.49 0.58
CA VAL A 27 8.33 -4.83 -0.17
C VAL A 27 8.78 -3.46 -0.70
N GLU A 28 9.64 -2.74 0.03
CA GLU A 28 10.36 -1.56 -0.49
C GLU A 28 11.17 -1.90 -1.76
N ASN A 29 11.89 -3.02 -1.78
CA ASN A 29 12.69 -3.43 -2.94
C ASN A 29 11.84 -3.74 -4.19
N GLU A 30 10.60 -4.20 -4.01
CA GLU A 30 9.60 -4.35 -5.08
C GLU A 30 9.10 -2.97 -5.57
N PHE A 31 8.70 -2.09 -4.65
CA PHE A 31 8.07 -0.81 -4.98
C PHE A 31 9.02 0.26 -5.54
N ARG A 32 10.29 0.31 -5.09
CA ARG A 32 11.21 1.45 -5.36
C ARG A 32 11.47 1.76 -6.85
N LYS A 33 11.23 0.81 -7.76
CA LYS A 33 11.39 1.03 -9.22
C LYS A 33 10.34 1.99 -9.80
N TYR A 34 9.13 2.02 -9.23
CA TYR A 34 8.02 2.91 -9.65
C TYR A 34 8.18 4.36 -9.15
N GLY A 35 9.01 4.56 -8.12
CA GLY A 35 9.28 5.85 -7.49
C GLY A 35 9.90 5.64 -6.09
N ASN A 36 10.58 6.64 -5.56
CA ASN A 36 11.18 6.53 -4.22
C ASN A 36 10.11 6.38 -3.13
N ILE A 37 10.38 5.50 -2.18
CA ILE A 37 9.61 5.31 -0.94
C ILE A 37 10.27 6.08 0.21
N LEU A 38 9.47 6.83 0.97
CA LEU A 38 9.92 7.65 2.10
C LEU A 38 10.03 6.81 3.38
N LYS A 39 9.02 5.98 3.66
CA LYS A 39 8.99 5.02 4.77
C LYS A 39 8.05 3.84 4.52
N CYS A 40 8.23 2.76 5.28
CA CYS A 40 7.43 1.53 5.23
C CYS A 40 7.15 1.01 6.66
N ASP A 41 6.03 0.33 6.89
CA ASP A 41 5.67 -0.32 8.16
C ASP A 41 4.65 -1.46 7.94
N VAL A 42 4.53 -2.36 8.92
CA VAL A 42 3.59 -3.49 8.90
C VAL A 42 3.00 -3.78 10.30
N LYS A 43 1.69 -4.02 10.34
CA LYS A 43 0.86 -4.21 11.55
C LYS A 43 0.14 -5.56 11.50
N LYS A 44 -0.31 -6.05 12.65
CA LYS A 44 -1.09 -7.30 12.80
C LYS A 44 -2.17 -7.20 13.88
N THR A 45 -3.23 -8.00 13.77
CA THR A 45 -4.35 -8.07 14.73
C THR A 45 -4.37 -9.39 15.51
N VAL A 46 -5.11 -9.44 16.62
CA VAL A 46 -5.31 -10.66 17.42
C VAL A 46 -6.10 -11.75 16.67
N SER A 47 -6.79 -11.40 15.58
CA SER A 47 -7.42 -12.34 14.64
C SER A 47 -6.41 -13.10 13.76
N GLY A 48 -5.15 -12.61 13.70
CA GLY A 48 -4.06 -13.16 12.89
C GLY A 48 -3.93 -12.55 11.49
N ALA A 49 -4.77 -11.58 11.14
CA ALA A 49 -4.64 -10.78 9.91
C ALA A 49 -3.47 -9.77 10.03
N ALA A 50 -2.90 -9.37 8.88
CA ALA A 50 -1.79 -8.43 8.81
C ALA A 50 -1.94 -7.44 7.62
N PHE A 51 -1.39 -6.24 7.82
CA PHE A 51 -1.60 -5.06 6.97
C PHE A 51 -0.32 -4.21 6.90
N ALA A 52 0.15 -3.88 5.69
CA ALA A 52 1.32 -3.02 5.50
C ALA A 52 0.93 -1.66 4.92
N PHE A 53 1.65 -0.63 5.39
CA PHE A 53 1.44 0.78 5.06
C PHE A 53 2.78 1.35 4.57
N ILE A 54 2.82 1.84 3.33
CA ILE A 54 4.05 2.22 2.63
C ILE A 54 3.84 3.58 1.97
N GLU A 55 4.80 4.50 2.06
CA GLU A 55 4.67 5.90 1.60
C GLU A 55 5.54 6.19 0.36
N PHE A 56 4.91 6.43 -0.79
CA PHE A 56 5.54 6.80 -2.07
C PHE A 56 5.72 8.33 -2.24
N GLU A 57 6.70 8.74 -3.06
CA GLU A 57 6.91 10.14 -3.43
C GLU A 57 5.87 10.71 -4.42
N ASP A 58 5.50 9.94 -5.47
CA ASP A 58 4.68 10.42 -6.59
C ASP A 58 3.50 9.49 -6.94
N ALA A 59 2.27 9.94 -6.66
CA ALA A 59 1.05 9.18 -6.94
C ALA A 59 0.80 8.98 -8.45
N ARG A 60 1.17 9.95 -9.29
CA ARG A 60 1.01 9.90 -10.76
C ARG A 60 1.95 8.87 -11.40
N ASP A 61 3.20 8.80 -10.95
CA ASP A 61 4.20 7.86 -11.48
C ASP A 61 3.96 6.43 -10.97
N ALA A 62 3.64 6.29 -9.67
CA ALA A 62 3.31 5.01 -9.05
C ALA A 62 1.90 4.46 -9.36
N ALA A 63 1.09 5.18 -10.15
CA ALA A 63 -0.25 4.74 -10.54
C ALA A 63 -0.25 3.38 -11.26
N ASP A 64 0.82 3.06 -12.01
CA ASP A 64 1.01 1.75 -12.64
C ASP A 64 1.10 0.59 -11.64
N ALA A 65 1.77 0.78 -10.49
CA ALA A 65 1.80 -0.22 -9.43
C ALA A 65 0.40 -0.40 -8.80
N ILE A 66 -0.28 0.71 -8.48
CA ILE A 66 -1.62 0.70 -7.89
C ILE A 66 -2.64 -0.02 -8.81
N LYS A 67 -2.62 0.24 -10.12
CA LYS A 67 -3.56 -0.37 -11.07
C LYS A 67 -3.19 -1.79 -11.52
N GLU A 68 -1.90 -2.17 -11.57
CA GLU A 68 -1.53 -3.56 -11.94
C GLU A 68 -1.72 -4.56 -10.78
N LYS A 69 -1.49 -4.12 -9.53
CA LYS A 69 -1.74 -4.89 -8.31
C LYS A 69 -3.23 -4.93 -7.86
N ASP A 70 -4.14 -4.32 -8.63
CA ASP A 70 -5.56 -4.17 -8.26
C ASP A 70 -6.37 -5.49 -8.23
N GLY A 71 -7.65 -5.40 -7.84
CA GLY A 71 -8.57 -6.53 -7.75
C GLY A 71 -8.32 -7.38 -6.51
N CYS A 72 -8.77 -6.88 -5.35
CA CYS A 72 -8.65 -7.57 -4.07
C CYS A 72 -9.39 -8.93 -4.06
N ASP A 73 -8.85 -9.88 -3.28
CA ASP A 73 -9.31 -11.27 -3.22
C ASP A 73 -9.17 -11.85 -1.79
N PHE A 74 -9.98 -12.86 -1.47
CA PHE A 74 -10.16 -13.40 -0.13
C PHE A 74 -10.70 -14.85 -0.16
N GLU A 75 -10.91 -15.48 1.01
CA GLU A 75 -11.45 -16.85 1.17
C GLU A 75 -10.62 -17.97 0.50
N GLY A 76 -9.33 -17.70 0.21
CA GLY A 76 -8.39 -18.65 -0.41
C GLY A 76 -7.10 -18.01 -0.90
N ASN A 77 -7.14 -16.73 -1.30
CA ASN A 77 -5.97 -15.91 -1.68
C ASN A 77 -5.73 -14.78 -0.68
N LYS A 78 -4.46 -14.49 -0.38
CA LYS A 78 -3.99 -13.52 0.63
C LYS A 78 -3.49 -12.23 -0.03
N LEU A 79 -4.37 -11.54 -0.77
CA LEU A 79 -4.05 -10.30 -1.51
C LEU A 79 -5.24 -9.33 -1.54
N ARG A 80 -5.17 -8.26 -0.74
CA ARG A 80 -6.04 -7.07 -0.83
C ARG A 80 -5.18 -5.82 -1.06
N VAL A 81 -5.46 -5.08 -2.14
CA VAL A 81 -4.78 -3.82 -2.51
C VAL A 81 -5.82 -2.80 -2.98
N GLU A 82 -5.64 -1.52 -2.64
CA GLU A 82 -6.60 -0.45 -2.92
C GLU A 82 -5.91 0.92 -3.14
N VAL A 83 -6.68 1.98 -3.42
CA VAL A 83 -6.24 3.36 -3.67
C VAL A 83 -5.26 3.92 -2.61
N PRO A 84 -4.36 4.87 -2.96
CA PRO A 84 -3.38 5.53 -2.08
C PRO A 84 -3.97 6.41 -0.94
N PHE A 85 -4.99 5.93 -0.22
CA PHE A 85 -5.69 6.62 0.88
C PHE A 85 -6.27 8.01 0.51
N ASN A 86 -6.50 8.26 -0.79
CA ASN A 86 -6.81 9.56 -1.41
C ASN A 86 -5.69 10.61 -1.19
N ALA A 87 -4.90 10.86 -2.24
CA ALA A 87 -3.70 11.73 -2.22
C ALA A 87 -3.59 12.59 -3.49
N ARG A 88 -2.61 13.52 -3.50
CA ARG A 88 -2.34 14.49 -4.59
C ARG A 88 -3.51 15.44 -4.88
N GLU A 89 -4.30 15.75 -3.84
CA GLU A 89 -5.46 16.66 -3.84
C GLU A 89 -5.63 17.36 -2.48
#